data_8URE
#
_entry.id   8URE
#
_cell.length_a   1.00
_cell.length_b   1.00
_cell.length_c   1.00
_cell.angle_alpha   90.00
_cell.angle_beta   90.00
_cell.angle_gamma   90.00
#
_symmetry.space_group_name_H-M   'P 1'
#
loop_
_entity.id
_entity.type
_entity.pdbx_description
1 polymer sr312
2 polymer 'Effector peptide cs221B'
#
loop_
_entity_poly.entity_id
_entity_poly.type
_entity_poly.pdbx_seq_one_letter_code
_entity_poly.pdbx_strand_id
1 'polypeptide(L)'
;SGTVTFDITNIDWETAEWIMKHVYLIAKKEGTDVTFSFKEGELQITVKNLHEEAKREIEKWIRAAQLAQDPDAESKAEAR
KILNELITEKAEELREKTKDEEVRELAREAARLALESDDIEVQRVVLKALLAALKSKDEEVIRLLLLAAVLAAAAARSGS
PEEKLEIAKKALELAMKSKDEEVIRLALLAAVLAARSDDEEVLKKVKEALEKMERIMDLEDVAREKSGSAEASQAVKEIA
DIAEEALREGLCEVARVALKRLFKLAKDYPGSDVASLAKKALEKIAETALRNGCKETAELAKLLLFLLLIIEVVLKMGVR
MLTHRGGNAVIVVIEGLHPSQIVQLMQDVIKAAKKLGVTVTITVSGDIVVIMVVVGASDEEQEEARRLVQEIARALQEAK
RKGANEEQLEQLLRELLERAEREGGSG
;
A,C,E,G
2 'polypeptide(L)' EERKKELAKEVIETAKKLIEKLAKEE B,D,F,H
#
# COMPACT_ATOMS: atom_id res chain seq x y z
N THR A 3 53.21 -1.00 -11.67
CA THR A 3 52.34 -2.12 -12.14
C THR A 3 53.18 -3.34 -12.49
N VAL A 4 52.59 -4.54 -12.43
CA VAL A 4 53.26 -5.81 -12.78
C VAL A 4 52.55 -6.47 -13.95
N THR A 5 53.26 -7.10 -14.88
CA THR A 5 52.71 -7.57 -16.17
C THR A 5 53.11 -9.00 -16.51
N PHE A 6 52.20 -9.74 -17.14
CA PHE A 6 52.40 -11.07 -17.70
C PHE A 6 51.94 -11.15 -19.16
N ASP A 7 52.54 -12.04 -19.94
CA ASP A 7 52.41 -12.11 -21.39
C ASP A 7 52.60 -13.55 -21.85
N ILE A 8 51.61 -14.15 -22.52
CA ILE A 8 51.48 -15.61 -22.66
C ILE A 8 51.14 -15.99 -24.11
N THR A 9 52.17 -16.35 -24.87
CA THR A 9 52.10 -16.60 -26.32
C THR A 9 51.63 -18.02 -26.69
N ASN A 10 51.08 -18.19 -27.90
CA ASN A 10 50.64 -19.46 -28.50
C ASN A 10 49.66 -20.29 -27.64
N ILE A 11 48.93 -19.66 -26.74
CA ILE A 11 48.02 -20.31 -25.80
C ILE A 11 46.72 -20.75 -26.50
N ASP A 12 46.36 -22.04 -26.39
CA ASP A 12 45.11 -22.58 -26.91
C ASP A 12 43.92 -22.11 -26.06
N TRP A 13 42.73 -21.96 -26.65
CA TRP A 13 41.60 -21.29 -26.01
C TRP A 13 41.19 -21.95 -24.69
N GLU A 14 41.21 -23.27 -24.61
CA GLU A 14 40.84 -23.96 -23.36
C GLU A 14 41.87 -23.68 -22.25
N THR A 15 43.15 -23.60 -22.59
CA THR A 15 44.20 -23.17 -21.66
C THR A 15 43.98 -21.72 -21.25
N ALA A 16 43.60 -20.86 -22.20
CA ALA A 16 43.32 -19.47 -21.88
C ALA A 16 42.14 -19.36 -20.92
N GLU A 17 41.08 -20.11 -21.17
CA GLU A 17 39.91 -20.14 -20.31
C GLU A 17 40.23 -20.68 -18.92
N TRP A 18 41.33 -21.40 -18.74
CA TRP A 18 41.88 -21.61 -17.40
C TRP A 18 42.50 -20.33 -16.83
N ILE A 19 43.57 -19.80 -17.45
CA ILE A 19 44.56 -19.02 -16.70
C ILE A 19 43.96 -17.89 -15.89
N MET A 20 43.09 -17.10 -16.51
CA MET A 20 42.50 -15.94 -15.84
C MET A 20 41.81 -16.31 -14.53
N LYS A 21 41.15 -17.47 -14.48
CA LYS A 21 40.36 -17.89 -13.32
C LYS A 21 41.27 -17.97 -12.09
N HIS A 22 42.35 -18.71 -12.23
CA HIS A 22 43.31 -18.91 -11.15
C HIS A 22 43.96 -17.57 -10.79
N VAL A 23 44.39 -16.80 -11.79
CA VAL A 23 45.04 -15.51 -11.54
C VAL A 23 44.13 -14.57 -10.79
N TYR A 24 42.86 -14.46 -11.20
CA TYR A 24 41.87 -13.62 -10.52
C TYR A 24 41.72 -14.05 -9.06
N LEU A 25 41.63 -15.34 -8.78
CA LEU A 25 41.46 -15.81 -7.42
C LEU A 25 42.67 -15.43 -6.56
N ILE A 26 43.89 -15.53 -7.08
CA ILE A 26 45.08 -15.05 -6.38
C ILE A 26 45.03 -13.53 -6.20
N ALA A 27 44.65 -12.77 -7.22
CA ALA A 27 44.59 -11.32 -7.10
C ALA A 27 43.55 -10.87 -6.06
N LYS A 28 42.38 -11.52 -6.04
CA LYS A 28 41.35 -11.30 -5.03
C LYS A 28 41.80 -11.75 -3.64
N LYS A 29 42.68 -12.75 -3.53
CA LYS A 29 43.34 -13.13 -2.25
C LYS A 29 44.31 -12.05 -1.76
N GLU A 30 45.15 -11.54 -2.66
CA GLU A 30 46.13 -10.48 -2.38
C GLU A 30 45.52 -9.07 -2.24
N GLY A 31 44.26 -8.89 -2.61
CA GLY A 31 43.56 -7.61 -2.52
C GLY A 31 44.00 -6.58 -3.57
N THR A 32 44.24 -7.02 -4.81
CA THR A 32 44.77 -6.20 -5.90
C THR A 32 43.89 -6.22 -7.16
N ASP A 33 43.89 -5.10 -7.89
CA ASP A 33 43.16 -4.93 -9.14
C ASP A 33 43.93 -5.55 -10.31
N VAL A 34 43.21 -5.96 -11.35
CA VAL A 34 43.79 -6.66 -12.49
C VAL A 34 43.16 -6.21 -13.79
N THR A 35 43.93 -6.22 -14.86
CA THR A 35 43.49 -6.15 -16.26
C THR A 35 43.90 -7.43 -16.99
N PHE A 36 43.00 -7.98 -17.81
CA PHE A 36 43.23 -9.12 -18.70
C PHE A 36 42.81 -8.76 -20.12
N SER A 37 43.49 -9.28 -21.13
CA SER A 37 43.10 -9.11 -22.53
C SER A 37 43.39 -10.36 -23.35
N PHE A 38 42.50 -10.67 -24.30
CA PHE A 38 42.47 -11.94 -25.01
C PHE A 38 42.48 -11.77 -26.51
N LYS A 39 43.04 -12.77 -27.19
CA LYS A 39 43.16 -12.91 -28.63
C LYS A 39 43.00 -14.39 -28.98
N GLU A 40 42.83 -14.73 -30.26
CA GLU A 40 43.15 -16.08 -30.74
C GLU A 40 44.66 -16.33 -30.59
N GLY A 41 45.05 -17.18 -29.64
CA GLY A 41 46.44 -17.63 -29.46
C GLY A 41 47.31 -16.82 -28.49
N GLU A 42 46.80 -15.79 -27.79
CA GLU A 42 47.62 -14.96 -26.90
C GLU A 42 46.81 -14.38 -25.73
N LEU A 43 47.42 -14.26 -24.56
CA LEU A 43 46.81 -13.72 -23.35
C LEU A 43 47.78 -12.75 -22.66
N GLN A 44 47.30 -11.58 -22.24
CA GLN A 44 48.09 -10.57 -21.57
C GLN A 44 47.39 -10.12 -20.28
N ILE A 45 48.14 -9.93 -19.20
CA ILE A 45 47.56 -9.66 -17.87
C ILE A 45 48.41 -8.62 -17.17
N THR A 46 47.80 -7.73 -16.41
CA THR A 46 48.53 -6.75 -15.59
C THR A 46 47.84 -6.56 -14.25
N VAL A 47 48.60 -6.38 -13.18
CA VAL A 47 48.13 -6.36 -11.79
C VAL A 47 48.72 -5.16 -11.06
N LYS A 48 48.00 -4.55 -10.12
CA LYS A 48 48.59 -3.50 -9.28
C LYS A 48 49.62 -4.09 -8.31
N ASN A 49 50.88 -3.68 -8.45
CA ASN A 49 52.02 -3.91 -7.54
C ASN A 49 52.02 -5.26 -6.80
N LEU A 50 51.94 -6.34 -7.57
CA LEU A 50 51.78 -7.71 -7.07
C LEU A 50 52.94 -8.14 -6.16
N HIS A 51 52.62 -8.74 -5.01
CA HIS A 51 53.60 -9.29 -4.08
C HIS A 51 54.38 -10.45 -4.71
N GLU A 52 55.69 -10.50 -4.49
CA GLU A 52 56.57 -11.46 -5.17
C GLU A 52 56.18 -12.92 -4.93
N GLU A 53 55.67 -13.27 -3.74
CA GLU A 53 55.26 -14.65 -3.45
C GLU A 53 54.09 -15.08 -4.35
N ALA A 54 53.08 -14.22 -4.50
CA ALA A 54 52.00 -14.44 -5.43
C ALA A 54 52.47 -14.40 -6.89
N LYS A 55 53.39 -13.49 -7.23
CA LYS A 55 54.01 -13.41 -8.56
C LYS A 55 54.69 -14.73 -8.92
N ARG A 56 55.47 -15.32 -8.02
CA ARG A 56 56.08 -16.63 -8.23
C ARG A 56 55.01 -17.72 -8.38
N GLU A 57 53.96 -17.73 -7.57
CA GLU A 57 52.88 -18.72 -7.77
C GLU A 57 52.17 -18.56 -9.12
N ILE A 58 51.90 -17.33 -9.55
CA ILE A 58 51.31 -17.09 -10.87
C ILE A 58 52.26 -17.50 -11.98
N GLU A 59 53.56 -17.23 -11.84
CA GLU A 59 54.57 -17.70 -12.80
C GLU A 59 54.58 -19.22 -12.88
N LYS A 60 54.58 -19.90 -11.73
CA LYS A 60 54.51 -21.37 -11.67
C LYS A 60 53.27 -21.88 -12.40
N TRP A 61 52.09 -21.28 -12.15
CA TRP A 61 50.87 -21.69 -12.84
C TRP A 61 50.97 -21.46 -14.34
N ILE A 62 51.44 -20.29 -14.77
CA ILE A 62 51.60 -19.96 -16.20
C ILE A 62 52.51 -20.98 -16.86
N ARG A 63 53.67 -21.27 -16.26
CA ARG A 63 54.60 -22.28 -16.78
C ARG A 63 53.88 -23.62 -16.89
N ALA A 64 53.20 -24.05 -15.84
CA ALA A 64 52.47 -25.29 -15.84
C ALA A 64 51.41 -25.32 -16.95
N ALA A 65 50.70 -24.22 -17.20
CA ALA A 65 49.68 -24.18 -18.22
C ALA A 65 50.28 -24.41 -19.61
N GLN A 66 51.37 -23.72 -19.93
CA GLN A 66 52.02 -23.88 -21.23
C GLN A 66 52.52 -25.32 -21.40
N LEU A 67 53.23 -25.85 -20.41
CA LEU A 67 53.78 -27.20 -20.50
C LEU A 67 52.70 -28.29 -20.46
N ALA A 68 51.53 -28.03 -19.86
CA ALA A 68 50.38 -28.94 -19.89
C ALA A 68 49.72 -28.97 -21.27
N GLN A 69 49.73 -27.84 -21.99
CA GLN A 69 49.24 -27.76 -23.36
C GLN A 69 50.22 -28.43 -24.35
N ASP A 70 51.51 -28.24 -24.14
CA ASP A 70 52.58 -28.65 -25.06
C ASP A 70 52.45 -30.13 -25.48
N PRO A 71 52.52 -30.47 -26.79
CA PRO A 71 52.48 -31.85 -27.26
C PRO A 71 53.69 -32.69 -26.82
N ASP A 72 54.82 -32.08 -26.42
CA ASP A 72 56.00 -32.80 -25.93
C ASP A 72 55.73 -33.53 -24.58
N ALA A 73 55.95 -34.84 -24.56
CA ALA A 73 55.78 -35.68 -23.37
C ALA A 73 56.63 -35.18 -22.18
N GLU A 74 57.84 -34.68 -22.39
CA GLU A 74 58.69 -34.18 -21.30
C GLU A 74 58.12 -32.89 -20.70
N SER A 75 57.53 -32.02 -21.53
CA SER A 75 56.78 -30.87 -21.03
C SER A 75 55.58 -31.32 -20.21
N LYS A 76 54.79 -32.29 -20.70
CA LYS A 76 53.65 -32.81 -19.93
C LYS A 76 54.09 -33.49 -18.62
N ALA A 77 55.24 -34.15 -18.61
CA ALA A 77 55.81 -34.67 -17.37
C ALA A 77 56.18 -33.53 -16.40
N GLU A 78 56.86 -32.49 -16.88
CA GLU A 78 57.16 -31.32 -16.05
C GLU A 78 55.88 -30.63 -15.57
N ALA A 79 54.83 -30.59 -16.38
CA ALA A 79 53.53 -30.10 -15.97
C ALA A 79 52.96 -30.96 -14.83
N ARG A 80 52.93 -32.29 -14.96
CA ARG A 80 52.50 -33.18 -13.87
C ARG A 80 53.26 -32.87 -12.59
N LYS A 81 54.58 -32.70 -12.67
CA LYS A 81 55.42 -32.29 -11.52
C LYS A 81 55.01 -30.93 -10.95
N ILE A 82 54.91 -29.88 -11.76
CA ILE A 82 54.55 -28.55 -11.23
C ILE A 82 53.11 -28.53 -10.70
N LEU A 83 52.18 -29.24 -11.35
CA LEU A 83 50.81 -29.34 -10.89
C LEU A 83 50.79 -30.01 -9.53
N ASN A 84 51.41 -31.18 -9.40
CA ASN A 84 51.50 -31.87 -8.12
C ASN A 84 52.24 -31.03 -7.07
N GLU A 85 53.26 -30.27 -7.45
CA GLU A 85 53.98 -29.35 -6.55
C GLU A 85 53.03 -28.27 -6.00
N LEU A 86 52.34 -27.53 -6.88
CA LEU A 86 51.35 -26.54 -6.47
C LEU A 86 50.23 -27.18 -5.63
N ILE A 87 49.70 -28.32 -6.07
CA ILE A 87 48.68 -29.06 -5.33
C ILE A 87 49.20 -29.41 -3.94
N THR A 88 50.43 -29.88 -3.83
CA THR A 88 51.03 -30.25 -2.55
C THR A 88 51.17 -29.03 -1.64
N GLU A 89 51.63 -27.89 -2.16
CA GLU A 89 51.66 -26.66 -1.36
C GLU A 89 50.26 -26.25 -0.91
N LYS A 90 49.25 -26.28 -1.80
CA LYS A 90 47.88 -25.94 -1.40
C LYS A 90 47.32 -26.93 -0.38
N ALA A 91 47.59 -28.22 -0.57
CA ALA A 91 47.16 -29.25 0.36
C ALA A 91 47.80 -29.02 1.73
N GLU A 92 49.09 -28.70 1.78
CA GLU A 92 49.75 -28.33 3.03
C GLU A 92 49.13 -27.06 3.64
N GLU A 93 48.82 -26.04 2.83
CA GLU A 93 48.23 -24.79 3.31
C GLU A 93 46.88 -25.00 4.01
N LEU A 94 46.14 -26.05 3.63
CA LEU A 94 44.87 -26.40 4.24
C LEU A 94 45.01 -27.02 5.65
N ARG A 95 46.17 -27.62 5.97
CA ARG A 95 46.33 -28.45 7.18
C ARG A 95 46.16 -27.64 8.46
N GLU A 96 46.89 -26.53 8.60
CA GLU A 96 46.77 -25.69 9.78
C GLU A 96 45.39 -25.04 9.90
N LYS A 97 44.80 -24.62 8.77
CA LYS A 97 43.48 -23.98 8.75
C LYS A 97 42.40 -24.93 9.25
N THR A 98 42.39 -26.17 8.76
CA THR A 98 41.39 -27.17 9.17
C THR A 98 41.56 -27.59 10.63
N LYS A 99 40.44 -27.91 11.31
CA LYS A 99 40.38 -28.16 12.77
C LYS A 99 39.75 -29.51 13.16
N ASP A 100 39.32 -30.32 12.21
CA ASP A 100 38.81 -31.69 12.43
C ASP A 100 39.81 -32.72 11.88
N GLU A 101 40.24 -33.66 12.72
CA GLU A 101 41.21 -34.69 12.33
C GLU A 101 40.74 -35.55 11.16
N GLU A 102 39.45 -35.89 11.04
CA GLU A 102 39.00 -36.68 9.89
C GLU A 102 39.12 -35.87 8.60
N VAL A 103 38.86 -34.56 8.67
CA VAL A 103 39.11 -33.67 7.53
C VAL A 103 40.59 -33.69 7.19
N ARG A 104 41.48 -33.60 8.18
CA ARG A 104 42.94 -33.66 7.95
C ARG A 104 43.37 -34.99 7.35
N GLU A 105 42.77 -36.10 7.78
CA GLU A 105 42.97 -37.40 7.13
C GLU A 105 42.53 -37.36 5.66
N LEU A 106 41.31 -36.86 5.39
CA LEU A 106 40.81 -36.75 4.02
C LEU A 106 41.71 -35.87 3.17
N ALA A 107 42.20 -34.77 3.71
CA ALA A 107 43.09 -33.88 2.98
C ALA A 107 44.37 -34.60 2.59
N ARG A 108 45.03 -35.27 3.55
CA ARG A 108 46.29 -35.98 3.28
C ARG A 108 46.07 -37.10 2.25
N GLU A 109 44.96 -37.81 2.35
CA GLU A 109 44.59 -38.82 1.35
C GLU A 109 44.40 -38.21 -0.04
N ALA A 110 43.71 -37.07 -0.14
CA ALA A 110 43.51 -36.42 -1.43
C ALA A 110 44.84 -36.07 -2.07
N ALA A 111 45.75 -35.45 -1.32
CA ALA A 111 47.08 -35.10 -1.81
C ALA A 111 47.83 -36.35 -2.31
N ARG A 112 47.81 -37.43 -1.53
CA ARG A 112 48.41 -38.71 -1.91
C ARG A 112 47.79 -39.30 -3.18
N LEU A 113 46.45 -39.29 -3.30
CA LEU A 113 45.77 -39.78 -4.50
C LEU A 113 46.13 -38.96 -5.73
N ALA A 114 46.21 -37.64 -5.59
CA ALA A 114 46.62 -36.77 -6.68
C ALA A 114 48.06 -37.07 -7.11
N LEU A 115 48.98 -37.24 -6.16
CA LEU A 115 50.38 -37.57 -6.46
C LEU A 115 50.51 -38.92 -7.19
N GLU A 116 49.64 -39.89 -6.90
CA GLU A 116 49.57 -41.15 -7.67
C GLU A 116 48.86 -41.00 -9.03
N SER A 117 48.11 -39.93 -9.27
CA SER A 117 47.26 -39.80 -10.46
C SER A 117 48.05 -39.50 -11.74
N ASP A 118 47.74 -40.21 -12.83
CA ASP A 118 48.33 -40.01 -14.16
C ASP A 118 47.75 -38.81 -14.94
N ASP A 119 46.57 -38.31 -14.56
CA ASP A 119 45.77 -37.41 -15.42
C ASP A 119 45.78 -35.95 -14.93
N ILE A 120 46.29 -35.05 -15.76
CA ILE A 120 46.33 -33.63 -15.43
C ILE A 120 44.94 -33.04 -15.19
N GLU A 121 43.88 -33.56 -15.82
CA GLU A 121 42.54 -33.02 -15.60
C GLU A 121 42.00 -33.43 -14.23
N VAL A 122 42.26 -34.67 -13.80
CA VAL A 122 41.98 -35.06 -12.42
C VAL A 122 42.74 -34.14 -11.49
N GLN A 123 44.05 -33.99 -11.72
CA GLN A 123 44.89 -33.13 -10.90
C GLN A 123 44.30 -31.73 -10.82
N ARG A 124 43.85 -31.15 -11.94
CA ARG A 124 43.27 -29.80 -11.94
C ARG A 124 41.96 -29.73 -11.17
N VAL A 125 41.06 -30.72 -11.25
CA VAL A 125 39.84 -30.65 -10.41
C VAL A 125 40.18 -30.85 -8.95
N VAL A 126 41.15 -31.70 -8.61
CA VAL A 126 41.59 -31.80 -7.22
C VAL A 126 42.10 -30.45 -6.78
N LEU A 127 42.90 -29.79 -7.61
CA LEU A 127 43.34 -28.42 -7.33
C LEU A 127 42.14 -27.49 -7.14
N LYS A 128 41.10 -27.61 -7.97
CA LYS A 128 39.89 -26.78 -7.83
C LYS A 128 39.20 -27.02 -6.49
N ALA A 129 39.10 -28.27 -6.05
CA ALA A 129 38.53 -28.59 -4.74
C ALA A 129 39.35 -27.94 -3.63
N LEU A 130 40.68 -28.12 -3.63
CA LEU A 130 41.52 -27.51 -2.62
C LEU A 130 41.37 -25.99 -2.66
N LEU A 131 41.32 -25.38 -3.85
CA LEU A 131 41.10 -23.94 -3.99
C LEU A 131 39.75 -23.50 -3.43
N ALA A 132 38.73 -24.36 -3.45
CA ALA A 132 37.48 -24.09 -2.76
C ALA A 132 37.64 -24.26 -1.24
N ALA A 133 38.25 -25.35 -0.80
CA ALA A 133 38.41 -25.65 0.62
C ALA A 133 39.14 -24.53 1.38
N LEU A 134 40.23 -24.01 0.80
CA LEU A 134 41.00 -22.92 1.42
C LEU A 134 40.14 -21.68 1.67
N LYS A 135 39.15 -21.41 0.82
CA LYS A 135 38.19 -20.31 1.01
C LYS A 135 37.02 -20.69 1.91
N SER A 136 36.71 -21.97 2.06
CA SER A 136 35.43 -22.38 2.62
C SER A 136 35.28 -22.02 4.09
N LYS A 137 34.06 -21.63 4.46
CA LYS A 137 33.69 -21.13 5.80
C LYS A 137 33.36 -22.26 6.76
N ASP A 138 32.83 -23.37 6.26
CA ASP A 138 32.33 -24.48 7.05
C ASP A 138 33.20 -25.73 6.86
N GLU A 139 33.84 -26.23 7.92
CA GLU A 139 34.62 -27.48 7.83
C GLU A 139 33.76 -28.67 7.40
N GLU A 140 32.44 -28.66 7.60
CA GLU A 140 31.58 -29.70 7.04
C GLU A 140 31.45 -29.55 5.52
N VAL A 141 31.40 -28.33 4.98
CA VAL A 141 31.51 -28.15 3.54
C VAL A 141 32.89 -28.58 3.06
N ILE A 142 33.94 -28.38 3.87
CA ILE A 142 35.28 -28.87 3.52
C ILE A 142 35.25 -30.40 3.47
N ARG A 143 34.59 -31.07 4.41
CA ARG A 143 34.35 -32.52 4.33
C ARG A 143 33.64 -32.86 3.02
N LEU A 144 32.56 -32.18 2.64
CA LEU A 144 31.89 -32.49 1.38
C LEU A 144 32.83 -32.31 0.19
N LEU A 145 33.53 -31.18 0.13
CA LEU A 145 34.48 -30.90 -0.93
C LEU A 145 35.55 -31.98 -1.01
N LEU A 146 36.24 -32.25 0.09
CA LEU A 146 37.30 -33.24 0.09
C LEU A 146 36.75 -34.65 -0.17
N LEU A 147 35.57 -35.01 0.33
CA LEU A 147 34.96 -36.30 -0.01
C LEU A 147 34.72 -36.38 -1.52
N ALA A 148 34.21 -35.32 -2.14
CA ALA A 148 34.05 -35.28 -3.59
C ALA A 148 35.42 -35.36 -4.29
N ALA A 149 36.43 -34.66 -3.77
CA ALA A 149 37.75 -34.69 -4.36
C ALA A 149 38.30 -36.12 -4.34
N VAL A 150 38.31 -36.72 -3.15
CA VAL A 150 38.77 -38.10 -2.95
C VAL A 150 37.99 -39.01 -3.88
N LEU A 151 36.65 -38.92 -3.89
CA LEU A 151 35.82 -39.80 -4.71
C LEU A 151 36.20 -39.67 -6.18
N ALA A 152 36.36 -38.44 -6.67
CA ALA A 152 36.74 -38.23 -8.05
C ALA A 152 38.07 -38.93 -8.31
N ALA A 153 39.09 -38.62 -7.51
CA ALA A 153 40.43 -39.16 -7.72
C ALA A 153 40.44 -40.68 -7.65
N ALA A 154 39.93 -41.24 -6.56
CA ALA A 154 39.97 -42.66 -6.28
C ALA A 154 39.17 -43.47 -7.32
N ALA A 155 38.06 -42.92 -7.83
CA ALA A 155 37.29 -43.56 -8.89
C ALA A 155 37.95 -43.40 -10.27
N ALA A 156 38.63 -42.29 -10.53
CA ALA A 156 39.23 -42.00 -11.83
C ALA A 156 40.53 -42.78 -12.12
N ARG A 157 41.01 -43.60 -11.17
CA ARG A 157 42.31 -44.29 -11.27
C ARG A 157 42.45 -45.12 -12.53
N SER A 158 43.67 -45.24 -13.03
CA SER A 158 43.98 -45.83 -14.35
C SER A 158 43.64 -47.32 -14.48
N GLY A 159 43.55 -48.05 -13.35
CA GLY A 159 43.09 -49.45 -13.28
C GLY A 159 41.66 -49.62 -12.75
N SER A 160 40.88 -48.55 -12.63
CA SER A 160 39.55 -48.55 -12.01
C SER A 160 38.48 -49.31 -12.83
N PRO A 161 37.79 -50.32 -12.25
CA PRO A 161 36.65 -50.97 -12.87
C PRO A 161 35.51 -50.02 -13.25
N GLU A 162 34.75 -50.36 -14.29
CA GLU A 162 33.56 -49.60 -14.65
C GLU A 162 32.51 -49.63 -13.54
N GLU A 163 32.48 -50.68 -12.70
CA GLU A 163 31.64 -50.69 -11.49
C GLU A 163 31.95 -49.49 -10.59
N LYS A 164 33.23 -49.20 -10.35
CA LYS A 164 33.62 -48.07 -9.51
C LYS A 164 33.23 -46.74 -10.17
N LEU A 165 33.47 -46.62 -11.47
CA LEU A 165 33.05 -45.42 -12.21
C LEU A 165 31.53 -45.24 -12.17
N GLU A 166 30.76 -46.30 -12.33
CA GLU A 166 29.31 -46.22 -12.24
C GLU A 166 28.88 -45.80 -10.83
N ILE A 167 29.46 -46.39 -9.80
CA ILE A 167 29.20 -46.01 -8.41
C ILE A 167 29.47 -44.53 -8.22
N ALA A 168 30.62 -44.04 -8.65
CA ALA A 168 30.95 -42.63 -8.51
C ALA A 168 29.94 -41.77 -9.25
N LYS A 169 29.59 -42.12 -10.49
CA LYS A 169 28.61 -41.36 -11.27
C LYS A 169 27.26 -41.31 -10.58
N LYS A 170 26.75 -42.45 -10.10
CA LYS A 170 25.51 -42.49 -9.35
C LYS A 170 25.61 -41.59 -8.12
N ALA A 171 26.68 -41.75 -7.34
CA ALA A 171 26.86 -41.00 -6.10
C ALA A 171 26.94 -39.49 -6.33
N LEU A 172 27.73 -39.05 -7.31
CA LEU A 172 27.88 -37.64 -7.59
C LEU A 172 26.58 -37.09 -8.15
N GLU A 173 25.86 -37.82 -9.01
CA GLU A 173 24.57 -37.35 -9.50
C GLU A 173 23.57 -37.19 -8.35
N LEU A 174 23.51 -38.17 -7.45
CA LEU A 174 22.70 -38.06 -6.24
C LEU A 174 23.13 -36.85 -5.41
N ALA A 175 24.44 -36.61 -5.28
CA ALA A 175 24.96 -35.46 -4.54
C ALA A 175 24.53 -34.15 -5.20
N MET A 176 24.53 -34.09 -6.53
CA MET A 176 24.12 -32.91 -7.27
C MET A 176 22.60 -32.68 -7.21
N LYS A 177 21.81 -33.75 -7.25
CA LYS A 177 20.34 -33.70 -7.17
C LYS A 177 19.83 -33.30 -5.78
N SER A 178 20.51 -33.78 -4.73
CA SER A 178 20.10 -33.58 -3.33
C SER A 178 20.05 -32.10 -2.92
N LYS A 179 19.24 -31.79 -1.90
CA LYS A 179 19.12 -30.44 -1.33
C LYS A 179 19.51 -30.35 0.16
N ASP A 180 19.73 -31.48 0.83
CA ASP A 180 20.17 -31.54 2.23
C ASP A 180 21.60 -32.09 2.35
N GLU A 181 22.50 -31.29 2.94
CA GLU A 181 23.93 -31.59 3.00
C GLU A 181 24.20 -32.91 3.72
N GLU A 182 23.40 -33.22 4.74
CA GLU A 182 23.53 -34.46 5.50
C GLU A 182 23.38 -35.67 4.58
N VAL A 183 22.45 -35.63 3.62
CA VAL A 183 22.28 -36.73 2.67
C VAL A 183 23.49 -36.83 1.77
N ILE A 184 23.98 -35.68 1.31
CA ILE A 184 25.16 -35.65 0.45
C ILE A 184 26.31 -36.36 1.17
N ARG A 185 26.52 -36.04 2.45
CA ARG A 185 27.57 -36.70 3.25
C ARG A 185 27.35 -38.19 3.28
N LEU A 186 26.16 -38.65 3.64
CA LEU A 186 25.91 -40.08 3.80
C LEU A 186 26.10 -40.84 2.49
N ALA A 187 25.73 -40.25 1.36
CA ALA A 187 25.99 -40.85 0.06
C ALA A 187 27.50 -40.86 -0.25
N LEU A 188 28.14 -39.71 -0.18
CA LEU A 188 29.54 -39.58 -0.58
C LEU A 188 30.43 -40.44 0.30
N LEU A 189 30.20 -40.49 1.61
CA LEU A 189 31.03 -41.28 2.50
C LEU A 189 31.01 -42.75 2.07
N ALA A 190 29.84 -43.32 1.84
CA ALA A 190 29.72 -44.70 1.36
C ALA A 190 30.44 -44.88 0.02
N ALA A 191 30.28 -43.92 -0.90
CA ALA A 191 30.98 -43.96 -2.18
C ALA A 191 32.50 -43.89 -1.99
N VAL A 192 33.00 -43.07 -1.08
CA VAL A 192 34.43 -42.97 -0.78
C VAL A 192 34.95 -44.28 -0.22
N LEU A 193 34.24 -44.90 0.71
CA LEU A 193 34.62 -46.21 1.23
C LEU A 193 34.69 -47.25 0.12
N ALA A 194 33.73 -47.24 -0.82
CA ALA A 194 33.79 -48.10 -2.01
C ALA A 194 35.00 -47.77 -2.89
N ALA A 195 35.23 -46.50 -3.20
CA ALA A 195 36.30 -46.08 -4.09
C ALA A 195 37.69 -46.37 -3.51
N ARG A 196 37.83 -46.34 -2.18
CA ARG A 196 39.06 -46.75 -1.46
C ARG A 196 39.28 -48.26 -1.56
N SER A 197 38.21 -49.03 -1.41
CA SER A 197 38.24 -50.49 -1.40
C SER A 197 38.47 -51.11 -2.79
N ASP A 198 38.71 -52.41 -2.84
CA ASP A 198 38.66 -53.28 -4.03
C ASP A 198 37.64 -54.43 -3.91
N ASP A 199 36.90 -54.55 -2.81
CA ASP A 199 35.98 -55.65 -2.57
C ASP A 199 34.65 -55.49 -3.32
N GLU A 200 34.40 -56.36 -4.31
CA GLU A 200 33.19 -56.34 -5.12
C GLU A 200 31.89 -56.48 -4.31
N GLU A 201 31.92 -57.11 -3.14
CA GLU A 201 30.75 -57.13 -2.25
C GLU A 201 30.48 -55.74 -1.66
N VAL A 202 31.52 -55.03 -1.25
CA VAL A 202 31.38 -53.64 -0.78
C VAL A 202 30.89 -52.77 -1.92
N LEU A 203 31.46 -52.92 -3.12
CA LEU A 203 30.97 -52.21 -4.31
C LEU A 203 29.49 -52.48 -4.53
N LYS A 204 29.06 -53.76 -4.55
CA LYS A 204 27.66 -54.14 -4.78
C LYS A 204 26.75 -53.51 -3.73
N LYS A 205 27.09 -53.68 -2.45
CA LYS A 205 26.31 -53.13 -1.33
C LYS A 205 26.17 -51.62 -1.47
N VAL A 206 27.27 -50.91 -1.74
CA VAL A 206 27.24 -49.46 -1.90
C VAL A 206 26.41 -49.05 -3.11
N LYS A 207 26.51 -49.76 -4.24
CA LYS A 207 25.74 -49.43 -5.45
C LYS A 207 24.24 -49.61 -5.23
N GLU A 208 23.82 -50.70 -4.60
CA GLU A 208 22.44 -50.86 -4.19
C GLU A 208 22.02 -49.76 -3.23
N ALA A 209 22.83 -49.46 -2.21
CA ALA A 209 22.49 -48.46 -1.21
C ALA A 209 22.32 -47.09 -1.84
N LEU A 210 23.24 -46.68 -2.71
CA LEU A 210 23.13 -45.42 -3.44
C LEU A 210 21.86 -45.40 -4.27
N GLU A 211 21.56 -46.47 -5.00
CA GLU A 211 20.32 -46.49 -5.78
C GLU A 211 19.08 -46.46 -4.86
N LYS A 212 19.12 -47.09 -3.70
CA LYS A 212 18.02 -47.02 -2.74
C LYS A 212 17.89 -45.58 -2.20
N MET A 213 19.00 -44.88 -1.95
CA MET A 213 18.97 -43.45 -1.68
C MET A 213 18.37 -42.66 -2.84
N GLU A 214 18.74 -42.97 -4.08
CA GLU A 214 18.14 -42.34 -5.26
C GLU A 214 16.63 -42.56 -5.30
N ARG A 215 16.15 -43.79 -5.07
CA ARG A 215 14.72 -44.07 -5.01
C ARG A 215 14.05 -43.21 -3.95
N ILE A 216 14.67 -43.09 -2.78
CA ILE A 216 14.16 -42.22 -1.71
C ILE A 216 14.13 -40.76 -2.17
N MET A 217 15.21 -40.28 -2.75
CA MET A 217 15.30 -38.89 -3.21
C MET A 217 14.23 -38.59 -4.26
N ASP A 218 14.08 -39.47 -5.26
CA ASP A 218 13.07 -39.34 -6.30
C ASP A 218 11.65 -39.38 -5.73
N LEU A 219 11.36 -40.32 -4.84
CA LEU A 219 10.03 -40.36 -4.25
C LEU A 219 9.73 -39.08 -3.49
N GLU A 220 10.70 -38.51 -2.77
CA GLU A 220 10.47 -37.25 -2.07
C GLU A 220 10.22 -36.09 -3.05
N ASP A 221 10.96 -36.02 -4.15
CA ASP A 221 10.65 -35.05 -5.20
C ASP A 221 9.22 -35.25 -5.71
N VAL A 222 8.81 -36.47 -6.02
CA VAL A 222 7.46 -36.73 -6.52
C VAL A 222 6.41 -36.33 -5.49
N ALA A 223 6.56 -36.78 -4.23
CA ALA A 223 5.61 -36.47 -3.18
C ALA A 223 5.49 -34.96 -2.96
N ARG A 224 6.63 -34.25 -2.91
CA ARG A 224 6.67 -32.81 -2.69
C ARG A 224 6.03 -32.06 -3.85
N GLU A 225 6.51 -32.25 -5.08
CA GLU A 225 6.05 -31.45 -6.22
C GLU A 225 4.58 -31.73 -6.56
N LYS A 226 4.06 -32.93 -6.28
CA LYS A 226 2.66 -33.29 -6.45
C LYS A 226 1.83 -33.18 -5.15
N SER A 227 2.26 -32.34 -4.19
CA SER A 227 1.60 -32.19 -2.88
C SER A 227 0.10 -31.88 -2.99
N GLY A 228 -0.66 -32.28 -1.96
CA GLY A 228 -2.11 -32.10 -1.89
C GLY A 228 -2.89 -33.10 -2.75
N SER A 229 -2.42 -34.35 -2.85
CA SER A 229 -2.98 -35.36 -3.74
C SER A 229 -2.96 -36.77 -3.15
N ALA A 230 -3.83 -37.64 -3.68
CA ALA A 230 -3.78 -39.07 -3.40
C ALA A 230 -2.48 -39.70 -3.89
N GLU A 231 -1.88 -39.19 -4.96
CA GLU A 231 -0.60 -39.69 -5.46
C GLU A 231 0.53 -39.38 -4.46
N ALA A 232 0.58 -38.16 -3.94
CA ALA A 232 1.51 -37.83 -2.86
C ALA A 232 1.22 -38.68 -1.61
N SER A 233 -0.05 -38.85 -1.24
CA SER A 233 -0.44 -39.69 -0.09
C SER A 233 -0.01 -41.15 -0.27
N GLN A 234 -0.12 -41.69 -1.48
CA GLN A 234 0.41 -43.01 -1.83
C GLN A 234 1.94 -43.03 -1.74
N ALA A 235 2.62 -42.01 -2.25
CA ALA A 235 4.08 -41.93 -2.20
C ALA A 235 4.63 -41.91 -0.75
N VAL A 236 3.91 -41.32 0.22
CA VAL A 236 4.31 -41.38 1.63
C VAL A 236 4.50 -42.84 2.06
N LYS A 237 3.51 -43.69 1.75
CA LYS A 237 3.56 -45.11 2.08
C LYS A 237 4.79 -45.77 1.46
N GLU A 238 5.04 -45.50 0.18
CA GLU A 238 6.17 -46.08 -0.52
C GLU A 238 7.51 -45.62 0.07
N ILE A 239 7.64 -44.35 0.47
CA ILE A 239 8.84 -43.87 1.15
C ILE A 239 9.06 -44.65 2.43
N ALA A 240 8.02 -44.72 3.26
CA ALA A 240 8.09 -45.46 4.50
C ALA A 240 8.41 -46.94 4.26
N ASP A 241 7.86 -47.56 3.22
CA ASP A 241 8.11 -48.96 2.93
C ASP A 241 9.55 -49.18 2.44
N ILE A 242 10.12 -48.26 1.68
CA ILE A 242 11.55 -48.35 1.36
C ILE A 242 12.36 -48.15 2.63
N ALA A 243 11.94 -47.27 3.56
CA ALA A 243 12.63 -47.17 4.84
C ALA A 243 12.57 -48.48 5.61
N GLU A 244 11.43 -49.16 5.61
CA GLU A 244 11.27 -50.48 6.23
C GLU A 244 12.17 -51.52 5.55
N GLU A 245 12.21 -51.56 4.22
CA GLU A 245 13.14 -52.43 3.51
C GLU A 245 14.59 -52.13 3.87
N ALA A 246 14.96 -50.86 3.97
CA ALA A 246 16.31 -50.49 4.38
C ALA A 246 16.64 -51.01 5.78
N LEU A 247 15.70 -50.94 6.72
CA LEU A 247 15.90 -51.51 8.05
C LEU A 247 15.95 -53.03 8.04
N ARG A 248 15.11 -53.70 7.24
CA ARG A 248 15.13 -55.17 7.08
C ARG A 248 16.45 -55.66 6.49
N GLU A 249 17.04 -54.89 5.58
CA GLU A 249 18.36 -55.20 5.01
C GLU A 249 19.52 -54.83 5.95
N GLY A 250 19.36 -53.79 6.78
CA GLY A 250 20.33 -53.41 7.81
C GLY A 250 21.40 -52.39 7.40
N LEU A 251 21.34 -51.81 6.19
CA LEU A 251 22.20 -50.71 5.74
C LEU A 251 21.72 -49.36 6.35
N CYS A 252 21.52 -49.33 7.67
CA CYS A 252 20.59 -48.39 8.29
C CYS A 252 20.96 -46.90 8.13
N GLU A 253 22.15 -46.56 7.66
CA GLU A 253 22.48 -45.19 7.27
C GLU A 253 21.51 -44.66 6.20
N VAL A 254 21.11 -45.49 5.22
CA VAL A 254 20.07 -45.04 4.29
C VAL A 254 18.72 -44.90 4.99
N ALA A 255 18.42 -45.72 5.99
CA ALA A 255 17.19 -45.52 6.75
C ALA A 255 17.23 -44.15 7.46
N ARG A 256 18.39 -43.72 7.96
CA ARG A 256 18.55 -42.37 8.52
C ARG A 256 18.17 -41.33 7.46
N VAL A 257 18.61 -41.53 6.22
CA VAL A 257 18.18 -40.65 5.12
C VAL A 257 16.66 -40.66 5.01
N ALA A 258 16.04 -41.83 4.92
CA ALA A 258 14.60 -41.92 4.70
C ALA A 258 13.80 -41.26 5.84
N LEU A 259 14.22 -41.47 7.09
CA LEU A 259 13.62 -40.82 8.24
C LEU A 259 13.63 -39.30 8.04
N LYS A 260 14.81 -38.75 7.74
CA LYS A 260 14.98 -37.30 7.58
C LYS A 260 14.13 -36.77 6.44
N ARG A 261 14.02 -37.52 5.33
CA ARG A 261 13.18 -37.15 4.18
C ARG A 261 11.71 -37.05 4.59
N LEU A 262 11.21 -38.02 5.36
CA LEU A 262 9.84 -37.97 5.88
C LEU A 262 9.68 -36.77 6.82
N PHE A 263 10.65 -36.53 7.69
CA PHE A 263 10.59 -35.40 8.60
C PHE A 263 10.51 -34.08 7.83
N LYS A 264 11.30 -33.90 6.76
CA LYS A 264 11.19 -32.70 5.94
C LYS A 264 9.76 -32.54 5.40
N LEU A 265 9.21 -33.58 4.79
CA LEU A 265 7.84 -33.52 4.25
C LEU A 265 6.86 -33.12 5.35
N ALA A 266 6.93 -33.77 6.51
CA ALA A 266 6.01 -33.49 7.59
C ALA A 266 6.13 -32.03 8.07
N LYS A 267 7.35 -31.56 8.29
CA LYS A 267 7.63 -30.18 8.70
C LYS A 267 7.15 -29.18 7.65
N ASP A 268 7.31 -29.48 6.37
CA ASP A 268 6.96 -28.59 5.27
C ASP A 268 5.45 -28.44 5.05
N TYR A 269 4.62 -29.38 5.50
CA TYR A 269 3.16 -29.30 5.30
C TYR A 269 2.37 -29.60 6.59
N PRO A 270 2.42 -28.71 7.61
CA PRO A 270 1.74 -28.90 8.88
C PRO A 270 0.24 -29.17 8.77
N GLY A 271 -0.28 -29.98 9.70
CA GLY A 271 -1.71 -30.30 9.82
C GLY A 271 -2.30 -31.15 8.68
N SER A 272 -1.55 -31.39 7.61
CA SER A 272 -2.04 -32.07 6.42
C SER A 272 -2.31 -33.56 6.65
N ASP A 273 -3.09 -34.17 5.75
CA ASP A 273 -3.22 -35.63 5.70
C ASP A 273 -1.86 -36.28 5.46
N VAL A 274 -1.00 -35.68 4.63
CA VAL A 274 0.37 -36.15 4.39
C VAL A 274 1.14 -36.20 5.72
N ALA A 275 1.14 -35.11 6.48
CA ALA A 275 1.81 -35.07 7.78
C ALA A 275 1.18 -36.06 8.77
N SER A 276 -0.13 -36.26 8.68
CA SER A 276 -0.85 -37.24 9.51
C SER A 276 -0.45 -38.67 9.16
N LEU A 277 -0.19 -38.97 7.88
CA LEU A 277 0.39 -40.25 7.47
C LEU A 277 1.84 -40.36 7.94
N ALA A 278 2.61 -39.29 7.80
CA ALA A 278 4.04 -39.29 8.12
C ALA A 278 4.30 -39.65 9.59
N LYS A 279 3.63 -39.02 10.55
CA LYS A 279 3.83 -39.35 11.97
C LYS A 279 3.58 -40.82 12.23
N LYS A 280 2.45 -41.37 11.75
CA LYS A 280 2.14 -42.81 11.88
C LYS A 280 3.20 -43.68 11.21
N ALA A 281 3.70 -43.28 10.04
CA ALA A 281 4.80 -43.99 9.41
C ALA A 281 6.05 -43.97 10.29
N LEU A 282 6.43 -42.81 10.81
CA LEU A 282 7.64 -42.66 11.62
C LEU A 282 7.57 -43.56 12.86
N GLU A 283 6.40 -43.71 13.47
CA GLU A 283 6.21 -44.68 14.54
C GLU A 283 6.52 -46.12 14.08
N LYS A 284 5.98 -46.58 12.95
CA LYS A 284 6.28 -47.94 12.49
C LYS A 284 7.76 -48.11 12.16
N ILE A 285 8.39 -47.05 11.64
CA ILE A 285 9.81 -47.08 11.33
C ILE A 285 10.62 -47.14 12.62
N ALA A 286 10.25 -46.39 13.66
CA ALA A 286 10.84 -46.53 14.97
C ALA A 286 10.69 -47.96 15.50
N GLU A 287 9.49 -48.53 15.44
CA GLU A 287 9.26 -49.91 15.90
C GLU A 287 10.14 -50.89 15.14
N THR A 288 10.22 -50.73 13.83
CA THR A 288 11.08 -51.56 12.98
C THR A 288 12.56 -51.40 13.37
N ALA A 289 13.00 -50.18 13.71
CA ALA A 289 14.38 -49.93 14.12
C ALA A 289 14.69 -50.53 15.50
N LEU A 290 13.71 -50.51 16.42
CA LEU A 290 13.80 -51.16 17.72
C LEU A 290 13.85 -52.69 17.59
N ARG A 291 13.02 -53.27 16.72
CA ARG A 291 13.03 -54.72 16.42
C ARG A 291 14.36 -55.19 15.82
N ASN A 292 15.06 -54.31 15.10
CA ASN A 292 16.37 -54.56 14.49
C ASN A 292 17.56 -54.01 15.30
N GLY A 293 17.33 -53.44 16.49
CA GLY A 293 18.40 -53.02 17.40
C GLY A 293 19.33 -51.91 16.87
N CYS A 294 18.91 -51.16 15.84
CA CYS A 294 19.74 -50.15 15.18
C CYS A 294 19.72 -48.82 15.96
N LYS A 295 20.47 -48.76 17.07
CA LYS A 295 20.34 -47.76 18.15
C LYS A 295 20.24 -46.31 17.68
N GLU A 296 21.26 -45.77 17.02
CA GLU A 296 21.23 -44.35 16.63
C GLU A 296 20.05 -44.05 15.70
N THR A 297 19.72 -44.98 14.80
CA THR A 297 18.57 -44.84 13.90
C THR A 297 17.27 -44.84 14.68
N ALA A 298 17.08 -45.79 15.60
CA ALA A 298 15.87 -45.84 16.43
C ALA A 298 15.73 -44.57 17.28
N GLU A 299 16.82 -44.14 17.91
CA GLU A 299 16.83 -42.91 18.67
C GLU A 299 16.50 -41.71 17.77
N LEU A 300 17.02 -41.67 16.54
CA LEU A 300 16.70 -40.63 15.56
C LEU A 300 15.21 -40.62 15.24
N ALA A 301 14.58 -41.79 15.07
CA ALA A 301 13.15 -41.86 14.82
C ALA A 301 12.35 -41.26 16.00
N LYS A 302 12.68 -41.64 17.23
CA LYS A 302 12.06 -41.04 18.42
C LYS A 302 12.25 -39.54 18.39
N LEU A 303 13.49 -39.09 18.16
CA LEU A 303 13.86 -37.69 18.17
C LEU A 303 12.99 -36.92 17.18
N LEU A 304 12.90 -37.39 15.94
CA LEU A 304 12.13 -36.70 14.93
C LEU A 304 10.65 -36.67 15.32
N LEU A 305 10.11 -37.76 15.88
CA LEU A 305 8.73 -37.78 16.33
C LEU A 305 8.48 -36.68 17.35
N PHE A 306 9.29 -36.61 18.40
CA PHE A 306 9.05 -35.60 19.44
C PHE A 306 9.20 -34.19 18.88
N LEU A 307 10.14 -33.99 17.95
CA LEU A 307 10.38 -32.69 17.35
C LEU A 307 9.17 -32.23 16.54
N LEU A 308 8.57 -33.14 15.76
CA LEU A 308 7.33 -32.82 15.07
C LEU A 308 6.24 -32.43 16.06
N LEU A 309 6.13 -33.14 17.18
CA LEU A 309 5.09 -32.86 18.14
C LEU A 309 5.25 -31.47 18.76
N ILE A 310 6.44 -31.06 19.20
CA ILE A 310 6.58 -29.69 19.72
C ILE A 310 6.37 -28.65 18.62
N ILE A 311 6.82 -28.88 17.38
CA ILE A 311 6.51 -27.97 16.28
C ILE A 311 4.98 -27.85 16.14
N GLU A 312 4.25 -28.96 16.17
CA GLU A 312 2.79 -28.95 16.10
C GLU A 312 2.16 -28.19 17.28
N VAL A 313 2.66 -28.40 18.51
CA VAL A 313 2.21 -27.61 19.66
C VAL A 313 2.48 -26.13 19.40
N VAL A 314 3.67 -25.75 18.95
CA VAL A 314 4.01 -24.35 18.67
C VAL A 314 3.06 -23.74 17.66
N LEU A 315 2.78 -24.44 16.56
CA LEU A 315 1.89 -23.94 15.52
C LEU A 315 0.45 -23.82 16.04
N LYS A 316 -0.02 -24.75 16.86
CA LYS A 316 -1.33 -24.68 17.49
C LYS A 316 -1.42 -23.55 18.52
N MET A 317 -0.32 -23.25 19.23
CA MET A 317 -0.22 -22.06 20.09
C MET A 317 0.02 -20.76 19.30
N GLY A 318 0.50 -20.86 18.06
CA GLY A 318 0.80 -19.72 17.19
C GLY A 318 2.01 -18.87 17.64
N VAL A 319 2.90 -19.41 18.47
CA VAL A 319 4.00 -18.66 19.12
C VAL A 319 5.32 -18.69 18.33
N ARG A 320 6.26 -17.83 18.70
CA ARG A 320 7.67 -17.89 18.28
C ARG A 320 8.39 -19.08 18.92
N MET A 321 9.23 -19.76 18.16
CA MET A 321 10.18 -20.76 18.66
C MET A 321 11.50 -20.74 17.89
N LEU A 322 12.54 -21.35 18.46
CA LEU A 322 13.79 -21.67 17.79
C LEU A 322 14.15 -23.15 17.96
N THR A 323 14.70 -23.79 16.92
CA THR A 323 15.04 -25.22 16.88
C THR A 323 16.47 -25.45 16.37
N HIS A 324 17.20 -26.35 17.01
CA HIS A 324 18.54 -26.83 16.65
C HIS A 324 18.66 -28.29 17.06
N ARG A 325 19.65 -29.01 16.56
CA ARG A 325 19.73 -30.47 16.67
C ARG A 325 21.15 -30.94 17.00
N GLY A 326 21.25 -32.15 17.55
CA GLY A 326 22.51 -32.81 17.90
C GLY A 326 22.42 -34.33 17.72
N GLY A 327 23.48 -35.06 18.09
CA GLY A 327 23.62 -36.47 17.74
C GLY A 327 22.69 -37.44 18.45
N ASN A 328 22.28 -37.13 19.68
CA ASN A 328 21.48 -38.00 20.54
C ASN A 328 20.44 -37.25 21.38
N ALA A 329 20.15 -36.00 21.01
CA ALA A 329 19.22 -35.13 21.71
C ALA A 329 18.60 -34.09 20.76
N VAL A 330 17.46 -33.51 21.16
CA VAL A 330 16.87 -32.34 20.49
C VAL A 330 16.58 -31.26 21.51
N ILE A 331 16.66 -29.99 21.10
CA ILE A 331 16.29 -28.85 21.91
C ILE A 331 15.32 -27.99 21.12
N VAL A 332 14.26 -27.51 21.78
CA VAL A 332 13.38 -26.49 21.24
C VAL A 332 13.19 -25.41 22.29
N VAL A 333 13.32 -24.15 21.87
CA VAL A 333 13.16 -22.97 22.73
C VAL A 333 11.92 -22.21 22.31
N ILE A 334 11.02 -21.97 23.27
CA ILE A 334 9.75 -21.27 23.07
C ILE A 334 9.86 -19.87 23.69
N GLU A 335 9.37 -18.83 23.03
CA GLU A 335 9.48 -17.44 23.50
C GLU A 335 8.14 -16.69 23.44
N GLY A 336 7.83 -15.92 24.47
CA GLY A 336 6.61 -15.10 24.54
C GLY A 336 5.33 -15.90 24.87
N LEU A 337 5.49 -17.14 25.36
CA LEU A 337 4.40 -18.08 25.65
C LEU A 337 3.47 -17.55 26.76
N HIS A 338 2.17 -17.38 26.49
CA HIS A 338 1.21 -16.85 27.46
C HIS A 338 0.99 -17.87 28.62
N PRO A 339 0.73 -17.48 29.87
CA PRO A 339 0.74 -18.42 31.00
C PRO A 339 -0.16 -19.65 30.82
N SER A 340 -1.35 -19.47 30.28
CA SER A 340 -2.25 -20.58 29.94
C SER A 340 -1.64 -21.51 28.88
N GLN A 341 -0.88 -20.96 27.93
CA GLN A 341 -0.09 -21.72 26.99
C GLN A 341 1.14 -22.37 27.64
N ILE A 342 1.73 -21.78 28.70
CA ILE A 342 2.80 -22.46 29.47
C ILE A 342 2.22 -23.73 30.07
N VAL A 343 1.08 -23.62 30.73
CA VAL A 343 0.33 -24.77 31.23
C VAL A 343 0.01 -25.75 30.10
N GLN A 344 -0.56 -25.29 29.00
CA GLN A 344 -0.99 -26.19 27.92
C GLN A 344 0.19 -26.87 27.22
N LEU A 345 1.30 -26.16 26.99
CA LEU A 345 2.50 -26.75 26.41
C LEU A 345 3.05 -27.80 27.34
N MET A 346 3.13 -27.51 28.64
CA MET A 346 3.55 -28.50 29.63
C MET A 346 2.65 -29.73 29.57
N GLN A 347 1.33 -29.51 29.56
CA GLN A 347 0.33 -30.56 29.43
C GLN A 347 0.59 -31.41 28.17
N ASP A 348 0.86 -30.78 27.04
CA ASP A 348 1.09 -31.48 25.79
C ASP A 348 2.44 -32.18 25.77
N VAL A 349 3.49 -31.61 26.37
CA VAL A 349 4.79 -32.28 26.45
C VAL A 349 4.63 -33.61 27.17
N ILE A 350 3.89 -33.63 28.27
CA ILE A 350 3.60 -34.89 28.93
C ILE A 350 2.77 -35.80 28.04
N LYS A 351 1.76 -35.26 27.35
CA LYS A 351 0.90 -36.02 26.44
C LYS A 351 1.71 -36.69 25.32
N ALA A 352 2.80 -36.06 24.88
CA ALA A 352 3.74 -36.65 23.94
C ALA A 352 4.63 -37.69 24.65
N ALA A 353 5.20 -37.30 25.79
CA ALA A 353 6.18 -38.11 26.48
C ALA A 353 5.63 -39.48 26.85
N LYS A 354 4.41 -39.53 27.41
CA LYS A 354 3.80 -40.79 27.85
C LYS A 354 3.44 -41.73 26.70
N LYS A 355 3.44 -41.22 25.46
CA LYS A 355 3.42 -42.03 24.24
C LYS A 355 4.84 -42.50 23.89
N LEU A 356 5.77 -41.58 23.68
CA LEU A 356 7.06 -41.90 23.06
C LEU A 356 8.09 -42.58 23.97
N GLY A 357 7.99 -42.39 25.30
CA GLY A 357 8.88 -43.01 26.29
C GLY A 357 10.26 -42.36 26.45
N VAL A 358 10.43 -41.13 25.95
CA VAL A 358 11.70 -40.40 26.00
C VAL A 358 12.06 -39.93 27.41
N THR A 359 13.35 -39.78 27.73
CA THR A 359 13.76 -38.87 28.81
C THR A 359 13.63 -37.44 28.32
N VAL A 360 12.98 -36.56 29.08
CA VAL A 360 12.73 -35.19 28.67
C VAL A 360 12.81 -34.25 29.85
N THR A 361 13.29 -33.04 29.61
CA THR A 361 13.47 -32.00 30.61
C THR A 361 12.92 -30.69 30.07
N ILE A 362 12.24 -29.90 30.91
CA ILE A 362 11.66 -28.62 30.53
C ILE A 362 12.01 -27.57 31.58
N THR A 363 12.44 -26.40 31.13
CA THR A 363 12.97 -25.32 31.98
C THR A 363 12.27 -24.01 31.64
N VAL A 364 11.71 -23.35 32.65
CA VAL A 364 10.92 -22.12 32.50
C VAL A 364 11.64 -20.98 33.18
N SER A 365 11.89 -19.90 32.44
CA SER A 365 12.58 -18.71 32.94
C SER A 365 12.16 -17.46 32.18
N GLY A 366 11.86 -16.37 32.88
CA GLY A 366 11.35 -15.15 32.24
C GLY A 366 10.10 -15.41 31.39
N ASP A 367 10.15 -15.04 30.12
CA ASP A 367 9.15 -15.37 29.09
C ASP A 367 9.67 -16.41 28.08
N ILE A 368 10.61 -17.27 28.50
CA ILE A 368 11.21 -18.32 27.68
C ILE A 368 11.03 -19.68 28.35
N VAL A 369 10.78 -20.69 27.53
CA VAL A 369 10.81 -22.10 27.92
C VAL A 369 11.84 -22.82 27.06
N VAL A 370 12.77 -23.54 27.67
CA VAL A 370 13.72 -24.39 26.95
C VAL A 370 13.33 -25.83 27.22
N ILE A 371 13.11 -26.62 26.17
CA ILE A 371 12.88 -28.06 26.26
C ILE A 371 14.11 -28.77 25.72
N MET A 372 14.56 -29.82 26.39
CA MET A 372 15.55 -30.76 25.86
C MET A 372 15.04 -32.19 25.99
N VAL A 373 15.29 -33.01 24.98
CA VAL A 373 14.94 -34.43 24.94
C VAL A 373 16.19 -35.24 24.61
N VAL A 374 16.35 -36.40 25.23
CA VAL A 374 17.55 -37.25 25.09
C VAL A 374 17.16 -38.71 25.28
N VAL A 375 17.88 -39.63 24.64
CA VAL A 375 17.59 -41.08 24.68
C VAL A 375 18.87 -41.89 24.53
N GLY A 376 18.89 -43.13 25.04
CA GLY A 376 20.02 -44.07 24.92
C GLY A 376 21.26 -43.74 25.78
N ALA A 377 21.43 -42.48 26.19
CA ALA A 377 22.49 -42.00 27.06
C ALA A 377 22.39 -42.59 28.49
N SER A 378 23.53 -42.68 29.18
CA SER A 378 23.60 -43.11 30.59
C SER A 378 22.97 -42.11 31.56
N ASP A 379 22.80 -42.51 32.81
CA ASP A 379 22.27 -41.62 33.87
C ASP A 379 23.15 -40.37 34.05
N GLU A 380 24.47 -40.53 34.06
CA GLU A 380 25.42 -39.44 34.24
C GLU A 380 25.42 -38.49 33.03
N GLU A 381 25.41 -39.03 31.80
CA GLU A 381 25.30 -38.21 30.58
C GLU A 381 23.97 -37.44 30.56
N GLN A 382 22.87 -38.06 31.01
CA GLN A 382 21.60 -37.38 31.16
C GLN A 382 21.66 -36.28 32.24
N GLU A 383 22.30 -36.51 33.38
CA GLU A 383 22.48 -35.46 34.40
C GLU A 383 23.36 -34.31 33.89
N GLU A 384 24.41 -34.58 33.12
CA GLU A 384 25.15 -33.52 32.44
C GLU A 384 24.27 -32.81 31.39
N ALA A 385 23.45 -33.52 30.62
CA ALA A 385 22.50 -32.87 29.73
C ALA A 385 21.52 -31.98 30.51
N ARG A 386 21.09 -32.42 31.70
CA ARG A 386 20.25 -31.62 32.59
C ARG A 386 20.98 -30.36 33.02
N ARG A 387 22.27 -30.46 33.33
CA ARG A 387 23.09 -29.28 33.60
C ARG A 387 23.10 -28.36 32.38
N LEU A 388 23.33 -28.91 31.19
CA LEU A 388 23.39 -28.13 29.96
C LEU A 388 22.09 -27.40 29.67
N VAL A 389 20.92 -28.06 29.75
CA VAL A 389 19.68 -27.37 29.42
C VAL A 389 19.42 -26.23 30.40
N GLN A 390 19.71 -26.45 31.69
CA GLN A 390 19.58 -25.41 32.69
C GLN A 390 20.51 -24.24 32.39
N GLU A 391 21.76 -24.52 32.06
CA GLU A 391 22.71 -23.50 31.62
C GLU A 391 22.23 -22.80 30.34
N ILE A 392 21.62 -23.49 29.40
CA ILE A 392 21.11 -22.90 28.16
C ILE A 392 20.00 -21.91 28.50
N ALA A 393 19.09 -22.29 29.39
CA ALA A 393 18.06 -21.38 29.85
C ALA A 393 18.67 -20.19 30.59
N ARG A 394 19.66 -20.41 31.46
CA ARG A 394 20.34 -19.33 32.16
C ARG A 394 20.96 -18.36 31.15
N ALA A 395 21.79 -18.87 30.24
CA ALA A 395 22.46 -18.05 29.26
C ALA A 395 21.46 -17.25 28.42
N LEU A 396 20.41 -17.90 27.91
CA LEU A 396 19.40 -17.23 27.10
C LEU A 396 18.69 -16.12 27.86
N GLN A 397 18.18 -16.41 29.06
CA GLN A 397 17.43 -15.41 29.80
C GLN A 397 18.35 -14.32 30.35
N GLU A 398 19.55 -14.63 30.84
CA GLU A 398 20.48 -13.61 31.31
C GLU A 398 20.96 -12.72 30.15
N ALA A 399 21.17 -13.29 28.95
CA ALA A 399 21.46 -12.49 27.76
C ALA A 399 20.27 -11.58 27.38
N LYS A 400 19.05 -12.11 27.37
CA LYS A 400 17.85 -11.30 27.12
C LYS A 400 17.67 -10.20 28.18
N ARG A 401 18.01 -10.47 29.44
CA ARG A 401 18.05 -9.48 30.55
C ARG A 401 19.12 -8.42 30.32
N LYS A 402 20.30 -8.81 29.81
CA LYS A 402 21.37 -7.90 29.34
C LYS A 402 20.97 -7.11 28.07
N GLY A 403 19.82 -7.39 27.48
CA GLY A 403 19.25 -6.66 26.34
C GLY A 403 19.50 -7.30 24.98
N ALA A 404 19.86 -8.59 24.93
CA ALA A 404 20.11 -9.29 23.67
C ALA A 404 18.90 -9.25 22.73
N ASN A 405 19.10 -8.73 21.53
CA ASN A 405 18.10 -8.66 20.47
C ASN A 405 17.75 -10.06 19.93
N GLU A 406 16.63 -10.17 19.23
CA GLU A 406 16.18 -11.45 18.64
C GLU A 406 17.26 -12.11 17.78
N GLU A 407 17.93 -11.34 16.92
CA GLU A 407 19.01 -11.85 16.05
C GLU A 407 20.25 -12.26 16.85
N GLN A 408 20.51 -11.59 17.98
CA GLN A 408 21.64 -11.93 18.87
C GLN A 408 21.35 -13.20 19.66
N LEU A 409 20.12 -13.43 20.11
CA LEU A 409 19.70 -14.70 20.70
C LEU A 409 19.72 -15.83 19.67
N GLU A 410 19.30 -15.55 18.43
CA GLU A 410 19.39 -16.51 17.34
C GLU A 410 20.84 -16.92 17.06
N GLN A 411 21.77 -15.96 17.05
CA GLN A 411 23.20 -16.27 17.03
C GLN A 411 23.62 -17.05 18.29
N LEU A 412 23.18 -16.64 19.48
CA LEU A 412 23.63 -17.24 20.74
C LEU A 412 23.34 -18.73 20.79
N LEU A 413 22.22 -19.20 20.24
CA LEU A 413 21.95 -20.64 20.18
C LEU A 413 23.03 -21.42 19.41
N ARG A 414 23.63 -20.83 18.36
CA ARG A 414 24.75 -21.44 17.66
C ARG A 414 25.96 -21.54 18.59
N GLU A 415 26.26 -20.47 19.31
CA GLU A 415 27.39 -20.42 20.25
C GLU A 415 27.19 -21.34 21.46
N LEU A 416 25.94 -21.51 21.91
CA LEU A 416 25.57 -22.46 22.94
C LEU A 416 25.62 -23.90 22.42
N LEU A 417 25.22 -24.17 21.18
CA LEU A 417 25.36 -25.48 20.57
C LEU A 417 26.83 -25.90 20.45
N GLU A 418 27.70 -24.95 20.09
CA GLU A 418 29.14 -25.14 20.14
C GLU A 418 29.64 -25.36 21.58
N ARG A 419 29.20 -24.56 22.55
CA ARG A 419 29.51 -24.81 23.97
C ARG A 419 29.12 -26.24 24.40
N ALA A 420 27.95 -26.72 23.98
CA ALA A 420 27.49 -28.06 24.29
C ALA A 420 28.40 -29.15 23.67
N GLU A 421 29.02 -28.90 22.51
CA GLU A 421 30.09 -29.77 22.02
C GLU A 421 31.38 -29.61 22.83
N ARG A 422 31.78 -28.37 23.16
CA ARG A 422 33.02 -28.08 23.90
C ARG A 422 33.04 -28.62 25.33
N GLU A 423 31.89 -28.70 25.99
CA GLU A 423 31.75 -29.34 27.31
C GLU A 423 31.64 -30.88 27.25
N GLY A 424 31.73 -31.50 26.07
CA GLY A 424 31.69 -32.96 25.88
C GLY A 424 32.90 -33.70 26.43
N GLU B 1 39.53 -48.54 -23.59
CA GLU B 1 39.81 -47.30 -22.80
C GLU B 1 38.80 -46.16 -23.04
N GLU B 2 38.30 -45.91 -24.25
CA GLU B 2 37.51 -44.70 -24.59
C GLU B 2 36.32 -44.44 -23.67
N ARG B 3 35.48 -45.46 -23.41
CA ARG B 3 34.33 -45.34 -22.49
C ARG B 3 34.75 -44.93 -21.07
N LYS B 4 35.87 -45.47 -20.57
CA LYS B 4 36.43 -45.06 -19.28
C LYS B 4 36.93 -43.62 -19.33
N LYS B 5 37.63 -43.21 -20.39
CA LYS B 5 38.07 -41.81 -20.54
C LYS B 5 36.89 -40.84 -20.55
N GLU B 6 35.80 -41.17 -21.25
CA GLU B 6 34.58 -40.37 -21.19
C GLU B 6 33.96 -40.36 -19.79
N LEU B 7 33.77 -41.51 -19.15
CA LEU B 7 33.26 -41.57 -17.78
C LEU B 7 34.13 -40.74 -16.83
N ALA B 8 35.44 -40.79 -16.97
CA ALA B 8 36.35 -39.98 -16.15
C ALA B 8 36.09 -38.47 -16.39
N LYS B 9 35.98 -38.04 -17.65
CA LYS B 9 35.61 -36.64 -17.95
C LYS B 9 34.25 -36.29 -17.36
N GLU B 10 33.28 -37.19 -17.42
CA GLU B 10 31.98 -36.97 -16.78
C GLU B 10 32.13 -36.84 -15.26
N VAL B 11 32.92 -37.70 -14.60
CA VAL B 11 33.17 -37.58 -13.17
C VAL B 11 33.80 -36.22 -12.87
N ILE B 12 34.86 -35.85 -13.59
CA ILE B 12 35.59 -34.59 -13.37
C ILE B 12 34.67 -33.40 -13.52
N GLU B 13 33.89 -33.33 -14.61
CA GLU B 13 32.93 -32.26 -14.85
C GLU B 13 31.87 -32.24 -13.74
N THR B 14 31.36 -33.40 -13.36
CA THR B 14 30.38 -33.48 -12.29
C THR B 14 30.99 -32.95 -11.01
N ALA B 15 32.26 -33.28 -10.74
CA ALA B 15 32.95 -32.81 -9.56
C ALA B 15 33.15 -31.29 -9.61
N LYS B 16 33.58 -30.73 -10.74
CA LYS B 16 33.68 -29.26 -10.91
C LYS B 16 32.35 -28.61 -10.60
N LYS B 17 31.27 -29.09 -11.23
CA LYS B 17 29.91 -28.61 -11.02
C LYS B 17 29.48 -28.74 -9.56
N LEU B 18 29.81 -29.85 -8.90
CA LEU B 18 29.50 -30.06 -7.48
C LEU B 18 30.30 -29.09 -6.61
N ILE B 19 31.57 -28.84 -6.93
CA ILE B 19 32.38 -27.86 -6.21
C ILE B 19 31.73 -26.48 -6.33
N GLU B 20 31.27 -26.11 -7.52
CA GLU B 20 30.52 -24.87 -7.68
C GLU B 20 29.23 -24.87 -6.85
N LYS B 21 28.43 -25.94 -6.89
CA LYS B 21 27.19 -26.04 -6.11
C LYS B 21 27.45 -25.92 -4.60
N LEU B 22 28.50 -26.57 -4.09
CA LEU B 22 28.88 -26.48 -2.69
C LEU B 22 29.37 -25.07 -2.34
N ALA B 23 30.09 -24.40 -3.24
CA ALA B 23 30.58 -23.06 -3.01
C ALA B 23 29.48 -21.98 -3.08
N LYS B 24 28.54 -22.06 -4.02
CA LYS B 24 27.75 -20.88 -4.42
C LYS B 24 26.73 -20.36 -3.40
N GLU B 25 26.41 -21.15 -2.37
CA GLU B 25 25.56 -20.73 -1.24
C GLU B 25 26.34 -20.01 -0.12
N GLU B 26 27.68 -20.02 -0.16
CA GLU B 26 28.58 -19.63 0.94
C GLU B 26 28.79 -18.12 1.12
N THR C 3 20.30 -22.89 44.37
CA THR C 3 19.16 -23.66 43.80
C THR C 3 18.48 -24.51 44.87
N VAL C 4 17.25 -24.96 44.63
CA VAL C 4 16.51 -25.90 45.49
C VAL C 4 15.98 -27.05 44.64
N THR C 5 16.02 -28.29 45.13
CA THR C 5 15.73 -29.50 44.33
C THR C 5 14.84 -30.49 45.09
N PHE C 6 13.96 -31.17 44.37
CA PHE C 6 13.06 -32.22 44.87
C PHE C 6 12.96 -33.40 43.88
N ASP C 7 12.48 -34.53 44.36
CA ASP C 7 12.34 -35.76 43.58
C ASP C 7 11.12 -36.56 44.07
N ILE C 8 10.47 -37.33 43.20
CA ILE C 8 9.19 -38.01 43.44
C ILE C 8 9.19 -39.39 42.77
N THR C 9 8.75 -40.43 43.46
CA THR C 9 9.00 -41.83 43.07
C THR C 9 7.73 -42.65 42.89
N ASN C 10 7.74 -43.62 41.95
CA ASN C 10 6.61 -44.49 41.60
C ASN C 10 5.32 -43.74 41.23
N ILE C 11 5.45 -42.52 40.71
CA ILE C 11 4.34 -41.63 40.42
C ILE C 11 3.64 -41.96 39.09
N ASP C 12 2.30 -41.96 39.13
CA ASP C 12 1.41 -42.07 37.97
C ASP C 12 1.48 -40.83 37.05
N TRP C 13 1.38 -41.01 35.73
CA TRP C 13 1.37 -39.89 34.77
C TRP C 13 0.31 -38.84 35.07
N GLU C 14 -0.93 -39.23 35.38
CA GLU C 14 -1.99 -38.24 35.58
C GLU C 14 -1.73 -37.41 36.85
N THR C 15 -1.24 -38.08 37.88
CA THR C 15 -0.76 -37.45 39.10
C THR C 15 0.40 -36.50 38.79
N ALA C 16 1.34 -36.89 37.94
CA ALA C 16 2.42 -36.00 37.54
C ALA C 16 1.88 -34.75 36.82
N GLU C 17 0.90 -34.91 35.93
CA GLU C 17 0.32 -33.76 35.24
C GLU C 17 -0.28 -32.77 36.22
N TRP C 18 -1.00 -33.24 37.22
CA TRP C 18 -1.54 -32.38 38.28
C TRP C 18 -0.40 -31.72 39.09
N ILE C 19 0.67 -32.45 39.42
CA ILE C 19 1.81 -31.90 40.17
C ILE C 19 2.45 -30.76 39.40
N MET C 20 2.83 -30.97 38.14
CA MET C 20 3.60 -29.94 37.44
C MET C 20 2.81 -28.63 37.36
N LYS C 21 1.53 -28.72 36.99
CA LYS C 21 0.70 -27.51 36.84
C LYS C 21 0.68 -26.73 38.14
N HIS C 22 0.31 -27.40 39.22
CA HIS C 22 0.16 -26.75 40.51
C HIS C 22 1.52 -26.19 40.98
N VAL C 23 2.63 -26.91 40.76
CA VAL C 23 3.96 -26.45 41.17
C VAL C 23 4.38 -25.24 40.35
N TYR C 24 4.19 -25.27 39.04
CA TYR C 24 4.50 -24.13 38.18
C TYR C 24 3.75 -22.89 38.64
N LEU C 25 2.46 -23.01 38.96
CA LEU C 25 1.68 -21.88 39.44
C LEU C 25 2.30 -21.29 40.70
N ILE C 26 2.73 -22.13 41.66
CA ILE C 26 3.41 -21.63 42.86
C ILE C 26 4.73 -20.95 42.48
N ALA C 27 5.51 -21.51 41.57
CA ALA C 27 6.78 -20.90 41.20
C ALA C 27 6.57 -19.53 40.52
N LYS C 28 5.61 -19.43 39.62
CA LYS C 28 5.23 -18.17 39.00
C LYS C 28 4.66 -17.18 40.01
N LYS C 29 3.91 -17.62 41.02
CA LYS C 29 3.41 -16.80 42.15
C LYS C 29 4.57 -16.20 42.96
N GLU C 30 5.60 -17.01 43.22
CA GLU C 30 6.85 -16.59 43.88
C GLU C 30 7.82 -15.83 42.94
N GLY C 31 7.52 -15.73 41.63
CA GLY C 31 8.35 -15.02 40.66
C GLY C 31 9.70 -15.67 40.38
N THR C 32 9.79 -17.01 40.44
CA THR C 32 11.04 -17.78 40.35
C THR C 32 11.07 -18.76 39.17
N ASP C 33 12.26 -19.06 38.67
CA ASP C 33 12.51 -19.95 37.53
C ASP C 33 12.58 -21.42 37.97
N VAL C 34 12.31 -22.33 37.04
CA VAL C 34 12.05 -23.74 37.35
C VAL C 34 12.63 -24.65 36.30
N THR C 35 12.96 -25.88 36.70
CA THR C 35 13.14 -27.04 35.82
C THR C 35 12.33 -28.24 36.33
N PHE C 36 11.69 -28.94 35.40
CA PHE C 36 11.03 -30.23 35.61
C PHE C 36 11.64 -31.27 34.67
N SER C 37 11.70 -32.54 35.08
CA SER C 37 12.18 -33.62 34.20
C SER C 37 11.39 -34.89 34.45
N PHE C 38 11.10 -35.65 33.40
CA PHE C 38 10.09 -36.71 33.44
C PHE C 38 10.60 -38.07 32.98
N LYS C 39 9.97 -39.10 33.54
CA LYS C 39 10.05 -40.50 33.14
C LYS C 39 8.67 -41.12 33.33
N GLU C 40 8.45 -42.32 32.81
CA GLU C 40 7.38 -43.17 33.31
C GLU C 40 7.73 -43.62 34.74
N GLY C 41 7.09 -43.02 35.75
CA GLY C 41 7.24 -43.39 37.17
C GLY C 41 8.00 -42.41 38.08
N GLU C 42 8.62 -41.34 37.59
CA GLU C 42 9.43 -40.42 38.40
C GLU C 42 9.34 -38.96 37.92
N LEU C 43 9.60 -38.00 38.81
CA LEU C 43 9.57 -36.57 38.50
C LEU C 43 10.60 -35.76 39.33
N GLN C 44 11.63 -35.23 38.67
CA GLN C 44 12.58 -34.30 39.29
C GLN C 44 12.09 -32.87 39.17
N ILE C 45 12.26 -32.05 40.20
CA ILE C 45 11.85 -30.65 40.19
C ILE C 45 12.99 -29.82 40.76
N THR C 46 13.28 -28.67 40.17
CA THR C 46 14.29 -27.74 40.68
C THR C 46 13.87 -26.31 40.44
N VAL C 47 14.18 -25.41 41.37
CA VAL C 47 13.69 -24.03 41.41
C VAL C 47 14.81 -23.10 41.86
N LYS C 48 14.82 -21.84 41.42
CA LYS C 48 15.74 -20.85 42.00
C LYS C 48 15.30 -20.44 43.42
N ASN C 49 16.09 -20.84 44.42
CA ASN C 49 16.09 -20.30 45.79
C ASN C 49 14.70 -20.16 46.45
N LEU C 50 13.90 -21.22 46.37
CA LEU C 50 12.51 -21.25 46.82
C LEU C 50 12.36 -20.90 48.32
N HIS C 51 11.38 -20.06 48.66
CA HIS C 51 11.06 -19.68 50.04
C HIS C 51 10.54 -20.87 50.84
N GLU C 52 10.91 -20.97 52.12
CA GLU C 52 10.50 -22.05 53.02
C GLU C 52 8.99 -22.30 53.05
N GLU C 53 8.17 -21.25 53.01
CA GLU C 53 6.70 -21.40 53.02
C GLU C 53 6.18 -22.00 51.72
N ALA C 54 6.63 -21.50 50.56
CA ALA C 54 6.28 -22.08 49.27
C ALA C 54 6.79 -23.52 49.14
N LYS C 55 8.01 -23.77 49.63
CA LYS C 55 8.61 -25.11 49.76
C LYS C 55 7.72 -26.02 50.58
N ARG C 56 7.22 -25.58 51.73
CA ARG C 56 6.26 -26.37 52.51
C ARG C 56 4.95 -26.58 51.74
N GLU C 57 4.41 -25.58 51.05
CA GLU C 57 3.21 -25.78 50.24
C GLU C 57 3.43 -26.81 49.13
N ILE C 58 4.54 -26.72 48.41
CA ILE C 58 4.90 -27.68 47.38
C ILE C 58 5.12 -29.06 47.98
N GLU C 59 5.83 -29.16 49.10
CA GLU C 59 6.08 -30.43 49.77
C GLU C 59 4.76 -31.07 50.22
N LYS C 60 3.89 -30.31 50.87
CA LYS C 60 2.55 -30.77 51.25
C LYS C 60 1.80 -31.24 50.01
N TRP C 61 1.80 -30.47 48.93
CA TRP C 61 1.04 -30.87 47.75
C TRP C 61 1.60 -32.13 47.12
N ILE C 62 2.92 -32.28 47.07
CA ILE C 62 3.56 -33.51 46.60
C ILE C 62 3.15 -34.69 47.47
N ARG C 63 3.24 -34.53 48.79
CA ARG C 63 2.84 -35.55 49.76
C ARG C 63 1.38 -35.96 49.51
N ALA C 64 0.50 -34.97 49.46
CA ALA C 64 -0.90 -35.19 49.18
C ALA C 64 -1.09 -35.90 47.84
N ALA C 65 -0.34 -35.52 46.80
CA ALA C 65 -0.50 -36.15 45.51
C ALA C 65 -0.14 -37.64 45.58
N GLN C 66 0.96 -37.99 46.20
CA GLN C 66 1.34 -39.39 46.33
C GLN C 66 0.27 -40.15 47.14
N LEU C 67 -0.17 -39.58 48.26
CA LEU C 67 -1.21 -40.19 49.08
C LEU C 67 -2.59 -40.25 48.39
N ALA C 68 -2.83 -39.39 47.39
CA ALA C 68 -4.06 -39.39 46.59
C ALA C 68 -3.98 -40.41 45.45
N GLN C 69 -2.77 -40.71 44.95
CA GLN C 69 -2.54 -41.84 44.05
C GLN C 69 -2.67 -43.17 44.81
N ASP C 70 -2.14 -43.21 46.02
CA ASP C 70 -1.99 -44.44 46.80
C ASP C 70 -3.31 -45.21 46.93
N PRO C 71 -3.38 -46.51 46.58
CA PRO C 71 -4.61 -47.30 46.73
C PRO C 71 -5.02 -47.58 48.18
N ASP C 72 -4.16 -47.34 49.18
CA ASP C 72 -4.54 -47.43 50.60
C ASP C 72 -5.54 -46.32 51.01
N ALA C 73 -6.70 -46.73 51.52
CA ALA C 73 -7.75 -45.82 51.97
C ALA C 73 -7.26 -44.83 53.04
N GLU C 74 -6.37 -45.23 53.95
CA GLU C 74 -5.88 -44.32 55.00
C GLU C 74 -4.94 -43.24 54.41
N SER C 75 -4.18 -43.57 53.37
CA SER C 75 -3.46 -42.57 52.59
C SER C 75 -4.43 -41.61 51.92
N LYS C 76 -5.47 -42.12 51.24
CA LYS C 76 -6.49 -41.26 50.62
C LYS C 76 -7.24 -40.41 51.65
N ALA C 77 -7.46 -40.91 52.86
CA ALA C 77 -8.01 -40.11 53.95
C ALA C 77 -7.07 -38.95 54.30
N GLU C 78 -5.78 -39.22 54.48
CA GLU C 78 -4.81 -38.14 54.71
C GLU C 78 -4.77 -37.17 53.52
N ALA C 79 -4.86 -37.66 52.29
CA ALA C 79 -4.96 -36.80 51.12
C ALA C 79 -6.21 -35.91 51.21
N ARG C 80 -7.39 -36.46 51.53
CA ARG C 80 -8.62 -35.69 51.69
C ARG C 80 -8.41 -34.57 52.71
N LYS C 81 -7.77 -34.90 53.84
CA LYS C 81 -7.40 -33.92 54.87
C LYS C 81 -6.44 -32.84 54.35
N ILE C 82 -5.33 -33.20 53.71
CA ILE C 82 -4.37 -32.21 53.23
C ILE C 82 -4.96 -31.38 52.08
N LEU C 83 -5.78 -31.98 51.22
CA LEU C 83 -6.52 -31.26 50.19
C LEU C 83 -7.41 -30.24 50.87
N ASN C 84 -8.24 -30.66 51.83
CA ASN C 84 -9.06 -29.74 52.60
C ASN C 84 -8.20 -28.66 53.28
N GLU C 85 -7.03 -28.99 53.83
CA GLU C 85 -6.14 -28.01 54.45
C GLU C 85 -5.68 -26.96 53.45
N LEU C 86 -5.10 -27.37 52.33
CA LEU C 86 -4.66 -26.46 51.27
C LEU C 86 -5.84 -25.64 50.75
N ILE C 87 -6.97 -26.28 50.45
CA ILE C 87 -8.19 -25.62 49.99
C ILE C 87 -8.63 -24.58 50.98
N THR C 88 -8.65 -24.93 52.27
CA THR C 88 -9.05 -24.01 53.33
C THR C 88 -8.10 -22.83 53.42
N GLU C 89 -6.79 -23.05 53.43
CA GLU C 89 -5.85 -21.92 53.42
C GLU C 89 -6.04 -21.02 52.21
N LYS C 90 -6.20 -21.58 51.00
CA LYS C 90 -6.50 -20.77 49.81
C LYS C 90 -7.84 -20.04 49.97
N ALA C 91 -8.86 -20.69 50.51
CA ALA C 91 -10.15 -20.06 50.72
C ALA C 91 -10.02 -18.89 51.68
N GLU C 92 -9.24 -19.02 52.75
CA GLU C 92 -8.93 -17.88 53.62
C GLU C 92 -8.17 -16.79 52.86
N GLU C 93 -7.19 -17.15 52.01
CA GLU C 93 -6.40 -16.19 51.22
C GLU C 93 -7.28 -15.31 50.32
N LEU C 94 -8.41 -15.83 49.84
CA LEU C 94 -9.34 -15.11 48.98
C LEU C 94 -10.16 -14.02 49.72
N ARG C 95 -10.34 -14.16 51.03
CA ARG C 95 -11.26 -13.31 51.81
C ARG C 95 -10.84 -11.85 51.79
N GLU C 96 -9.59 -11.57 52.15
CA GLU C 96 -9.10 -10.19 52.20
C GLU C 96 -9.04 -9.56 50.80
N LYS C 97 -8.68 -10.33 49.77
CA LYS C 97 -8.64 -9.83 48.38
C LYS C 97 -10.02 -9.41 47.90
N THR C 98 -11.03 -10.22 48.15
CA THR C 98 -12.41 -9.96 47.72
C THR C 98 -13.04 -8.80 48.52
N LYS C 99 -14.07 -8.18 47.94
CA LYS C 99 -14.73 -6.97 48.45
C LYS C 99 -16.26 -7.04 48.39
N ASP C 100 -16.85 -7.72 47.39
CA ASP C 100 -18.29 -7.95 47.35
C ASP C 100 -18.71 -9.02 48.37
N GLU C 101 -19.64 -8.67 49.27
CA GLU C 101 -20.09 -9.58 50.33
C GLU C 101 -20.80 -10.83 49.80
N GLU C 102 -21.46 -10.77 48.64
CA GLU C 102 -22.04 -11.97 48.04
C GLU C 102 -20.94 -12.93 47.59
N VAL C 103 -19.88 -12.40 47.00
CA VAL C 103 -18.69 -13.19 46.65
C VAL C 103 -18.10 -13.79 47.91
N ARG C 104 -17.91 -13.00 48.98
CA ARG C 104 -17.36 -13.51 50.25
C ARG C 104 -18.26 -14.61 50.83
N GLU C 105 -19.56 -14.46 50.77
CA GLU C 105 -20.49 -15.52 51.14
C GLU C 105 -20.33 -16.75 50.24
N LEU C 106 -20.25 -16.58 48.92
CA LEU C 106 -20.07 -17.69 48.00
C LEU C 106 -18.79 -18.44 48.29
N ALA C 107 -17.70 -17.73 48.57
CA ALA C 107 -16.44 -18.37 48.90
C ALA C 107 -16.56 -19.19 50.19
N ARG C 108 -17.09 -18.56 51.25
CA ARG C 108 -17.30 -19.19 52.55
C ARG C 108 -18.12 -20.47 52.40
N GLU C 109 -19.18 -20.39 51.62
CA GLU C 109 -20.06 -21.54 51.37
C GLU C 109 -19.37 -22.63 50.52
N ALA C 110 -18.54 -22.25 49.54
CA ALA C 110 -17.81 -23.21 48.74
C ALA C 110 -16.88 -24.06 49.61
N ALA C 111 -16.11 -23.43 50.49
CA ALA C 111 -15.25 -24.16 51.42
C ALA C 111 -16.08 -25.12 52.30
N ARG C 112 -17.24 -24.68 52.79
CA ARG C 112 -18.17 -25.56 53.52
C ARG C 112 -18.61 -26.75 52.67
N LEU C 113 -18.98 -26.54 51.41
CA LEU C 113 -19.42 -27.63 50.53
C LEU C 113 -18.27 -28.61 50.26
N ALA C 114 -17.07 -28.11 50.07
CA ALA C 114 -15.89 -28.95 49.87
C ALA C 114 -15.66 -29.87 51.08
N LEU C 115 -15.77 -29.35 52.29
CA LEU C 115 -15.51 -30.12 53.52
C LEU C 115 -16.41 -31.37 53.63
N GLU C 116 -17.64 -31.30 53.12
CA GLU C 116 -18.56 -32.44 53.09
C GLU C 116 -18.14 -33.54 52.09
N SER C 117 -17.32 -33.22 51.09
CA SER C 117 -17.12 -34.06 49.92
C SER C 117 -16.34 -35.36 50.19
N ASP C 118 -16.74 -36.44 49.53
CA ASP C 118 -16.00 -37.71 49.51
C ASP C 118 -14.94 -37.80 48.38
N ASP C 119 -14.95 -36.92 47.38
CA ASP C 119 -14.21 -37.11 46.12
C ASP C 119 -13.05 -36.13 45.94
N ILE C 120 -11.83 -36.67 45.82
CA ILE C 120 -10.65 -35.87 45.55
C ILE C 120 -10.77 -35.06 44.27
N GLU C 121 -11.51 -35.51 43.24
CA GLU C 121 -11.66 -34.72 42.02
C GLU C 121 -12.61 -33.53 42.24
N VAL C 122 -13.60 -33.64 43.11
CA VAL C 122 -14.37 -32.45 43.50
C VAL C 122 -13.43 -31.53 44.23
N GLN C 123 -12.64 -32.05 45.18
CA GLN C 123 -11.68 -31.21 45.89
C GLN C 123 -10.74 -30.51 44.90
N ARG C 124 -10.27 -31.22 43.87
CA ARG C 124 -9.48 -30.66 42.78
C ARG C 124 -10.20 -29.53 42.07
N VAL C 125 -11.48 -29.70 41.71
CA VAL C 125 -12.25 -28.62 41.09
C VAL C 125 -12.21 -27.42 42.00
N VAL C 126 -12.57 -27.60 43.25
CA VAL C 126 -12.63 -26.50 44.21
C VAL C 126 -11.28 -25.83 44.27
N LEU C 127 -10.22 -26.62 44.38
CA LEU C 127 -8.87 -26.11 44.41
C LEU C 127 -8.54 -25.32 43.15
N LYS C 128 -8.90 -25.83 41.98
CA LYS C 128 -8.65 -25.13 40.72
C LYS C 128 -9.42 -23.82 40.66
N ALA C 129 -10.69 -23.84 41.06
CA ALA C 129 -11.51 -22.65 41.07
C ALA C 129 -10.90 -21.59 42.00
N LEU C 130 -10.58 -21.95 43.24
CA LEU C 130 -9.97 -21.02 44.15
C LEU C 130 -8.65 -20.51 43.58
N LEU C 131 -7.83 -21.37 42.99
CA LEU C 131 -6.59 -20.92 42.34
C LEU C 131 -6.89 -19.92 41.20
N ALA C 132 -7.97 -20.12 40.45
CA ALA C 132 -8.38 -19.18 39.43
C ALA C 132 -8.86 -17.87 40.04
N ALA C 133 -9.60 -17.93 41.15
CA ALA C 133 -10.10 -16.72 41.80
C ALA C 133 -8.95 -15.86 42.34
N LEU C 134 -7.96 -16.50 42.95
CA LEU C 134 -6.76 -15.81 43.41
C LEU C 134 -6.02 -15.16 42.24
N LYS C 135 -5.92 -15.84 41.08
CA LYS C 135 -5.41 -15.24 39.84
C LYS C 135 -6.27 -14.07 39.37
N SER C 136 -7.60 -14.16 39.46
CA SER C 136 -8.52 -13.26 38.76
C SER C 136 -8.29 -11.78 39.09
N LYS C 137 -8.35 -10.94 38.06
CA LYS C 137 -8.31 -9.49 38.20
C LYS C 137 -9.70 -8.90 38.45
N ASP C 138 -10.73 -9.56 37.94
CA ASP C 138 -12.13 -9.12 38.02
C ASP C 138 -12.92 -9.95 39.03
N GLU C 139 -13.64 -9.28 39.94
CA GLU C 139 -14.56 -9.96 40.85
C GLU C 139 -15.76 -10.60 40.14
N GLU C 140 -16.26 -10.06 39.04
CA GLU C 140 -17.41 -10.69 38.38
C GLU C 140 -17.00 -12.05 37.80
N VAL C 141 -15.81 -12.17 37.23
CA VAL C 141 -15.22 -13.48 36.95
C VAL C 141 -15.07 -14.31 38.21
N ILE C 142 -14.73 -13.72 39.37
CA ILE C 142 -14.69 -14.49 40.62
C ILE C 142 -16.08 -15.03 40.95
N ARG C 143 -17.13 -14.23 40.81
CA ARG C 143 -18.52 -14.68 40.99
C ARG C 143 -18.81 -15.84 40.04
N LEU C 144 -18.49 -15.71 38.76
CA LEU C 144 -18.70 -16.81 37.81
C LEU C 144 -17.94 -18.06 38.26
N LEU C 145 -16.66 -17.92 38.62
CA LEU C 145 -15.84 -19.02 39.07
C LEU C 145 -16.46 -19.68 40.30
N LEU C 146 -16.69 -18.91 41.35
CA LEU C 146 -17.22 -19.46 42.57
C LEU C 146 -18.59 -20.09 42.33
N LEU C 147 -19.47 -19.47 41.56
CA LEU C 147 -20.78 -20.06 41.22
C LEU C 147 -20.57 -21.42 40.54
N ALA C 148 -19.62 -21.54 39.63
CA ALA C 148 -19.31 -22.82 39.02
C ALA C 148 -18.80 -23.82 40.07
N ALA C 149 -17.92 -23.38 40.96
CA ALA C 149 -17.41 -24.25 42.00
C ALA C 149 -18.55 -24.75 42.87
N VAL C 150 -19.37 -23.85 43.36
CA VAL C 150 -20.52 -24.16 44.20
C VAL C 150 -21.41 -25.14 43.46
N LEU C 151 -21.77 -24.83 42.20
CA LEU C 151 -22.64 -25.71 41.42
C LEU C 151 -22.02 -27.09 41.27
N ALA C 152 -20.71 -27.18 41.01
CA ALA C 152 -20.08 -28.47 40.87
C ALA C 152 -20.24 -29.25 42.17
N ALA C 153 -19.85 -28.65 43.30
CA ALA C 153 -19.87 -29.34 44.56
C ALA C 153 -21.29 -29.73 44.97
N ALA C 154 -22.21 -28.77 44.93
CA ALA C 154 -23.59 -28.97 45.38
C ALA C 154 -24.34 -29.99 44.51
N ALA C 155 -24.01 -30.10 43.22
CA ALA C 155 -24.55 -31.16 42.37
C ALA C 155 -23.83 -32.51 42.58
N ALA C 156 -22.53 -32.50 42.88
CA ALA C 156 -21.76 -33.72 42.97
C ALA C 156 -22.03 -34.56 44.23
N ARG C 157 -22.69 -34.00 45.25
CA ARG C 157 -22.76 -34.62 46.59
C ARG C 157 -23.25 -36.07 46.57
N SER C 158 -22.68 -36.87 47.46
CA SER C 158 -23.09 -38.26 47.70
C SER C 158 -24.58 -38.31 48.09
N GLY C 159 -25.34 -39.16 47.41
CA GLY C 159 -26.79 -39.27 47.59
C GLY C 159 -27.64 -38.24 46.82
N SER C 160 -27.05 -37.39 45.98
CA SER C 160 -27.80 -36.40 45.19
C SER C 160 -28.82 -37.04 44.23
N PRO C 161 -30.01 -36.43 44.03
CA PRO C 161 -30.88 -36.70 42.89
C PRO C 161 -30.15 -36.56 41.55
N GLU C 162 -30.51 -37.38 40.57
CA GLU C 162 -30.02 -37.24 39.20
C GLU C 162 -30.55 -35.95 38.54
N GLU C 163 -31.71 -35.46 38.97
CA GLU C 163 -32.24 -34.17 38.50
C GLU C 163 -31.24 -33.04 38.70
N LYS C 164 -30.61 -32.97 39.88
CA LYS C 164 -29.58 -31.95 40.15
C LYS C 164 -28.41 -32.10 39.19
N LEU C 165 -27.92 -33.31 38.97
CA LEU C 165 -26.84 -33.55 38.02
C LEU C 165 -27.25 -33.17 36.60
N GLU C 166 -28.46 -33.52 36.17
CA GLU C 166 -28.96 -33.16 34.86
C GLU C 166 -29.01 -31.65 34.70
N ILE C 167 -29.55 -30.95 35.70
CA ILE C 167 -29.61 -29.49 35.72
C ILE C 167 -28.21 -28.91 35.64
N ALA C 168 -27.30 -29.37 36.49
CA ALA C 168 -25.95 -28.86 36.49
C ALA C 168 -25.30 -29.06 35.14
N LYS C 169 -25.46 -30.25 34.54
CA LYS C 169 -24.92 -30.55 33.22
C LYS C 169 -25.52 -29.60 32.19
N LYS C 170 -26.83 -29.40 32.17
CA LYS C 170 -27.46 -28.48 31.24
C LYS C 170 -26.86 -27.08 31.39
N ALA C 171 -26.77 -26.58 32.62
CA ALA C 171 -26.25 -25.24 32.87
C ALA C 171 -24.77 -25.11 32.47
N LEU C 172 -23.94 -26.06 32.86
CA LEU C 172 -22.53 -25.99 32.53
C LEU C 172 -22.31 -26.14 31.03
N GLU C 173 -23.07 -27.01 30.35
CA GLU C 173 -23.00 -27.09 28.89
C GLU C 173 -23.42 -25.77 28.26
N LEU C 174 -24.47 -25.13 28.77
CA LEU C 174 -24.85 -23.79 28.32
C LEU C 174 -23.69 -22.81 28.54
N ALA C 175 -23.03 -22.85 29.70
CA ALA C 175 -21.91 -21.95 29.97
C ALA C 175 -20.72 -22.19 29.03
N MET C 176 -20.49 -23.45 28.67
CA MET C 176 -19.46 -23.83 27.71
C MET C 176 -19.81 -23.32 26.30
N LYS C 177 -21.08 -23.40 25.88
CA LYS C 177 -21.57 -22.92 24.58
C LYS C 177 -21.63 -21.40 24.46
N SER C 178 -22.09 -20.74 25.52
CA SER C 178 -22.45 -19.31 25.53
C SER C 178 -21.23 -18.38 25.44
N LYS C 179 -21.45 -17.12 25.06
CA LYS C 179 -20.46 -16.05 25.19
C LYS C 179 -21.12 -14.68 25.47
N ASP C 180 -21.97 -14.63 26.50
CA ASP C 180 -22.49 -13.39 27.09
C ASP C 180 -22.56 -13.55 28.61
N GLU C 181 -21.63 -12.92 29.32
CA GLU C 181 -21.30 -13.23 30.70
C GLU C 181 -22.51 -13.14 31.63
N GLU C 182 -23.39 -12.16 31.41
CA GLU C 182 -24.58 -12.01 32.24
C GLU C 182 -25.49 -13.23 32.12
N VAL C 183 -25.63 -13.80 30.93
CA VAL C 183 -26.46 -15.01 30.77
C VAL C 183 -25.87 -16.12 31.59
N ILE C 184 -24.55 -16.26 31.53
CA ILE C 184 -23.84 -17.30 32.28
C ILE C 184 -24.14 -17.10 33.76
N ARG C 185 -24.02 -15.86 34.26
CA ARG C 185 -24.34 -15.56 35.66
C ARG C 185 -25.76 -15.96 35.99
N LEU C 186 -26.73 -15.52 35.19
CA LEU C 186 -28.14 -15.78 35.49
C LEU C 186 -28.44 -17.28 35.49
N ALA C 187 -27.92 -18.02 34.52
CA ALA C 187 -28.08 -19.46 34.44
C ALA C 187 -27.45 -20.13 35.66
N LEU C 188 -26.18 -19.84 35.95
CA LEU C 188 -25.47 -20.46 37.04
C LEU C 188 -26.14 -20.13 38.37
N LEU C 189 -26.53 -18.88 38.59
CA LEU C 189 -27.20 -18.49 39.82
C LEU C 189 -28.47 -19.33 40.01
N ALA C 190 -29.31 -19.43 38.98
CA ALA C 190 -30.51 -20.26 39.05
C ALA C 190 -30.16 -21.73 39.36
N ALA C 191 -29.13 -22.25 38.71
CA ALA C 191 -28.69 -23.61 38.98
C ALA C 191 -28.16 -23.76 40.42
N VAL C 192 -27.44 -22.78 40.94
CA VAL C 192 -26.92 -22.80 42.31
C VAL C 192 -28.06 -22.79 43.31
N LEU C 193 -29.08 -21.97 43.08
CA LEU C 193 -30.28 -21.97 43.91
C LEU C 193 -30.96 -23.34 43.86
N ALA C 194 -31.10 -23.94 42.68
CA ALA C 194 -31.63 -25.31 42.54
C ALA C 194 -30.77 -26.34 43.25
N ALA C 195 -29.44 -26.23 43.16
CA ALA C 195 -28.54 -27.18 43.78
C ALA C 195 -28.59 -27.08 45.32
N ARG C 196 -28.69 -25.86 45.85
CA ARG C 196 -28.78 -25.59 47.29
C ARG C 196 -30.13 -25.95 47.89
N SER C 197 -31.21 -25.72 47.13
CA SER C 197 -32.56 -26.18 47.49
C SER C 197 -32.66 -27.71 47.39
N ASP C 198 -33.74 -28.28 47.91
CA ASP C 198 -34.12 -29.69 47.72
C ASP C 198 -35.57 -29.84 47.18
N ASP C 199 -36.27 -28.74 46.89
CA ASP C 199 -37.64 -28.76 46.37
C ASP C 199 -37.66 -29.14 44.88
N GLU C 200 -38.28 -30.28 44.56
CA GLU C 200 -38.39 -30.76 43.19
C GLU C 200 -39.13 -29.79 42.27
N GLU C 201 -40.05 -28.97 42.77
CA GLU C 201 -40.67 -27.94 41.95
C GLU C 201 -39.66 -26.83 41.58
N VAL C 202 -38.76 -26.47 42.48
CA VAL C 202 -37.65 -25.57 42.13
C VAL C 202 -36.76 -26.21 41.07
N LEU C 203 -36.43 -27.50 41.24
CA LEU C 203 -35.65 -28.23 40.24
C LEU C 203 -36.35 -28.16 38.87
N LYS C 204 -37.63 -28.54 38.80
CA LYS C 204 -38.42 -28.53 37.55
C LYS C 204 -38.40 -27.14 36.92
N LYS C 205 -38.75 -26.11 37.69
CA LYS C 205 -38.79 -24.72 37.21
C LYS C 205 -37.44 -24.32 36.63
N VAL C 206 -36.36 -24.54 37.37
CA VAL C 206 -35.03 -24.16 36.90
C VAL C 206 -34.64 -24.94 35.65
N LYS C 207 -35.03 -26.21 35.53
CA LYS C 207 -34.73 -27.01 34.34
C LYS C 207 -35.47 -26.50 33.09
N GLU C 208 -36.75 -26.20 33.22
CA GLU C 208 -37.50 -25.55 32.13
C GLU C 208 -36.91 -24.17 31.79
N ALA C 209 -36.52 -23.41 32.81
CA ALA C 209 -35.90 -22.09 32.60
C ALA C 209 -34.59 -22.23 31.84
N LEU C 210 -33.70 -23.13 32.26
CA LEU C 210 -32.44 -23.36 31.56
C LEU C 210 -32.68 -23.85 30.14
N GLU C 211 -33.66 -24.73 29.95
CA GLU C 211 -34.04 -25.18 28.62
C GLU C 211 -34.44 -23.99 27.74
N LYS C 212 -35.27 -23.07 28.25
CA LYS C 212 -35.68 -21.91 27.48
C LYS C 212 -34.55 -20.90 27.31
N MET C 213 -33.67 -20.71 28.29
CA MET C 213 -32.45 -19.93 28.09
C MET C 213 -31.67 -20.52 26.90
N GLU C 214 -31.47 -21.83 26.91
CA GLU C 214 -30.77 -22.52 25.82
C GLU C 214 -31.52 -22.39 24.49
N ARG C 215 -32.86 -22.48 24.46
CA ARG C 215 -33.61 -22.20 23.24
C ARG C 215 -33.25 -20.83 22.71
N ILE C 216 -33.24 -19.81 23.58
CA ILE C 216 -32.97 -18.45 23.13
C ILE C 216 -31.53 -18.36 22.63
N MET C 217 -30.59 -18.96 23.33
CA MET C 217 -29.19 -18.94 22.92
C MET C 217 -28.99 -19.62 21.57
N ASP C 218 -29.57 -20.81 21.38
CA ASP C 218 -29.53 -21.49 20.09
C ASP C 218 -30.20 -20.65 19.01
N LEU C 219 -31.37 -20.07 19.28
CA LEU C 219 -32.04 -19.22 18.31
C LEU C 219 -31.17 -18.03 17.93
N GLU C 220 -30.42 -17.44 18.86
CA GLU C 220 -29.53 -16.33 18.51
C GLU C 220 -28.40 -16.78 17.58
N ASP C 221 -27.79 -17.94 17.86
CA ASP C 221 -26.82 -18.52 16.93
C ASP C 221 -27.45 -18.73 15.55
N VAL C 222 -28.65 -19.31 15.50
CA VAL C 222 -29.36 -19.54 14.24
C VAL C 222 -29.60 -18.22 13.51
N ALA C 223 -30.15 -17.22 14.19
CA ALA C 223 -30.45 -15.93 13.60
C ALA C 223 -29.17 -15.24 13.07
N ARG C 224 -28.11 -15.24 13.87
CA ARG C 224 -26.85 -14.58 13.55
C ARG C 224 -26.19 -15.24 12.34
N GLU C 225 -25.97 -16.55 12.38
CA GLU C 225 -25.27 -17.23 11.28
C GLU C 225 -26.11 -17.25 9.99
N LYS C 226 -27.44 -17.25 10.09
CA LYS C 226 -28.36 -17.13 8.94
C LYS C 226 -28.78 -15.68 8.63
N SER C 227 -28.04 -14.67 9.09
CA SER C 227 -28.44 -13.25 8.95
C SER C 227 -28.70 -12.87 7.48
N GLY C 228 -29.68 -11.98 7.27
CA GLY C 228 -30.14 -11.60 5.92
C GLY C 228 -31.12 -12.60 5.30
N SER C 229 -32.01 -13.21 6.09
CA SER C 229 -32.96 -14.22 5.62
C SER C 229 -34.31 -14.20 6.32
N ALA C 230 -35.31 -14.79 5.68
CA ALA C 230 -36.59 -15.08 6.32
C ALA C 230 -36.44 -16.04 7.50
N GLU C 231 -35.45 -16.93 7.48
CA GLU C 231 -35.18 -17.82 8.62
C GLU C 231 -34.72 -17.03 9.84
N ALA C 232 -33.86 -16.03 9.67
CA ALA C 232 -33.49 -15.11 10.73
C ALA C 232 -34.69 -14.31 11.25
N SER C 233 -35.59 -13.89 10.34
CA SER C 233 -36.84 -13.21 10.74
C SER C 233 -37.75 -14.13 11.56
N GLN C 234 -37.88 -15.40 11.18
CA GLN C 234 -38.59 -16.40 11.97
C GLN C 234 -37.93 -16.61 13.33
N ALA C 235 -36.60 -16.67 13.40
CA ALA C 235 -35.90 -16.79 14.68
C ALA C 235 -36.18 -15.57 15.59
N VAL C 236 -36.18 -14.35 15.06
CA VAL C 236 -36.58 -13.16 15.85
C VAL C 236 -37.98 -13.34 16.42
N LYS C 237 -38.95 -13.76 15.60
CA LYS C 237 -40.32 -13.98 16.04
C LYS C 237 -40.39 -14.98 17.19
N GLU C 238 -39.68 -16.10 17.08
CA GLU C 238 -39.63 -17.08 18.17
C GLU C 238 -38.95 -16.49 19.41
N ILE C 239 -37.84 -15.77 19.28
CA ILE C 239 -37.18 -15.13 20.43
C ILE C 239 -38.18 -14.23 21.14
N ALA C 240 -38.88 -13.38 20.39
CA ALA C 240 -39.87 -12.49 20.96
C ALA C 240 -40.98 -13.27 21.67
N ASP C 241 -41.52 -14.30 21.04
CA ASP C 241 -42.60 -15.06 21.65
C ASP C 241 -42.13 -15.88 22.86
N ILE C 242 -40.87 -16.32 22.87
CA ILE C 242 -40.30 -16.94 24.05
C ILE C 242 -40.17 -15.91 25.17
N ALA C 243 -39.83 -14.66 24.87
CA ALA C 243 -39.86 -13.62 25.89
C ALA C 243 -41.28 -13.45 26.46
N GLU C 244 -42.32 -13.53 25.62
CA GLU C 244 -43.70 -13.54 26.11
C GLU C 244 -43.96 -14.77 26.99
N GLU C 245 -43.53 -15.96 26.59
CA GLU C 245 -43.64 -17.13 27.47
C GLU C 245 -42.93 -16.90 28.80
N ALA C 246 -41.71 -16.36 28.78
CA ALA C 246 -40.93 -16.12 29.99
C ALA C 246 -41.65 -15.15 30.93
N LEU C 247 -42.28 -14.11 30.38
CA LEU C 247 -43.06 -13.16 31.16
C LEU C 247 -44.35 -13.80 31.70
N ARG C 248 -45.06 -14.58 30.89
CA ARG C 248 -46.28 -15.29 31.33
C ARG C 248 -45.98 -16.31 32.43
N GLU C 249 -44.81 -16.94 32.39
CA GLU C 249 -44.33 -17.84 33.45
C GLU C 249 -43.76 -17.10 34.67
N GLY C 250 -43.53 -15.78 34.58
CA GLY C 250 -42.95 -14.98 35.67
C GLY C 250 -41.48 -15.28 35.98
N LEU C 251 -40.77 -16.00 35.10
CA LEU C 251 -39.36 -16.40 35.27
C LEU C 251 -38.42 -15.27 34.81
N CYS C 252 -38.48 -14.13 35.51
CA CYS C 252 -38.04 -12.84 34.98
C CYS C 252 -36.58 -12.80 34.55
N GLU C 253 -35.68 -13.59 35.14
CA GLU C 253 -34.30 -13.70 34.67
C GLU C 253 -34.25 -14.15 33.21
N VAL C 254 -35.11 -15.08 32.80
CA VAL C 254 -35.15 -15.54 31.42
C VAL C 254 -35.55 -14.39 30.51
N ALA C 255 -36.56 -13.60 30.89
CA ALA C 255 -36.93 -12.44 30.09
C ALA C 255 -35.73 -11.48 30.00
N ARG C 256 -35.01 -11.29 31.09
CA ARG C 256 -33.79 -10.47 31.11
C ARG C 256 -32.79 -10.96 30.07
N VAL C 257 -32.61 -12.27 29.98
CA VAL C 257 -31.79 -12.90 28.94
C VAL C 257 -32.36 -12.55 27.57
N ALA C 258 -33.64 -12.81 27.35
CA ALA C 258 -34.25 -12.65 26.03
C ALA C 258 -34.09 -11.22 25.51
N LEU C 259 -34.26 -10.23 26.39
CA LEU C 259 -34.08 -8.84 26.03
C LEU C 259 -32.68 -8.62 25.44
N LYS C 260 -31.62 -8.99 26.16
CA LYS C 260 -30.25 -8.80 25.66
C LYS C 260 -30.00 -9.55 24.36
N ARG C 261 -30.57 -10.74 24.21
CA ARG C 261 -30.41 -11.57 23.00
C ARG C 261 -30.98 -10.87 21.77
N LEU C 262 -32.11 -10.16 21.90
CA LEU C 262 -32.58 -9.26 20.85
C LEU C 262 -31.63 -8.08 20.69
N PHE C 263 -31.23 -7.45 21.78
CA PHE C 263 -30.40 -6.25 21.71
C PHE C 263 -29.09 -6.49 20.96
N LYS C 264 -28.41 -7.61 21.22
CA LYS C 264 -27.18 -7.97 20.50
C LYS C 264 -27.45 -8.02 19.00
N LEU C 265 -28.45 -8.79 18.57
CA LEU C 265 -28.78 -8.89 17.15
C LEU C 265 -29.05 -7.50 16.57
N ALA C 266 -29.85 -6.69 17.26
CA ALA C 266 -30.18 -5.36 16.78
C ALA C 266 -28.94 -4.48 16.62
N LYS C 267 -28.04 -4.49 17.61
CA LYS C 267 -26.79 -3.71 17.57
C LYS C 267 -25.86 -4.22 16.47
N ASP C 268 -25.76 -5.53 16.28
CA ASP C 268 -24.81 -6.13 15.35
C ASP C 268 -25.20 -6.00 13.88
N TYR C 269 -26.50 -5.85 13.57
CA TYR C 269 -27.00 -5.73 12.19
C TYR C 269 -27.78 -4.43 11.97
N PRO C 270 -27.12 -3.26 11.99
CA PRO C 270 -27.78 -1.96 11.91
C PRO C 270 -28.46 -1.75 10.56
N GLY C 271 -29.58 -1.02 10.58
CA GLY C 271 -30.39 -0.72 9.40
C GLY C 271 -31.23 -1.88 8.86
N SER C 272 -31.00 -3.11 9.31
CA SER C 272 -31.62 -4.29 8.73
C SER C 272 -33.12 -4.41 9.03
N ASP C 273 -33.83 -5.15 8.18
CA ASP C 273 -35.18 -5.59 8.48
C ASP C 273 -35.22 -6.43 9.75
N VAL C 274 -34.22 -7.28 9.97
CA VAL C 274 -34.11 -8.12 11.17
C VAL C 274 -34.10 -7.25 12.42
N ALA C 275 -33.24 -6.23 12.46
CA ALA C 275 -33.20 -5.28 13.56
C ALA C 275 -34.51 -4.48 13.66
N SER C 276 -35.13 -4.17 12.53
CA SER C 276 -36.43 -3.48 12.52
C SER C 276 -37.53 -4.33 13.17
N LEU C 277 -37.52 -5.65 12.94
CA LEU C 277 -38.40 -6.57 13.66
C LEU C 277 -38.07 -6.59 15.14
N ALA C 278 -36.78 -6.65 15.49
CA ALA C 278 -36.36 -6.70 16.89
C ALA C 278 -36.81 -5.47 17.68
N LYS C 279 -36.68 -4.25 17.13
CA LYS C 279 -37.15 -3.04 17.81
C LYS C 279 -38.63 -3.13 18.12
N LYS C 280 -39.45 -3.53 17.13
CA LYS C 280 -40.89 -3.76 17.32
C LYS C 280 -41.15 -4.85 18.37
N ALA C 281 -40.36 -5.91 18.38
CA ALA C 281 -40.46 -6.93 19.41
C ALA C 281 -40.19 -6.34 20.80
N LEU C 282 -39.15 -5.52 20.96
CA LEU C 282 -38.85 -4.96 22.27
C LEU C 282 -40.01 -4.11 22.80
N GLU C 283 -40.72 -3.38 21.93
CA GLU C 283 -41.93 -2.68 22.33
C GLU C 283 -43.03 -3.65 22.78
N LYS C 284 -43.28 -4.73 22.04
CA LYS C 284 -44.21 -5.79 22.46
C LYS C 284 -43.83 -6.30 23.85
N ILE C 285 -42.55 -6.59 24.04
CA ILE C 285 -42.05 -7.17 25.29
C ILE C 285 -42.23 -6.15 26.42
N ALA C 286 -41.93 -4.88 26.17
CA ALA C 286 -42.18 -3.82 27.14
C ALA C 286 -43.65 -3.81 27.58
N GLU C 287 -44.59 -3.77 26.65
CA GLU C 287 -46.02 -3.81 27.00
C GLU C 287 -46.39 -5.08 27.77
N THR C 288 -45.90 -6.22 27.29
CA THR C 288 -46.16 -7.52 27.94
C THR C 288 -45.62 -7.53 29.37
N ALA C 289 -44.45 -6.91 29.61
CA ALA C 289 -43.86 -6.82 30.94
C ALA C 289 -44.60 -5.81 31.83
N LEU C 290 -45.03 -4.67 31.27
CA LEU C 290 -45.83 -3.68 32.00
C LEU C 290 -47.17 -4.25 32.44
N ARG C 291 -47.79 -5.12 31.64
CA ARG C 291 -49.02 -5.86 32.01
C ARG C 291 -48.80 -6.88 33.14
N ASN C 292 -47.56 -7.23 33.47
CA ASN C 292 -47.20 -8.22 34.50
C ASN C 292 -46.47 -7.63 35.72
N GLY C 293 -45.84 -6.47 35.59
CA GLY C 293 -45.39 -5.66 36.74
C GLY C 293 -44.02 -6.00 37.35
N CYS C 294 -43.22 -6.90 36.75
CA CYS C 294 -41.83 -7.09 37.16
C CYS C 294 -40.97 -5.89 36.71
N LYS C 295 -40.73 -4.92 37.61
CA LYS C 295 -40.21 -3.59 37.27
C LYS C 295 -38.87 -3.59 36.54
N GLU C 296 -37.92 -4.41 36.98
CA GLU C 296 -36.58 -4.45 36.39
C GLU C 296 -36.65 -4.80 34.90
N THR C 297 -37.28 -5.92 34.56
CA THR C 297 -37.46 -6.29 33.15
C THR C 297 -38.36 -5.31 32.41
N ALA C 298 -39.47 -4.89 33.01
CA ALA C 298 -40.43 -3.99 32.35
C ALA C 298 -39.78 -2.66 31.95
N GLU C 299 -38.98 -2.05 32.83
CA GLU C 299 -38.23 -0.88 32.43
C GLU C 299 -37.07 -1.25 31.50
N LEU C 300 -36.39 -2.39 31.70
CA LEU C 300 -35.22 -2.75 30.90
C LEU C 300 -35.53 -2.81 29.40
N ALA C 301 -36.73 -3.28 29.04
CA ALA C 301 -37.16 -3.25 27.64
C ALA C 301 -37.17 -1.82 27.07
N LYS C 302 -37.73 -0.86 27.81
CA LYS C 302 -37.66 0.56 27.43
C LYS C 302 -36.20 1.01 27.37
N LEU C 303 -35.42 0.63 28.38
CA LEU C 303 -34.06 1.09 28.52
C LEU C 303 -33.24 0.71 27.29
N LEU C 304 -33.35 -0.54 26.88
CA LEU C 304 -32.68 -1.02 25.67
C LEU C 304 -33.21 -0.28 24.45
N LEU C 305 -34.52 -0.05 24.35
CA LEU C 305 -35.08 0.66 23.21
C LEU C 305 -34.43 2.02 23.04
N PHE C 306 -34.35 2.80 24.10
CA PHE C 306 -33.77 4.13 23.99
C PHE C 306 -32.29 4.07 23.60
N LEU C 307 -31.56 3.06 24.09
CA LEU C 307 -30.17 2.85 23.72
C LEU C 307 -30.04 2.51 22.24
N LEU C 308 -30.92 1.67 21.71
CA LEU C 308 -30.95 1.38 20.27
C LEU C 308 -31.26 2.65 19.48
N LEU C 309 -32.21 3.46 19.92
CA LEU C 309 -32.55 4.69 19.22
C LEU C 309 -31.37 5.66 19.20
N ILE C 310 -30.68 5.85 20.32
CA ILE C 310 -29.48 6.68 20.32
C ILE C 310 -28.43 6.10 19.39
N ILE C 311 -28.14 4.80 19.47
CA ILE C 311 -27.17 4.17 18.57
C ILE C 311 -27.57 4.42 17.11
N GLU C 312 -28.84 4.25 16.75
CA GLU C 312 -29.34 4.51 15.40
C GLU C 312 -29.06 5.94 14.94
N VAL C 313 -29.43 6.96 15.73
CA VAL C 313 -29.20 8.33 15.28
C VAL C 313 -27.73 8.68 15.30
N VAL C 314 -26.95 8.12 16.22
CA VAL C 314 -25.51 8.35 16.26
C VAL C 314 -24.81 7.71 15.08
N LEU C 315 -25.24 6.54 14.62
CA LEU C 315 -24.76 5.95 13.36
C LEU C 315 -25.14 6.83 12.16
N LYS C 316 -26.32 7.47 12.18
CA LYS C 316 -26.72 8.43 11.14
C LYS C 316 -25.87 9.70 11.16
N MET C 317 -25.37 10.10 12.33
CA MET C 317 -24.37 11.18 12.48
C MET C 317 -22.94 10.71 12.12
N GLY C 318 -22.65 9.42 12.25
CA GLY C 318 -21.39 8.81 11.79
C GLY C 318 -20.20 9.03 12.74
N VAL C 319 -20.43 9.06 14.05
CA VAL C 319 -19.39 9.33 15.08
C VAL C 319 -19.30 8.24 16.15
N ARG C 320 -18.13 8.03 16.75
CA ARG C 320 -17.95 7.12 17.90
C ARG C 320 -18.60 7.70 19.17
N MET C 321 -19.03 6.82 20.06
CA MET C 321 -19.67 7.17 21.34
C MET C 321 -19.06 6.39 22.52
N LEU C 322 -19.06 6.98 23.71
CA LEU C 322 -18.93 6.19 24.95
C LEU C 322 -20.27 5.47 25.21
N THR C 323 -20.27 4.30 25.84
CA THR C 323 -21.49 3.60 26.29
C THR C 323 -21.21 2.77 27.54
N HIS C 324 -22.18 2.65 28.44
CA HIS C 324 -22.00 2.07 29.78
C HIS C 324 -23.29 1.41 30.24
N ARG C 325 -23.46 1.13 31.54
CA ARG C 325 -24.69 0.52 32.07
C ARG C 325 -24.91 0.82 33.55
N GLY C 326 -26.15 0.62 34.01
CA GLY C 326 -26.57 0.62 35.40
C GLY C 326 -27.91 -0.12 35.54
N GLY C 327 -28.37 -0.36 36.75
CA GLY C 327 -29.56 -1.19 36.99
C GLY C 327 -30.89 -0.51 36.64
N ASN C 328 -30.92 0.81 36.59
CA ASN C 328 -32.13 1.61 36.38
C ASN C 328 -31.90 2.82 35.45
N ALA C 329 -30.76 2.87 34.78
CA ALA C 329 -30.37 3.99 33.93
C ALA C 329 -29.42 3.56 32.79
N VAL C 330 -29.31 4.39 31.76
CA VAL C 330 -28.35 4.23 30.65
C VAL C 330 -27.69 5.58 30.36
N ILE C 331 -26.43 5.58 29.94
CA ILE C 331 -25.69 6.77 29.55
C ILE C 331 -25.00 6.54 28.21
N VAL C 332 -25.03 7.55 27.36
CA VAL C 332 -24.26 7.62 26.11
C VAL C 332 -23.64 9.00 26.00
N VAL C 333 -22.40 9.08 25.51
CA VAL C 333 -21.66 10.35 25.35
C VAL C 333 -21.11 10.47 23.95
N ILE C 334 -21.27 11.65 23.34
CA ILE C 334 -20.86 11.98 21.97
C ILE C 334 -19.88 13.16 22.02
N GLU C 335 -18.91 13.22 21.12
CA GLU C 335 -17.97 14.35 21.01
C GLU C 335 -17.75 14.81 19.57
N GLY C 336 -17.41 16.09 19.39
CA GLY C 336 -17.09 16.69 18.09
C GLY C 336 -18.30 16.91 17.17
N LEU C 337 -19.52 16.73 17.70
CA LEU C 337 -20.76 16.75 16.93
C LEU C 337 -21.02 18.14 16.34
N HIS C 338 -21.37 18.23 15.05
CA HIS C 338 -21.58 19.53 14.38
C HIS C 338 -22.78 20.28 14.98
N PRO C 339 -22.80 21.62 15.08
CA PRO C 339 -23.89 22.32 15.78
C PRO C 339 -25.29 21.96 15.28
N SER C 340 -25.46 21.84 13.97
CA SER C 340 -26.73 21.39 13.36
C SER C 340 -27.06 19.94 13.75
N GLN C 341 -26.06 19.08 13.89
CA GLN C 341 -26.23 17.73 14.42
C GLN C 341 -26.53 17.77 15.93
N ILE C 342 -26.04 18.72 16.71
CA ILE C 342 -26.44 18.87 18.12
C ILE C 342 -27.92 19.21 18.19
N VAL C 343 -28.38 20.17 17.38
CA VAL C 343 -29.82 20.47 17.25
C VAL C 343 -30.59 19.23 16.81
N GLN C 344 -30.09 18.47 15.84
CA GLN C 344 -30.79 17.28 15.37
C GLN C 344 -30.84 16.20 16.47
N LEU C 345 -29.71 15.89 17.12
CA LEU C 345 -29.66 14.92 18.21
C LEU C 345 -30.61 15.34 19.31
N MET C 346 -30.61 16.62 19.67
CA MET C 346 -31.56 17.18 20.62
C MET C 346 -32.99 16.87 20.16
N GLN C 347 -33.34 17.25 18.94
CA GLN C 347 -34.65 16.97 18.37
C GLN C 347 -34.99 15.48 18.43
N ASP C 348 -34.06 14.62 18.05
CA ASP C 348 -34.27 13.18 18.04
C ASP C 348 -34.42 12.64 19.46
N VAL C 349 -33.61 13.07 20.42
CA VAL C 349 -33.73 12.59 21.80
C VAL C 349 -35.10 12.93 22.33
N ILE C 350 -35.57 14.15 22.08
CA ILE C 350 -36.92 14.54 22.50
C ILE C 350 -37.95 13.70 21.75
N LYS C 351 -37.76 13.48 20.44
CA LYS C 351 -38.63 12.61 19.64
C LYS C 351 -38.70 11.20 20.21
N ALA C 352 -37.58 10.65 20.69
CA ALA C 352 -37.54 9.33 21.27
C ALA C 352 -38.38 9.30 22.54
N ALA C 353 -38.17 10.29 23.42
CA ALA C 353 -38.91 10.39 24.66
C ALA C 353 -40.41 10.54 24.38
N LYS C 354 -40.77 11.35 23.38
CA LYS C 354 -42.16 11.59 22.94
C LYS C 354 -42.89 10.30 22.56
N LYS C 355 -42.14 9.26 22.15
CA LYS C 355 -42.66 7.90 21.95
C LYS C 355 -42.59 7.05 23.22
N LEU C 356 -41.40 6.84 23.76
CA LEU C 356 -41.16 5.82 24.80
C LEU C 356 -41.62 6.21 26.21
N GLY C 357 -41.80 7.51 26.47
CA GLY C 357 -42.15 8.05 27.79
C GLY C 357 -41.00 8.00 28.83
N VAL C 358 -39.78 7.65 28.42
CA VAL C 358 -38.66 7.51 29.35
C VAL C 358 -38.26 8.87 29.90
N THR C 359 -38.11 8.97 31.23
CA THR C 359 -37.57 10.19 31.84
C THR C 359 -36.08 10.33 31.49
N VAL C 360 -35.65 11.52 31.06
CA VAL C 360 -34.38 11.69 30.35
C VAL C 360 -33.72 13.00 30.72
N THR C 361 -32.41 13.11 30.51
CA THR C 361 -31.67 14.36 30.64
C THR C 361 -30.52 14.40 29.63
N ILE C 362 -30.20 15.59 29.13
CA ILE C 362 -29.12 15.82 28.19
C ILE C 362 -28.31 17.03 28.61
N THR C 363 -26.99 16.93 28.51
CA THR C 363 -26.04 17.94 28.97
C THR C 363 -24.99 18.18 27.89
N VAL C 364 -24.70 19.44 27.60
CA VAL C 364 -23.78 19.82 26.54
C VAL C 364 -22.77 20.83 27.07
N SER C 365 -21.51 20.58 26.78
CA SER C 365 -20.39 21.40 27.22
C SER C 365 -19.21 21.26 26.26
N GLY C 366 -18.48 22.33 25.96
CA GLY C 366 -17.41 22.29 24.95
C GLY C 366 -17.95 21.77 23.61
N ASP C 367 -17.38 20.66 23.13
CA ASP C 367 -17.88 19.86 22.01
C ASP C 367 -18.37 18.46 22.45
N ILE C 368 -18.80 18.33 23.72
CA ILE C 368 -19.22 17.08 24.36
C ILE C 368 -20.73 17.13 24.63
N VAL C 369 -21.42 16.06 24.26
CA VAL C 369 -22.82 15.79 24.66
C VAL C 369 -22.85 14.57 25.57
N VAL C 370 -23.38 14.71 26.78
CA VAL C 370 -23.62 13.61 27.73
C VAL C 370 -25.11 13.42 27.85
N ILE C 371 -25.62 12.22 27.65
CA ILE C 371 -27.03 11.90 27.84
C ILE C 371 -27.16 10.85 28.94
N MET C 372 -28.19 10.99 29.78
CA MET C 372 -28.59 9.97 30.74
C MET C 372 -30.10 9.75 30.67
N VAL C 373 -30.52 8.50 30.75
CA VAL C 373 -31.93 8.09 30.87
C VAL C 373 -32.08 7.30 32.17
N VAL C 374 -33.21 7.44 32.84
CA VAL C 374 -33.49 6.78 34.13
C VAL C 374 -34.98 6.49 34.22
N VAL C 375 -35.39 5.39 34.85
CA VAL C 375 -36.80 4.97 34.86
C VAL C 375 -37.14 4.29 36.17
N GLY C 376 -38.36 4.50 36.68
CA GLY C 376 -38.87 3.86 37.91
C GLY C 376 -38.28 4.41 39.22
N ALA C 377 -37.16 5.13 39.16
CA ALA C 377 -36.55 5.84 40.28
C ALA C 377 -37.47 6.95 40.82
N SER C 378 -37.45 7.19 42.13
CA SER C 378 -38.20 8.29 42.76
C SER C 378 -37.68 9.68 42.36
N ASP C 379 -38.43 10.72 42.69
CA ASP C 379 -38.05 12.12 42.42
C ASP C 379 -36.66 12.47 43.00
N GLU C 380 -36.37 12.02 44.23
CA GLU C 380 -35.07 12.26 44.88
C GLU C 380 -33.94 11.50 44.17
N GLU C 381 -34.15 10.23 43.83
CA GLU C 381 -33.19 9.43 43.07
C GLU C 381 -32.96 10.00 41.66
N GLN C 382 -34.01 10.50 41.01
CA GLN C 382 -33.89 11.23 39.75
C GLN C 382 -33.06 12.51 39.94
N GLU C 383 -33.31 13.31 40.97
CA GLU C 383 -32.53 14.52 41.22
C GLU C 383 -31.07 14.21 41.52
N GLU C 384 -30.79 13.15 42.27
CA GLU C 384 -29.43 12.65 42.42
C GLU C 384 -28.84 12.20 41.07
N ALA C 385 -29.59 11.49 40.24
CA ALA C 385 -29.12 11.16 38.91
C ALA C 385 -28.84 12.43 38.09
N ARG C 386 -29.68 13.46 38.22
CA ARG C 386 -29.47 14.74 37.54
C ARG C 386 -28.17 15.36 38.00
N ARG C 387 -27.93 15.40 39.31
CA ARG C 387 -26.66 15.86 39.87
C ARG C 387 -25.52 15.04 39.28
N LEU C 388 -25.66 13.72 39.25
CA LEU C 388 -24.62 12.84 38.74
C LEU C 388 -24.34 13.10 37.27
N VAL C 389 -25.34 13.21 36.39
CA VAL C 389 -25.02 13.42 34.98
C VAL C 389 -24.32 14.76 34.78
N GLN C 390 -24.71 15.79 35.52
CA GLN C 390 -24.01 17.06 35.45
C GLN C 390 -22.56 16.92 35.93
N GLU C 391 -22.34 16.22 37.03
CA GLU C 391 -20.99 15.89 37.50
C GLU C 391 -20.23 15.05 36.47
N ILE C 392 -20.90 14.13 35.77
CA ILE C 392 -20.30 13.33 34.72
C ILE C 392 -19.86 14.24 33.58
N ALA C 393 -20.67 15.23 33.23
CA ALA C 393 -20.27 16.21 32.24
C ALA C 393 -19.08 17.03 32.72
N ARG C 394 -19.07 17.52 33.96
CA ARG C 394 -17.90 18.22 34.52
C ARG C 394 -16.66 17.35 34.43
N ALA C 395 -16.71 16.14 34.96
CA ALA C 395 -15.59 15.22 34.94
C ALA C 395 -15.11 14.94 33.51
N LEU C 396 -16.01 14.68 32.57
CA LEU C 396 -15.64 14.41 31.18
C LEU C 396 -15.01 15.63 30.51
N GLN C 397 -15.55 16.83 30.73
CA GLN C 397 -14.96 18.04 30.19
C GLN C 397 -13.62 18.37 30.84
N GLU C 398 -13.48 18.21 32.15
CA GLU C 398 -12.19 18.40 32.82
C GLU C 398 -11.16 17.35 32.35
N ALA C 399 -11.58 16.11 32.10
CA ALA C 399 -10.72 15.10 31.48
C ALA C 399 -10.32 15.49 30.05
N LYS C 400 -11.23 16.07 29.24
CA LYS C 400 -10.85 16.64 27.95
C LYS C 400 -9.94 17.86 28.08
N ARG C 401 -10.05 18.64 29.17
CA ARG C 401 -9.09 19.72 29.52
C ARG C 401 -7.71 19.15 29.87
N LYS C 402 -7.66 17.99 30.53
CA LYS C 402 -6.43 17.18 30.68
C LYS C 402 -5.97 16.50 29.38
N GLY C 403 -6.76 16.59 28.30
CA GLY C 403 -6.46 16.01 26.99
C GLY C 403 -6.68 14.50 26.88
N ALA C 404 -7.50 13.91 27.76
CA ALA C 404 -7.70 12.47 27.83
C ALA C 404 -8.33 11.90 26.54
N ASN C 405 -7.85 10.75 26.09
CA ASN C 405 -8.46 9.97 25.00
C ASN C 405 -9.54 9.02 25.52
N GLU C 406 -10.41 8.55 24.64
CA GLU C 406 -11.66 7.86 25.00
C GLU C 406 -11.44 6.61 25.87
N GLU C 407 -10.32 5.90 25.72
CA GLU C 407 -9.99 4.75 26.57
C GLU C 407 -10.04 5.11 28.06
N GLN C 408 -9.45 6.25 28.42
CA GLN C 408 -9.49 6.77 29.78
C GLN C 408 -10.90 7.19 30.15
N LEU C 409 -11.66 7.76 29.21
CA LEU C 409 -13.03 8.19 29.48
C LEU C 409 -13.93 6.98 29.80
N GLU C 410 -13.78 5.86 29.10
CA GLU C 410 -14.57 4.65 29.38
C GLU C 410 -14.30 4.11 30.79
N GLN C 411 -13.04 4.17 31.24
CA GLN C 411 -12.67 3.86 32.62
C GLN C 411 -13.15 4.94 33.59
N LEU C 412 -13.09 6.21 33.24
CA LEU C 412 -13.58 7.30 34.07
C LEU C 412 -15.09 7.15 34.29
N LEU C 413 -15.85 6.73 33.28
CA LEU C 413 -17.26 6.40 33.46
C LEU C 413 -17.45 5.20 34.40
N ARG C 414 -16.55 4.21 34.40
CA ARG C 414 -16.56 3.14 35.41
C ARG C 414 -16.32 3.72 36.82
N GLU C 415 -15.31 4.57 36.99
CA GLU C 415 -15.01 5.22 38.27
C GLU C 415 -16.13 6.15 38.72
N LEU C 416 -16.81 6.80 37.79
CA LEU C 416 -18.00 7.59 38.05
C LEU C 416 -19.23 6.72 38.37
N LEU C 417 -19.35 5.53 37.79
CA LEU C 417 -20.40 4.57 38.16
C LEU C 417 -20.17 4.06 39.58
N GLU C 418 -18.93 3.73 39.92
CA GLU C 418 -18.54 3.41 41.30
C GLU C 418 -18.90 4.56 42.24
N ARG C 419 -18.51 5.79 41.91
CA ARG C 419 -18.87 6.98 42.70
C ARG C 419 -20.38 7.10 42.89
N ALA C 420 -21.17 6.91 41.84
CA ALA C 420 -22.62 7.00 41.90
C ALA C 420 -23.22 5.97 42.88
N GLU C 421 -22.69 4.74 42.90
CA GLU C 421 -23.10 3.70 43.84
C GLU C 421 -22.52 3.89 45.27
N ARG C 422 -21.66 4.90 45.50
CA ARG C 422 -20.91 5.08 46.76
C ARG C 422 -21.06 6.45 47.43
N GLU C 423 -21.56 7.48 46.72
CA GLU C 423 -22.10 8.69 47.36
C GLU C 423 -23.51 8.47 47.96
N GLY C 424 -24.25 7.46 47.49
CA GLY C 424 -25.61 7.11 47.94
C GLY C 424 -25.67 6.54 49.35
N GLU D 1 -25.56 -46.02 40.79
CA GLU D 1 -24.20 -45.50 41.13
C GLU D 1 -23.40 -45.10 39.89
N GLU D 2 -23.09 -46.02 38.96
CA GLU D 2 -22.15 -45.79 37.85
C GLU D 2 -22.50 -44.57 36.96
N ARG D 3 -23.76 -44.43 36.53
CA ARG D 3 -24.21 -43.27 35.73
C ARG D 3 -24.00 -41.94 36.46
N LYS D 4 -24.26 -41.90 37.77
CA LYS D 4 -23.97 -40.73 38.60
C LYS D 4 -22.47 -40.45 38.66
N LYS D 5 -21.63 -41.47 38.83
CA LYS D 5 -20.16 -41.28 38.77
C LYS D 5 -19.71 -40.73 37.43
N GLU D 6 -20.24 -41.23 36.31
CA GLU D 6 -19.96 -40.67 34.99
C GLU D 6 -20.43 -39.22 34.87
N LEU D 7 -21.70 -38.92 35.20
CA LEU D 7 -22.20 -37.55 35.19
C LEU D 7 -21.34 -36.63 36.06
N ALA D 8 -20.91 -37.10 37.24
CA ALA D 8 -20.04 -36.32 38.10
C ALA D 8 -18.71 -36.04 37.41
N LYS D 9 -18.07 -37.05 36.79
CA LYS D 9 -16.85 -36.84 36.02
C LYS D 9 -17.08 -35.84 34.88
N GLU D 10 -18.19 -35.95 34.18
CA GLU D 10 -18.52 -34.99 33.13
C GLU D 10 -18.72 -33.59 33.69
N VAL D 11 -19.44 -33.44 34.80
CA VAL D 11 -19.60 -32.15 35.46
C VAL D 11 -18.23 -31.60 35.84
N ILE D 12 -17.42 -32.39 36.52
CA ILE D 12 -16.08 -32.00 36.99
C ILE D 12 -15.22 -31.54 35.83
N GLU D 13 -15.16 -32.31 34.76
CA GLU D 13 -14.40 -31.94 33.56
C GLU D 13 -14.93 -30.66 32.96
N THR D 14 -16.25 -30.54 32.84
CA THR D 14 -16.84 -29.33 32.30
C THR D 14 -16.53 -28.16 33.21
N ALA D 15 -16.51 -28.37 34.53
CA ALA D 15 -16.16 -27.33 35.48
C ALA D 15 -14.70 -26.92 35.28
N LYS D 16 -13.77 -27.88 35.21
CA LYS D 16 -12.35 -27.59 34.97
C LYS D 16 -12.20 -26.76 33.68
N LYS D 17 -12.85 -27.22 32.60
CA LYS D 17 -12.87 -26.52 31.30
C LYS D 17 -13.43 -25.10 31.44
N LEU D 18 -14.59 -24.96 32.08
CA LEU D 18 -15.22 -23.66 32.29
C LEU D 18 -14.33 -22.75 33.13
N ILE D 19 -13.68 -23.30 34.14
CA ILE D 19 -12.75 -22.56 34.98
C ILE D 19 -11.63 -22.02 34.10
N GLU D 20 -11.05 -22.84 33.23
CA GLU D 20 -10.02 -22.37 32.32
C GLU D 20 -10.57 -21.30 31.36
N LYS D 21 -11.76 -21.54 30.80
CA LYS D 21 -12.43 -20.62 29.87
C LYS D 21 -12.62 -19.26 30.52
N LEU D 22 -13.11 -19.22 31.74
CA LEU D 22 -13.25 -17.99 32.51
C LEU D 22 -11.88 -17.37 32.79
N ALA D 23 -10.92 -18.16 33.29
CA ALA D 23 -9.63 -17.65 33.72
C ALA D 23 -8.82 -17.02 32.58
N LYS D 24 -9.07 -17.45 31.34
CA LYS D 24 -8.43 -16.93 30.13
C LYS D 24 -8.68 -15.44 29.90
N GLU D 25 -9.84 -14.92 30.31
CA GLU D 25 -10.36 -13.66 29.75
C GLU D 25 -9.79 -12.37 30.36
N GLU D 26 -9.35 -12.37 31.62
CA GLU D 26 -9.05 -11.13 32.39
C GLU D 26 -7.94 -11.28 33.44
N THR E 3 -24.46 29.18 38.37
CA THR E 3 -25.39 28.64 37.36
C THR E 3 -26.75 29.31 37.47
N VAL E 4 -27.61 29.15 36.46
CA VAL E 4 -29.01 29.62 36.48
C VAL E 4 -29.92 28.47 36.05
N THR E 5 -31.13 28.38 36.58
CA THR E 5 -32.11 27.32 36.27
C THR E 5 -33.47 27.89 35.87
N PHE E 6 -34.14 27.22 34.93
CA PHE E 6 -35.49 27.51 34.45
C PHE E 6 -36.38 26.26 34.53
N ASP E 7 -37.69 26.49 34.66
CA ASP E 7 -38.68 25.47 34.98
C ASP E 7 -40.02 25.81 34.32
N ILE E 8 -40.59 24.91 33.52
CA ILE E 8 -41.59 25.26 32.51
C ILE E 8 -42.76 24.27 32.52
N THR E 9 -43.81 24.61 33.26
CA THR E 9 -44.94 23.72 33.57
C THR E 9 -45.99 23.62 32.46
N ASN E 10 -46.72 22.52 32.41
CA ASN E 10 -47.87 22.25 31.52
C ASN E 10 -47.59 22.42 30.01
N ILE E 11 -46.33 22.29 29.61
CA ILE E 11 -45.87 22.53 28.24
C ILE E 11 -46.21 21.37 27.28
N ASP E 12 -46.75 21.70 26.11
CA ASP E 12 -47.00 20.72 25.03
C ASP E 12 -45.70 20.36 24.29
N TRP E 13 -45.60 19.15 23.73
CA TRP E 13 -44.34 18.61 23.22
C TRP E 13 -43.72 19.46 22.10
N GLU E 14 -44.53 19.96 21.17
CA GLU E 14 -44.03 20.80 20.08
C GLU E 14 -43.51 22.16 20.60
N THR E 15 -44.17 22.70 21.63
CA THR E 15 -43.69 23.88 22.34
C THR E 15 -42.35 23.58 22.98
N ALA E 16 -42.23 22.45 23.67
CA ALA E 16 -41.00 22.08 24.34
C ALA E 16 -39.86 21.89 23.33
N GLU E 17 -40.14 21.26 22.19
CA GLU E 17 -39.16 21.11 21.12
C GLU E 17 -38.67 22.47 20.64
N TRP E 18 -39.57 23.43 20.44
CA TRP E 18 -39.17 24.77 20.03
C TRP E 18 -38.26 25.44 21.07
N ILE E 19 -38.53 25.26 22.37
CA ILE E 19 -37.78 25.95 23.42
C ILE E 19 -36.32 25.53 23.39
N MET E 20 -36.03 24.23 23.47
CA MET E 20 -34.63 23.84 23.58
C MET E 20 -33.85 24.30 22.33
N LYS E 21 -34.46 24.22 21.16
CA LYS E 21 -33.77 24.56 19.90
C LYS E 21 -33.27 26.00 19.96
N HIS E 22 -34.12 26.93 20.36
CA HIS E 22 -33.68 28.30 20.61
C HIS E 22 -32.62 28.33 21.73
N VAL E 23 -32.92 27.76 22.89
CA VAL E 23 -32.10 28.00 24.08
C VAL E 23 -30.69 27.46 23.91
N TYR E 24 -30.53 26.28 23.31
CA TYR E 24 -29.22 25.75 23.00
C TYR E 24 -28.43 26.71 22.10
N LEU E 25 -29.06 27.24 21.05
CA LEU E 25 -28.39 28.18 20.17
C LEU E 25 -27.99 29.44 20.94
N ILE E 26 -28.79 29.90 21.90
CA ILE E 26 -28.38 31.02 22.77
C ILE E 26 -27.22 30.61 23.67
N ALA E 27 -27.24 29.43 24.28
CA ALA E 27 -26.13 28.97 25.10
C ALA E 27 -24.83 28.86 24.30
N LYS E 28 -24.90 28.33 23.08
CA LYS E 28 -23.78 28.26 22.15
C LYS E 28 -23.33 29.65 21.66
N LYS E 29 -24.24 30.61 21.48
CA LYS E 29 -23.92 32.03 21.18
C LYS E 29 -23.21 32.71 22.36
N GLU E 30 -23.63 32.42 23.59
CA GLU E 30 -22.98 32.83 24.83
C GLU E 30 -21.70 32.02 25.15
N GLY E 31 -21.41 30.96 24.40
CA GLY E 31 -20.22 30.13 24.57
C GLY E 31 -20.18 29.35 25.89
N THR E 32 -21.34 28.89 26.39
CA THR E 32 -21.48 28.35 27.75
C THR E 32 -22.15 26.97 27.81
N ASP E 33 -21.92 26.26 28.91
CA ASP E 33 -22.40 24.90 29.14
C ASP E 33 -23.87 24.88 29.59
N VAL E 34 -24.57 23.79 29.30
CA VAL E 34 -26.01 23.67 29.55
C VAL E 34 -26.46 22.25 29.86
N THR E 35 -27.58 22.13 30.56
CA THR E 35 -28.33 20.89 30.79
C THR E 35 -29.81 21.11 30.54
N PHE E 36 -30.49 20.11 29.99
CA PHE E 36 -31.92 20.09 29.71
C PHE E 36 -32.53 18.75 30.17
N SER E 37 -33.76 18.77 30.69
CA SER E 37 -34.48 17.59 31.14
C SER E 37 -35.93 17.66 30.68
N PHE E 38 -36.48 16.53 30.22
CA PHE E 38 -37.78 16.46 29.54
C PHE E 38 -38.70 15.41 30.14
N LYS E 39 -39.98 15.68 30.11
CA LYS E 39 -41.09 14.82 30.52
C LYS E 39 -42.30 15.06 29.61
N GLU E 40 -43.31 14.21 29.70
CA GLU E 40 -44.66 14.59 29.26
C GLU E 40 -45.17 15.77 30.11
N GLY E 41 -45.32 16.95 29.50
CA GLY E 41 -45.92 18.12 30.15
C GLY E 41 -44.98 19.07 30.92
N GLU E 42 -43.67 18.82 30.97
CA GLU E 42 -42.73 19.63 31.76
C GLU E 42 -41.33 19.66 31.15
N LEU E 43 -40.64 20.79 31.25
CA LEU E 43 -39.28 21.01 30.76
C LEU E 43 -38.46 21.81 31.78
N GLN E 44 -37.21 21.43 32.02
CA GLN E 44 -36.30 22.14 32.90
C GLN E 44 -34.93 22.32 32.26
N ILE E 45 -34.30 23.46 32.49
CA ILE E 45 -33.06 23.86 31.82
C ILE E 45 -32.13 24.48 32.82
N THR E 46 -30.84 24.19 32.75
CA THR E 46 -29.83 24.80 33.62
C THR E 46 -28.62 25.20 32.80
N VAL E 47 -28.08 26.37 33.09
CA VAL E 47 -27.09 27.07 32.27
C VAL E 47 -25.93 27.52 33.14
N LYS E 48 -24.71 27.40 32.63
CA LYS E 48 -23.52 27.92 33.30
C LYS E 48 -23.34 29.43 33.05
N ASN E 49 -22.91 30.17 34.07
CA ASN E 49 -22.46 31.57 34.01
C ASN E 49 -23.40 32.53 33.22
N LEU E 50 -24.72 32.34 33.30
CA LEU E 50 -25.66 33.05 32.43
C LEU E 50 -25.75 34.55 32.76
N HIS E 51 -25.53 35.39 31.75
CA HIS E 51 -25.67 36.85 31.83
C HIS E 51 -27.14 37.25 31.87
N GLU E 52 -27.48 38.29 32.63
CA GLU E 52 -28.87 38.72 32.81
C GLU E 52 -29.56 39.11 31.49
N GLU E 53 -28.86 39.70 30.53
CA GLU E 53 -29.48 40.07 29.24
C GLU E 53 -29.92 38.82 28.46
N ALA E 54 -29.05 37.80 28.40
CA ALA E 54 -29.41 36.51 27.83
C ALA E 54 -30.50 35.82 28.65
N LYS E 55 -30.46 35.93 29.99
CA LYS E 55 -31.53 35.43 30.87
C LYS E 55 -32.87 36.06 30.53
N ARG E 56 -32.90 37.37 30.30
CA ARG E 56 -34.10 38.07 29.82
C ARG E 56 -34.50 37.61 28.43
N GLU E 57 -33.57 37.38 27.51
CA GLU E 57 -33.93 36.79 26.20
C GLU E 57 -34.59 35.42 26.36
N ILE E 58 -33.97 34.52 27.13
CA ILE E 58 -34.51 33.19 27.37
C ILE E 58 -35.88 33.28 28.05
N GLU E 59 -36.02 34.17 29.04
CA GLU E 59 -37.29 34.37 29.73
C GLU E 59 -38.37 34.87 28.77
N LYS E 60 -38.06 35.84 27.91
CA LYS E 60 -39.00 36.31 26.88
C LYS E 60 -39.41 35.16 25.98
N TRP E 61 -38.45 34.37 25.50
CA TRP E 61 -38.74 33.21 24.66
C TRP E 61 -39.70 32.26 25.36
N ILE E 62 -39.41 31.91 26.61
CA ILE E 62 -40.23 30.99 27.38
C ILE E 62 -41.62 31.57 27.57
N ARG E 63 -41.73 32.84 27.95
CA ARG E 63 -43.03 33.50 28.09
C ARG E 63 -43.80 33.42 26.78
N ALA E 64 -43.16 33.80 25.67
CA ALA E 64 -43.75 33.71 24.35
C ALA E 64 -44.16 32.28 24.00
N ALA E 65 -43.40 31.27 24.41
CA ALA E 65 -43.74 29.90 24.14
C ALA E 65 -45.06 29.52 24.82
N GLN E 66 -45.22 29.89 26.10
CA GLN E 66 -46.47 29.63 26.79
C GLN E 66 -47.62 30.38 26.10
N LEU E 67 -47.44 31.66 25.85
CA LEU E 67 -48.46 32.50 25.24
C LEU E 67 -48.86 32.04 23.83
N ALA E 68 -47.94 31.43 23.08
CA ALA E 68 -48.21 30.87 21.75
C ALA E 68 -48.90 29.49 21.82
N GLN E 69 -48.75 28.77 22.94
CA GLN E 69 -49.47 27.52 23.18
C GLN E 69 -50.91 27.79 23.67
N ASP E 70 -51.10 28.82 24.48
CA ASP E 70 -52.39 29.14 25.08
C ASP E 70 -53.56 29.18 24.08
N PRO E 71 -54.77 28.70 24.45
CA PRO E 71 -55.96 28.78 23.61
C PRO E 71 -56.55 30.19 23.51
N ASP E 72 -56.26 31.06 24.49
CA ASP E 72 -56.77 32.44 24.58
C ASP E 72 -56.18 33.36 23.49
N ALA E 73 -57.06 34.04 22.75
CA ALA E 73 -56.68 35.04 21.75
C ALA E 73 -55.82 36.18 22.33
N GLU E 74 -56.04 36.58 23.59
CA GLU E 74 -55.25 37.63 24.24
C GLU E 74 -53.83 37.15 24.58
N SER E 75 -53.66 35.89 24.96
CA SER E 75 -52.31 35.30 25.07
C SER E 75 -51.63 35.28 23.71
N LYS E 76 -52.31 34.80 22.66
CA LYS E 76 -51.73 34.76 21.30
C LYS E 76 -51.40 36.15 20.77
N ALA E 77 -52.17 37.18 21.13
CA ALA E 77 -51.81 38.55 20.82
C ALA E 77 -50.50 38.96 21.52
N GLU E 78 -50.35 38.66 22.81
CA GLU E 78 -49.08 38.94 23.49
C GLU E 78 -47.93 38.09 22.94
N ALA E 79 -48.19 36.86 22.49
CA ALA E 79 -47.21 36.07 21.76
C ALA E 79 -46.77 36.79 20.49
N ARG E 80 -47.70 37.24 19.65
CA ARG E 80 -47.38 38.01 18.43
C ARG E 80 -46.51 39.20 18.79
N LYS E 81 -46.89 39.98 19.81
CA LYS E 81 -46.11 41.13 20.29
C LYS E 81 -44.69 40.72 20.71
N ILE E 82 -44.53 39.73 21.58
CA ILE E 82 -43.18 39.37 22.04
C ILE E 82 -42.36 38.73 20.91
N LEU E 83 -42.96 37.91 20.06
CA LEU E 83 -42.25 37.33 18.92
C LEU E 83 -41.81 38.45 17.99
N ASN E 84 -42.70 39.38 17.64
CA ASN E 84 -42.36 40.54 16.84
C ASN E 84 -41.28 41.40 17.51
N GLU E 85 -41.28 41.51 18.84
CA GLU E 85 -40.26 42.23 19.58
C GLU E 85 -38.89 41.56 19.43
N LEU E 86 -38.80 40.26 19.69
CA LEU E 86 -37.58 39.49 19.45
C LEU E 86 -37.14 39.60 17.98
N ILE E 87 -38.06 39.41 17.04
CA ILE E 87 -37.80 39.53 15.61
C ILE E 87 -37.22 40.89 15.30
N THR E 88 -37.84 41.95 15.81
CA THR E 88 -37.40 43.32 15.58
C THR E 88 -36.00 43.55 16.15
N GLU E 89 -35.74 43.15 17.40
CA GLU E 89 -34.41 43.30 17.97
C GLU E 89 -33.37 42.50 17.20
N LYS E 90 -33.67 41.27 16.78
CA LYS E 90 -32.71 40.48 16.00
C LYS E 90 -32.53 41.06 14.60
N ALA E 91 -33.58 41.60 13.99
CA ALA E 91 -33.47 42.28 12.72
C ALA E 91 -32.60 43.54 12.86
N GLU E 92 -32.72 44.29 13.94
CA GLU E 92 -31.80 45.38 14.24
C GLU E 92 -30.37 44.88 14.45
N GLU E 93 -30.18 43.77 15.16
CA GLU E 93 -28.86 43.15 15.36
C GLU E 93 -28.20 42.77 14.03
N LEU E 94 -28.98 42.41 13.01
CA LEU E 94 -28.45 42.06 11.70
C LEU E 94 -27.87 43.26 10.95
N ARG E 95 -28.37 44.48 11.16
CA ARG E 95 -28.09 45.65 10.30
C ARG E 95 -26.60 45.88 10.11
N GLU E 96 -25.88 46.21 11.18
CA GLU E 96 -24.46 46.54 11.11
C GLU E 96 -23.52 45.34 10.95
N LYS E 97 -24.03 44.10 10.88
CA LYS E 97 -23.25 42.98 10.38
C LYS E 97 -22.91 43.15 8.90
N THR E 98 -23.82 43.77 8.14
CA THR E 98 -23.80 43.75 6.67
C THR E 98 -23.02 44.91 6.04
N LYS E 99 -22.53 44.70 4.82
CA LYS E 99 -21.99 45.71 3.91
C LYS E 99 -22.94 46.04 2.75
N ASP E 100 -23.69 45.08 2.22
CA ASP E 100 -24.55 45.30 1.04
C ASP E 100 -25.91 45.95 1.38
N GLU E 101 -26.20 47.11 0.80
CA GLU E 101 -27.46 47.82 1.06
C GLU E 101 -28.71 47.07 0.56
N GLU E 102 -28.62 46.26 -0.49
CA GLU E 102 -29.78 45.45 -0.90
C GLU E 102 -30.13 44.44 0.21
N VAL E 103 -29.11 43.85 0.85
CA VAL E 103 -29.33 42.96 1.99
C VAL E 103 -29.97 43.74 3.13
N ARG E 104 -29.53 44.98 3.39
CA ARG E 104 -30.17 45.85 4.40
C ARG E 104 -31.63 46.14 4.06
N GLU E 105 -31.93 46.43 2.80
CA GLU E 105 -33.30 46.60 2.36
C GLU E 105 -34.11 45.31 2.50
N LEU E 106 -33.55 44.16 2.16
CA LEU E 106 -34.19 42.87 2.38
C LEU E 106 -34.50 42.66 3.86
N ALA E 107 -33.56 42.96 4.74
CA ALA E 107 -33.78 42.81 6.17
C ALA E 107 -34.91 43.74 6.64
N ARG E 108 -34.86 45.02 6.26
CA ARG E 108 -35.85 46.02 6.62
C ARG E 108 -37.25 45.56 6.20
N GLU E 109 -37.37 45.07 4.97
CA GLU E 109 -38.63 44.57 4.44
C GLU E 109 -39.08 43.26 5.11
N ALA E 110 -38.16 42.37 5.46
CA ALA E 110 -38.51 41.13 6.17
C ALA E 110 -39.17 41.47 7.51
N ALA E 111 -38.53 42.33 8.30
CA ALA E 111 -39.09 42.78 9.56
C ALA E 111 -40.48 43.40 9.37
N ARG E 112 -40.64 44.25 8.35
CA ARG E 112 -41.94 44.85 8.03
C ARG E 112 -42.99 43.79 7.73
N LEU E 113 -42.69 42.82 6.87
CA LEU E 113 -43.62 41.74 6.51
C LEU E 113 -44.01 40.91 7.74
N ALA E 114 -43.05 40.56 8.58
CA ALA E 114 -43.32 39.81 9.80
C ALA E 114 -44.24 40.58 10.75
N LEU E 115 -43.95 41.86 10.97
CA LEU E 115 -44.74 42.74 11.83
C LEU E 115 -46.17 42.92 11.32
N GLU E 116 -46.33 43.02 10.00
CA GLU E 116 -47.64 43.07 9.35
C GLU E 116 -48.36 41.70 9.36
N SER E 117 -47.65 40.60 9.61
CA SER E 117 -48.22 39.25 9.50
C SER E 117 -49.18 38.92 10.65
N ASP E 118 -50.13 38.02 10.38
CA ASP E 118 -51.02 37.40 11.37
C ASP E 118 -50.45 36.12 12.01
N ASP E 119 -49.44 35.47 11.42
CA ASP E 119 -49.15 34.06 11.72
C ASP E 119 -47.87 33.82 12.54
N ILE E 120 -48.07 33.20 13.72
CA ILE E 120 -47.04 32.71 14.60
C ILE E 120 -46.03 31.84 13.85
N GLU E 121 -46.51 30.91 13.02
CA GLU E 121 -45.64 29.92 12.37
C GLU E 121 -44.68 30.61 11.39
N VAL E 122 -45.20 31.56 10.61
CA VAL E 122 -44.34 32.39 9.77
C VAL E 122 -43.35 33.12 10.65
N GLN E 123 -43.84 33.82 11.67
CA GLN E 123 -43.02 34.69 12.49
C GLN E 123 -41.86 33.92 13.10
N ARG E 124 -42.11 32.73 13.63
CA ARG E 124 -41.05 31.84 14.13
C ARG E 124 -40.02 31.49 13.05
N VAL E 125 -40.43 31.08 11.86
CA VAL E 125 -39.46 30.71 10.81
C VAL E 125 -38.72 31.92 10.29
N VAL E 126 -39.38 33.08 10.22
CA VAL E 126 -38.69 34.33 9.96
C VAL E 126 -37.64 34.54 11.02
N LEU E 127 -37.97 34.36 12.30
CA LEU E 127 -36.99 34.45 13.38
C LEU E 127 -35.84 33.45 13.19
N LYS E 128 -36.12 32.22 12.73
CA LYS E 128 -35.08 31.24 12.42
C LYS E 128 -34.18 31.74 11.30
N ALA E 129 -34.76 32.30 10.23
CA ALA E 129 -33.97 32.85 9.13
C ALA E 129 -33.05 33.96 9.64
N LEU E 130 -33.58 34.94 10.36
CA LEU E 130 -32.78 35.99 10.92
C LEU E 130 -31.69 35.40 11.82
N LEU E 131 -32.01 34.40 12.65
CA LEU E 131 -31.01 33.73 13.48
C LEU E 131 -29.91 33.06 12.64
N ALA E 132 -30.27 32.47 11.49
CA ALA E 132 -29.30 31.92 10.56
C ALA E 132 -28.45 33.02 9.92
N ALA E 133 -29.05 34.16 9.57
CA ALA E 133 -28.31 35.29 9.01
C ALA E 133 -27.26 35.82 10.01
N LEU E 134 -27.60 35.90 11.30
CA LEU E 134 -26.63 36.31 12.32
C LEU E 134 -25.44 35.34 12.36
N LYS E 135 -25.69 34.03 12.28
CA LYS E 135 -24.64 33.00 12.21
C LYS E 135 -23.85 33.02 10.90
N SER E 136 -24.44 33.50 9.80
CA SER E 136 -23.87 33.39 8.45
C SER E 136 -22.52 34.10 8.30
N LYS E 137 -21.69 33.56 7.41
CA LYS E 137 -20.37 34.08 7.02
C LYS E 137 -20.41 34.86 5.71
N ASP E 138 -21.31 34.48 4.79
CA ASP E 138 -21.36 35.04 3.44
C ASP E 138 -22.63 35.88 3.21
N GLU E 139 -22.49 37.19 2.94
CA GLU E 139 -23.65 38.05 2.69
C GLU E 139 -24.46 37.62 1.44
N GLU E 140 -23.88 36.90 0.48
CA GLU E 140 -24.66 36.28 -0.59
C GLU E 140 -25.56 35.18 -0.04
N VAL E 141 -25.07 34.36 0.90
CA VAL E 141 -25.96 33.42 1.59
C VAL E 141 -26.97 34.17 2.45
N ILE E 142 -26.61 35.32 3.03
CA ILE E 142 -27.61 36.14 3.74
C ILE E 142 -28.69 36.57 2.75
N ARG E 143 -28.33 36.99 1.54
CA ARG E 143 -29.30 37.32 0.48
C ARG E 143 -30.21 36.12 0.22
N LEU E 144 -29.66 34.91 0.05
CA LEU E 144 -30.50 33.72 -0.14
C LEU E 144 -31.43 33.51 1.05
N LEU E 145 -30.89 33.54 2.27
CA LEU E 145 -31.67 33.34 3.48
C LEU E 145 -32.81 34.36 3.55
N LEU E 146 -32.47 35.63 3.49
CA LEU E 146 -33.47 36.67 3.60
C LEU E 146 -34.47 36.55 2.45
N LEU E 147 -34.04 36.34 1.21
CA LEU E 147 -34.98 36.17 0.10
C LEU E 147 -35.97 35.05 0.39
N ALA E 148 -35.50 33.92 0.93
CA ALA E 148 -36.42 32.84 1.29
C ALA E 148 -37.38 33.32 2.37
N ALA E 149 -36.88 34.02 3.39
CA ALA E 149 -37.74 34.50 4.46
C ALA E 149 -38.81 35.43 3.90
N VAL E 150 -38.38 36.41 3.11
CA VAL E 150 -39.25 37.38 2.47
C VAL E 150 -40.29 36.64 1.65
N LEU E 151 -39.87 35.70 0.81
CA LEU E 151 -40.75 34.94 -0.05
C LEU E 151 -41.79 34.20 0.79
N ALA E 152 -41.37 33.52 1.84
CA ALA E 152 -42.31 32.79 2.67
C ALA E 152 -43.35 33.77 3.24
N ALA E 153 -42.90 34.86 3.84
CA ALA E 153 -43.79 35.81 4.48
C ALA E 153 -44.75 36.44 3.46
N ALA E 154 -44.20 36.96 2.38
CA ALA E 154 -44.96 37.67 1.35
C ALA E 154 -46.00 36.76 0.68
N ALA E 155 -45.69 35.48 0.50
CA ALA E 155 -46.62 34.48 -0.05
C ALA E 155 -47.68 34.05 0.97
N ALA E 156 -47.33 33.97 2.26
CA ALA E 156 -48.23 33.46 3.29
C ALA E 156 -49.39 34.41 3.66
N ARG E 157 -49.38 35.65 3.16
CA ARG E 157 -50.29 36.71 3.62
C ARG E 157 -51.77 36.32 3.51
N SER E 158 -52.55 36.72 4.51
CA SER E 158 -53.93 36.24 4.74
C SER E 158 -54.91 36.53 3.60
N GLY E 159 -54.70 37.63 2.87
CA GLY E 159 -55.50 38.01 1.70
C GLY E 159 -54.94 37.59 0.34
N SER E 160 -53.86 36.79 0.30
CA SER E 160 -53.12 36.49 -0.94
C SER E 160 -53.92 35.67 -1.96
N PRO E 161 -53.81 35.98 -3.27
CA PRO E 161 -54.09 35.05 -4.35
C PRO E 161 -53.36 33.72 -4.19
N GLU E 162 -54.00 32.63 -4.59
CA GLU E 162 -53.47 31.28 -4.39
C GLU E 162 -52.33 30.94 -5.37
N GLU E 163 -52.32 31.58 -6.54
CA GLU E 163 -51.21 31.47 -7.50
C GLU E 163 -49.88 31.82 -6.87
N LYS E 164 -49.84 32.81 -5.97
CA LYS E 164 -48.60 33.19 -5.27
C LYS E 164 -48.07 32.04 -4.41
N LEU E 165 -48.95 31.30 -3.72
CA LEU E 165 -48.53 30.12 -2.97
C LEU E 165 -47.99 29.05 -3.91
N GLU E 166 -48.64 28.82 -5.05
CA GLU E 166 -48.10 27.85 -6.01
C GLU E 166 -46.72 28.29 -6.52
N ILE E 167 -46.59 29.55 -6.91
CA ILE E 167 -45.32 30.13 -7.36
C ILE E 167 -44.26 29.94 -6.28
N ALA E 168 -44.56 30.30 -5.04
CA ALA E 168 -43.60 30.19 -3.96
C ALA E 168 -43.16 28.74 -3.79
N LYS E 169 -44.10 27.80 -3.81
CA LYS E 169 -43.78 26.38 -3.68
C LYS E 169 -42.89 25.93 -4.82
N LYS E 170 -43.24 26.24 -6.07
CA LYS E 170 -42.43 25.90 -7.24
C LYS E 170 -41.03 26.45 -7.07
N ALA E 171 -40.89 27.72 -6.73
CA ALA E 171 -39.59 28.35 -6.55
C ALA E 171 -38.79 27.70 -5.41
N LEU E 172 -39.41 27.44 -4.27
CA LEU E 172 -38.71 26.83 -3.15
C LEU E 172 -38.31 25.40 -3.50
N GLU E 173 -39.14 24.63 -4.19
CA GLU E 173 -38.76 23.29 -4.62
C GLU E 173 -37.50 23.35 -5.49
N LEU E 174 -37.40 24.30 -6.41
CA LEU E 174 -36.15 24.48 -7.15
C LEU E 174 -35.00 24.89 -6.24
N ALA E 175 -35.24 25.77 -5.27
CA ALA E 175 -34.21 26.16 -4.32
C ALA E 175 -33.69 24.96 -3.52
N MET E 176 -34.54 23.95 -3.27
CA MET E 176 -34.12 22.74 -2.58
C MET E 176 -33.48 21.72 -3.53
N LYS E 177 -33.98 21.59 -4.77
CA LYS E 177 -33.47 20.64 -5.78
C LYS E 177 -32.09 21.02 -6.31
N SER E 178 -31.79 22.31 -6.43
CA SER E 178 -30.55 22.83 -7.02
C SER E 178 -29.30 22.58 -6.17
N LYS E 179 -28.13 22.67 -6.79
CA LYS E 179 -26.81 22.79 -6.14
C LYS E 179 -25.97 23.91 -6.78
N ASP E 180 -26.61 25.03 -7.10
CA ASP E 180 -25.98 26.17 -7.80
C ASP E 180 -26.58 27.50 -7.33
N GLU E 181 -25.94 28.13 -6.36
CA GLU E 181 -26.50 29.26 -5.59
C GLU E 181 -26.95 30.42 -6.49
N GLU E 182 -26.26 30.65 -7.60
CA GLU E 182 -26.64 31.68 -8.56
C GLU E 182 -28.03 31.41 -9.14
N VAL E 183 -28.35 30.15 -9.43
CA VAL E 183 -29.67 29.77 -9.94
C VAL E 183 -30.72 29.93 -8.86
N ILE E 184 -30.36 29.55 -7.63
CA ILE E 184 -31.25 29.72 -6.48
C ILE E 184 -31.62 31.21 -6.37
N ARG E 185 -30.63 32.10 -6.46
CA ARG E 185 -30.87 33.54 -6.45
C ARG E 185 -31.80 33.93 -7.57
N LEU E 186 -31.50 33.53 -8.80
CA LEU E 186 -32.30 33.93 -9.97
C LEU E 186 -33.76 33.50 -9.82
N ALA E 187 -34.01 32.30 -9.31
CA ALA E 187 -35.37 31.84 -9.04
C ALA E 187 -36.02 32.64 -7.91
N LEU E 188 -35.35 32.75 -6.75
CA LEU E 188 -35.93 33.40 -5.58
C LEU E 188 -36.22 34.87 -5.86
N LEU E 189 -35.32 35.58 -6.52
CA LEU E 189 -35.53 36.99 -6.85
C LEU E 189 -36.81 37.17 -7.67
N ALA E 190 -36.96 36.39 -8.75
CA ALA E 190 -38.17 36.42 -9.55
C ALA E 190 -39.41 36.09 -8.70
N ALA E 191 -39.31 35.10 -7.82
CA ALA E 191 -40.41 34.75 -6.93
C ALA E 191 -40.74 35.90 -5.97
N VAL E 192 -39.75 36.61 -5.43
CA VAL E 192 -39.99 37.74 -4.52
C VAL E 192 -40.68 38.88 -5.25
N LEU E 193 -40.21 39.20 -6.46
CA LEU E 193 -40.87 40.20 -7.30
C LEU E 193 -42.31 39.81 -7.62
N ALA E 194 -42.59 38.52 -7.86
CA ALA E 194 -43.96 38.03 -8.02
C ALA E 194 -44.76 38.16 -6.71
N ALA E 195 -44.19 37.76 -5.58
CA ALA E 195 -44.90 37.79 -4.30
C ALA E 195 -45.33 39.21 -3.92
N ARG E 196 -44.49 40.20 -4.27
CA ARG E 196 -44.79 41.64 -4.12
C ARG E 196 -45.88 42.16 -5.04
N SER E 197 -46.11 41.52 -6.19
CA SER E 197 -46.90 42.10 -7.29
C SER E 197 -48.39 42.28 -6.95
N ASP E 198 -48.99 43.39 -7.38
CA ASP E 198 -50.44 43.56 -7.51
C ASP E 198 -50.97 43.12 -8.91
N ASP E 199 -50.07 42.84 -9.85
CA ASP E 199 -50.37 42.54 -11.26
C ASP E 199 -50.15 41.05 -11.57
N GLU E 200 -51.21 40.39 -12.06
CA GLU E 200 -51.21 38.97 -12.42
C GLU E 200 -50.33 38.65 -13.63
N GLU E 201 -50.03 39.62 -14.51
CA GLU E 201 -49.10 39.38 -15.62
C GLU E 201 -47.72 38.97 -15.09
N VAL E 202 -47.25 39.62 -14.02
CA VAL E 202 -45.98 39.27 -13.38
C VAL E 202 -46.05 37.85 -12.83
N LEU E 203 -47.16 37.49 -12.18
CA LEU E 203 -47.36 36.14 -11.65
C LEU E 203 -47.26 35.11 -12.79
N LYS E 204 -48.00 35.33 -13.88
CA LYS E 204 -48.02 34.45 -15.05
C LYS E 204 -46.62 34.28 -15.61
N LYS E 205 -45.93 35.39 -15.87
CA LYS E 205 -44.56 35.39 -16.40
C LYS E 205 -43.62 34.62 -15.49
N VAL E 206 -43.63 34.90 -14.20
CA VAL E 206 -42.72 34.24 -13.25
C VAL E 206 -43.01 32.76 -13.15
N LYS E 207 -44.29 32.35 -13.14
CA LYS E 207 -44.67 30.93 -13.06
C LYS E 207 -44.18 30.15 -14.29
N GLU E 208 -44.35 30.70 -15.48
CA GLU E 208 -43.81 30.10 -16.69
C GLU E 208 -42.28 30.09 -16.67
N ALA E 209 -41.64 31.15 -16.19
CA ALA E 209 -40.18 31.18 -16.07
C ALA E 209 -39.66 30.11 -15.10
N LEU E 210 -40.29 29.96 -13.94
CA LEU E 210 -39.93 28.91 -12.99
C LEU E 210 -40.15 27.52 -13.60
N GLU E 211 -41.20 27.32 -14.38
CA GLU E 211 -41.38 26.07 -15.11
C GLU E 211 -40.22 25.81 -16.09
N LYS E 212 -39.75 26.83 -16.80
CA LYS E 212 -38.60 26.66 -17.69
C LYS E 212 -37.30 26.45 -16.90
N MET E 213 -37.12 27.10 -15.77
CA MET E 213 -36.02 26.79 -14.86
C MET E 213 -36.08 25.32 -14.44
N GLU E 214 -37.27 24.83 -14.08
CA GLU E 214 -37.45 23.44 -13.72
C GLU E 214 -37.11 22.51 -14.86
N ARG E 215 -37.63 22.77 -16.07
CA ARG E 215 -37.28 21.97 -17.26
C ARG E 215 -35.77 21.90 -17.42
N ILE E 216 -35.10 23.03 -17.30
CA ILE E 216 -33.65 23.10 -17.46
C ILE E 216 -32.95 22.28 -16.38
N MET E 217 -33.34 22.45 -15.12
CA MET E 217 -32.72 21.71 -14.02
C MET E 217 -32.94 20.20 -14.19
N ASP E 218 -34.16 19.78 -14.50
CA ASP E 218 -34.47 18.38 -14.72
C ASP E 218 -33.67 17.81 -15.90
N LEU E 219 -33.54 18.55 -17.01
CA LEU E 219 -32.73 18.07 -18.11
C LEU E 219 -31.27 17.92 -17.70
N GLU E 220 -30.71 18.79 -16.85
CA GLU E 220 -29.34 18.60 -16.37
C GLU E 220 -29.21 17.32 -15.55
N ASP E 221 -30.18 17.01 -14.69
CA ASP E 221 -30.20 15.71 -14.01
C ASP E 221 -30.22 14.56 -15.00
N VAL E 222 -31.05 14.63 -16.05
CA VAL E 222 -31.10 13.59 -17.08
C VAL E 222 -29.74 13.46 -17.77
N ALA E 223 -29.17 14.56 -18.24
CA ALA E 223 -27.91 14.55 -18.97
C ALA E 223 -26.76 14.01 -18.11
N ARG E 224 -26.70 14.44 -16.83
CA ARG E 224 -25.65 14.04 -15.89
C ARG E 224 -25.77 12.56 -15.53
N GLU E 225 -26.93 12.13 -15.02
CA GLU E 225 -27.08 10.77 -14.51
C GLU E 225 -27.04 9.73 -15.64
N LYS E 226 -27.32 10.12 -16.89
CA LYS E 226 -27.15 9.28 -18.09
C LYS E 226 -25.91 9.65 -18.92
N SER E 227 -24.90 10.29 -18.34
CA SER E 227 -23.76 10.84 -19.11
C SER E 227 -23.08 9.78 -19.99
N GLY E 228 -22.65 10.18 -21.19
CA GLY E 228 -22.08 9.30 -22.22
C GLY E 228 -23.11 8.55 -23.08
N SER E 229 -24.40 8.62 -22.76
CA SER E 229 -25.46 7.98 -23.57
C SER E 229 -25.93 8.84 -24.76
N ALA E 230 -26.60 8.19 -25.71
CA ALA E 230 -27.37 8.88 -26.74
C ALA E 230 -28.50 9.74 -26.14
N GLU E 231 -29.11 9.31 -25.03
CA GLU E 231 -30.16 10.10 -24.36
C GLU E 231 -29.59 11.40 -23.79
N ALA E 232 -28.42 11.36 -23.15
CA ALA E 232 -27.74 12.58 -22.72
C ALA E 232 -27.34 13.45 -23.92
N SER E 233 -26.83 12.83 -24.99
CA SER E 233 -26.49 13.54 -26.23
C SER E 233 -27.71 14.26 -26.84
N GLN E 234 -28.90 13.62 -26.80
CA GLN E 234 -30.16 14.25 -27.16
C GLN E 234 -30.54 15.36 -26.18
N ALA E 235 -30.42 15.13 -24.88
CA ALA E 235 -30.77 16.11 -23.86
C ALA E 235 -29.96 17.42 -23.99
N VAL E 236 -28.68 17.36 -24.39
CA VAL E 236 -27.89 18.57 -24.66
C VAL E 236 -28.62 19.47 -25.66
N LYS E 237 -29.08 18.89 -26.77
CA LYS E 237 -29.82 19.62 -27.81
C LYS E 237 -31.04 20.30 -27.20
N GLU E 238 -31.80 19.56 -26.40
CA GLU E 238 -33.02 20.07 -25.80
C GLU E 238 -32.72 21.19 -24.80
N ILE E 239 -31.62 21.11 -24.03
CA ILE E 239 -31.24 22.22 -23.14
C ILE E 239 -31.00 23.46 -23.99
N ALA E 240 -30.22 23.33 -25.06
CA ALA E 240 -30.00 24.43 -25.98
C ALA E 240 -31.31 24.93 -26.61
N ASP E 241 -32.27 24.05 -26.90
CA ASP E 241 -33.58 24.47 -27.40
C ASP E 241 -34.31 25.32 -26.36
N ILE E 242 -34.23 25.00 -25.06
CA ILE E 242 -34.84 25.88 -24.06
C ILE E 242 -34.10 27.21 -24.02
N ALA E 243 -32.78 27.21 -24.16
CA ALA E 243 -32.07 28.47 -24.26
C ALA E 243 -32.59 29.29 -25.46
N GLU E 244 -32.88 28.65 -26.59
CA GLU E 244 -33.52 29.31 -27.72
C GLU E 244 -34.95 29.76 -27.39
N GLU E 245 -35.77 28.96 -26.70
CA GLU E 245 -37.07 29.43 -26.22
C GLU E 245 -36.89 30.71 -25.39
N ALA E 246 -35.93 30.72 -24.47
CA ALA E 246 -35.69 31.85 -23.59
C ALA E 246 -35.30 33.11 -24.37
N LEU E 247 -34.39 32.97 -25.33
CA LEU E 247 -33.94 34.11 -26.14
C LEU E 247 -35.03 34.58 -27.09
N ARG E 248 -35.86 33.69 -27.65
CA ARG E 248 -37.06 34.06 -28.42
C ARG E 248 -38.07 34.80 -27.54
N GLU E 249 -38.18 34.42 -26.27
CA GLU E 249 -39.01 35.07 -25.26
C GLU E 249 -38.32 36.28 -24.59
N GLY E 250 -37.12 36.65 -25.03
CA GLY E 250 -36.40 37.85 -24.58
C GLY E 250 -35.85 37.82 -23.15
N LEU E 251 -35.97 36.70 -22.41
CA LEU E 251 -35.43 36.57 -21.06
C LEU E 251 -33.93 36.30 -21.07
N CYS E 252 -33.13 37.22 -20.53
CA CYS E 252 -31.71 36.98 -20.26
C CYS E 252 -31.48 36.19 -18.96
N GLU E 253 -32.37 36.31 -17.96
CA GLU E 253 -32.17 35.71 -16.65
C GLU E 253 -32.09 34.18 -16.73
N VAL E 254 -33.10 33.54 -17.32
CA VAL E 254 -33.08 32.09 -17.45
C VAL E 254 -32.02 31.64 -18.45
N ALA E 255 -31.70 32.47 -19.45
CA ALA E 255 -30.62 32.13 -20.36
C ALA E 255 -29.30 31.98 -19.60
N ARG E 256 -29.03 32.81 -18.59
CA ARG E 256 -27.86 32.61 -17.72
C ARG E 256 -27.89 31.21 -17.12
N VAL E 257 -29.05 30.78 -16.63
CA VAL E 257 -29.22 29.42 -16.09
C VAL E 257 -28.86 28.41 -17.16
N ALA E 258 -29.45 28.52 -18.34
CA ALA E 258 -29.26 27.53 -19.41
C ALA E 258 -27.79 27.44 -19.81
N LEU E 259 -27.13 28.57 -20.01
CA LEU E 259 -25.71 28.61 -20.31
C LEU E 259 -24.92 27.90 -19.22
N LYS E 260 -25.16 28.27 -17.95
CA LYS E 260 -24.44 27.69 -16.81
C LYS E 260 -24.57 26.19 -16.75
N ARG E 261 -25.77 25.65 -17.01
CA ARG E 261 -26.04 24.21 -16.92
C ARG E 261 -25.25 23.46 -17.99
N LEU E 262 -25.19 24.00 -19.21
CA LEU E 262 -24.33 23.48 -20.27
C LEU E 262 -22.87 23.58 -19.85
N PHE E 263 -22.46 24.72 -19.31
CA PHE E 263 -21.09 24.93 -18.87
C PHE E 263 -20.68 23.92 -17.80
N LYS E 264 -21.54 23.65 -16.81
CA LYS E 264 -21.30 22.62 -15.81
C LYS E 264 -21.11 21.26 -16.49
N LEU E 265 -22.03 20.85 -17.35
CA LEU E 265 -21.91 19.57 -18.05
C LEU E 265 -20.59 19.50 -18.81
N ALA E 266 -20.23 20.54 -19.55
CA ALA E 266 -18.98 20.56 -20.27
C ALA E 266 -17.77 20.42 -19.33
N LYS E 267 -17.71 21.23 -18.29
CA LYS E 267 -16.61 21.24 -17.32
C LYS E 267 -16.51 19.94 -16.53
N ASP E 268 -17.62 19.26 -16.28
CA ASP E 268 -17.65 17.99 -15.56
C ASP E 268 -17.36 16.77 -16.45
N TYR E 269 -17.46 16.89 -17.78
CA TYR E 269 -17.12 15.83 -18.73
C TYR E 269 -16.21 16.32 -19.89
N PRO E 270 -15.01 16.86 -19.62
CA PRO E 270 -14.14 17.44 -20.65
C PRO E 270 -13.79 16.48 -21.79
N GLY E 271 -13.59 17.01 -22.98
CA GLY E 271 -13.19 16.26 -24.18
C GLY E 271 -14.22 15.26 -24.74
N SER E 272 -15.35 15.06 -24.05
CA SER E 272 -16.37 14.08 -24.46
C SER E 272 -17.15 14.54 -25.70
N ASP E 273 -17.86 13.61 -26.33
CA ASP E 273 -18.83 13.95 -27.38
C ASP E 273 -19.96 14.83 -26.84
N VAL E 274 -20.41 14.56 -25.60
CA VAL E 274 -21.40 15.40 -24.90
C VAL E 274 -20.89 16.84 -24.81
N ALA E 275 -19.67 17.03 -24.30
CA ALA E 275 -19.05 18.36 -24.23
C ALA E 275 -18.82 18.96 -25.62
N SER E 276 -18.55 18.13 -26.63
CA SER E 276 -18.37 18.59 -28.01
C SER E 276 -19.68 19.13 -28.60
N LEU E 277 -20.81 18.51 -28.26
CA LEU E 277 -22.14 19.06 -28.58
C LEU E 277 -22.37 20.36 -27.81
N ALA E 278 -22.03 20.38 -26.52
CA ALA E 278 -22.25 21.54 -25.67
C ALA E 278 -21.51 22.78 -26.18
N LYS E 279 -20.22 22.70 -26.51
CA LYS E 279 -19.47 23.86 -27.02
C LYS E 279 -20.12 24.44 -28.27
N LYS E 280 -20.46 23.58 -29.24
CA LYS E 280 -21.17 23.99 -30.46
C LYS E 280 -22.52 24.63 -30.14
N ALA E 281 -23.27 24.06 -29.20
CA ALA E 281 -24.50 24.67 -28.74
C ALA E 281 -24.25 26.04 -28.11
N LEU E 282 -23.22 26.20 -27.28
CA LEU E 282 -22.94 27.48 -26.64
C LEU E 282 -22.66 28.57 -27.68
N GLU E 283 -21.95 28.26 -28.77
CA GLU E 283 -21.80 29.19 -29.89
C GLU E 283 -23.15 29.53 -30.52
N LYS E 284 -24.00 28.52 -30.79
CA LYS E 284 -25.36 28.74 -31.31
C LYS E 284 -26.14 29.68 -30.39
N ILE E 285 -26.06 29.47 -29.08
CA ILE E 285 -26.75 30.29 -28.10
C ILE E 285 -26.17 31.70 -28.11
N ALA E 286 -24.85 31.85 -28.15
CA ALA E 286 -24.20 33.15 -28.26
C ALA E 286 -24.68 33.90 -29.50
N GLU E 287 -24.64 33.26 -30.68
CA GLU E 287 -25.13 33.84 -31.93
C GLU E 287 -26.59 34.27 -31.80
N THR E 288 -27.42 33.40 -31.22
CA THR E 288 -28.85 33.71 -30.99
C THR E 288 -29.00 34.90 -30.05
N ALA E 289 -28.20 34.99 -29.00
CA ALA E 289 -28.27 36.07 -28.02
C ALA E 289 -27.80 37.39 -28.60
N LEU E 290 -26.74 37.37 -29.42
CA LEU E 290 -26.23 38.54 -30.13
C LEU E 290 -27.27 39.06 -31.13
N ARG E 291 -27.86 38.17 -31.93
CA ARG E 291 -28.89 38.52 -32.92
C ARG E 291 -30.18 39.04 -32.28
N ASN E 292 -30.48 38.64 -31.04
CA ASN E 292 -31.58 39.18 -30.25
C ASN E 292 -31.19 40.36 -29.33
N GLY E 293 -29.92 40.77 -29.30
CA GLY E 293 -29.49 41.93 -28.51
C GLY E 293 -29.52 41.72 -26.99
N CYS E 294 -29.52 40.48 -26.52
CA CYS E 294 -29.59 40.11 -25.10
C CYS E 294 -28.24 40.29 -24.37
N LYS E 295 -27.71 41.53 -24.36
CA LYS E 295 -26.30 41.88 -24.09
C LYS E 295 -25.65 41.13 -22.92
N GLU E 296 -26.24 41.17 -21.75
CA GLU E 296 -25.67 40.54 -20.55
C GLU E 296 -25.45 39.04 -20.73
N THR E 297 -26.47 38.31 -21.16
CA THR E 297 -26.32 36.87 -21.38
C THR E 297 -25.48 36.56 -22.63
N ALA E 298 -25.51 37.42 -23.65
CA ALA E 298 -24.67 37.26 -24.84
C ALA E 298 -23.18 37.34 -24.47
N GLU E 299 -22.81 38.36 -23.68
CA GLU E 299 -21.47 38.46 -23.15
C GLU E 299 -21.16 37.24 -22.29
N LEU E 300 -22.10 36.78 -21.46
CA LEU E 300 -21.87 35.59 -20.63
C LEU E 300 -21.56 34.36 -21.49
N ALA E 301 -22.27 34.18 -22.61
CA ALA E 301 -22.01 33.08 -23.53
C ALA E 301 -20.58 33.16 -24.07
N LYS E 302 -20.14 34.35 -24.53
CA LYS E 302 -18.74 34.54 -24.95
C LYS E 302 -17.80 34.14 -23.83
N LEU E 303 -18.04 34.65 -22.62
CA LEU E 303 -17.21 34.38 -21.46
C LEU E 303 -17.08 32.89 -21.24
N LEU E 304 -18.20 32.19 -21.13
CA LEU E 304 -18.17 30.76 -20.85
C LEU E 304 -17.48 30.00 -21.99
N LEU E 305 -17.66 30.42 -23.24
CA LEU E 305 -16.99 29.79 -24.36
C LEU E 305 -15.49 29.85 -24.19
N PHE E 306 -14.92 31.03 -24.02
CA PHE E 306 -13.47 31.12 -23.89
C PHE E 306 -13.00 30.41 -22.63
N LEU E 307 -13.78 30.45 -21.55
CA LEU E 307 -13.43 29.78 -20.31
C LEU E 307 -13.29 28.28 -20.51
N LEU E 308 -14.19 27.66 -21.27
CA LEU E 308 -14.06 26.26 -21.63
C LEU E 308 -12.80 26.02 -22.44
N LEU E 309 -12.50 26.88 -23.41
CA LEU E 309 -11.30 26.70 -24.24
C LEU E 309 -10.03 26.79 -23.42
N ILE E 310 -9.90 27.76 -22.51
CA ILE E 310 -8.74 27.84 -21.62
C ILE E 310 -8.63 26.56 -20.78
N ILE E 311 -9.74 26.17 -20.14
CA ILE E 311 -9.81 24.94 -19.33
C ILE E 311 -9.33 23.75 -20.16
N GLU E 312 -9.85 23.58 -21.37
CA GLU E 312 -9.49 22.42 -22.19
C GLU E 312 -8.05 22.48 -22.71
N VAL E 313 -7.49 23.62 -23.10
CA VAL E 313 -6.06 23.63 -23.46
C VAL E 313 -5.20 23.38 -22.22
N VAL E 314 -5.61 23.86 -21.04
CA VAL E 314 -4.95 23.52 -19.78
C VAL E 314 -4.99 22.02 -19.52
N LEU E 315 -6.16 21.38 -19.65
CA LEU E 315 -6.27 19.94 -19.45
C LEU E 315 -5.44 19.15 -20.48
N LYS E 316 -5.39 19.58 -21.74
CA LYS E 316 -4.52 18.97 -22.76
C LYS E 316 -3.03 19.16 -22.44
N MET E 317 -2.66 20.17 -21.66
CA MET E 317 -1.30 20.34 -21.13
C MET E 317 -1.08 19.66 -19.77
N GLY E 318 -2.16 19.35 -19.03
CA GLY E 318 -2.13 18.68 -17.73
C GLY E 318 -1.65 19.56 -16.56
N VAL E 319 -1.55 20.86 -16.74
CA VAL E 319 -1.00 21.81 -15.75
C VAL E 319 -2.03 22.27 -14.71
N ARG E 320 -1.56 22.77 -13.56
CA ARG E 320 -2.43 23.48 -12.59
C ARG E 320 -2.85 24.85 -13.14
N MET E 321 -4.07 25.24 -12.80
CA MET E 321 -4.60 26.59 -13.01
C MET E 321 -5.42 27.06 -11.79
N LEU E 322 -5.74 28.35 -11.74
CA LEU E 322 -6.80 28.90 -10.90
C LEU E 322 -7.82 29.66 -11.75
N THR E 323 -9.09 29.62 -11.34
CA THR E 323 -10.22 29.75 -12.26
C THR E 323 -11.41 30.51 -11.63
N HIS E 324 -11.13 31.56 -10.87
CA HIS E 324 -12.16 32.46 -10.33
C HIS E 324 -12.89 33.20 -11.45
N ARG E 325 -14.02 33.84 -11.14
CA ARG E 325 -14.86 34.57 -12.10
C ARG E 325 -15.32 35.89 -11.49
N GLY E 326 -15.73 36.82 -12.33
CA GLY E 326 -16.32 38.10 -11.94
C GLY E 326 -17.45 38.50 -12.89
N GLY E 327 -18.06 39.65 -12.64
CA GLY E 327 -19.12 40.18 -13.49
C GLY E 327 -18.56 40.75 -14.80
N ASN E 328 -19.07 40.29 -15.94
CA ASN E 328 -18.72 40.81 -17.28
C ASN E 328 -17.21 40.75 -17.62
N ALA E 329 -16.43 39.93 -16.92
CA ALA E 329 -15.06 39.59 -17.26
C ALA E 329 -14.71 38.18 -16.77
N VAL E 330 -13.72 37.52 -17.36
CA VAL E 330 -13.22 36.21 -16.92
C VAL E 330 -11.71 36.25 -16.77
N ILE E 331 -11.18 35.53 -15.78
CA ILE E 331 -9.76 35.49 -15.45
C ILE E 331 -9.34 34.04 -15.29
N VAL E 332 -8.19 33.64 -15.81
CA VAL E 332 -7.60 32.32 -15.51
C VAL E 332 -6.10 32.48 -15.33
N VAL E 333 -5.55 31.85 -14.29
CA VAL E 333 -4.12 31.87 -13.95
C VAL E 333 -3.54 30.49 -14.20
N ILE E 334 -2.47 30.38 -14.99
CA ILE E 334 -1.81 29.13 -15.34
C ILE E 334 -0.47 29.05 -14.58
N GLU E 335 -0.13 27.93 -13.96
CA GLU E 335 1.03 27.83 -13.06
C GLU E 335 1.98 26.67 -13.42
N GLY E 336 3.30 26.93 -13.42
CA GLY E 336 4.33 25.92 -13.68
C GLY E 336 4.46 25.50 -15.16
N LEU E 337 3.91 26.31 -16.07
CA LEU E 337 3.82 26.04 -17.50
C LEU E 337 5.22 25.93 -18.16
N HIS E 338 5.51 24.85 -18.89
CA HIS E 338 6.82 24.65 -19.52
C HIS E 338 7.04 25.62 -20.69
N PRO E 339 8.23 26.17 -20.98
CA PRO E 339 8.37 27.28 -21.95
C PRO E 339 7.77 27.02 -23.33
N SER E 340 7.91 25.81 -23.84
CA SER E 340 7.25 25.40 -25.09
C SER E 340 5.72 25.49 -24.97
N GLN E 341 5.16 25.03 -23.84
CA GLN E 341 3.75 25.20 -23.52
C GLN E 341 3.37 26.67 -23.33
N ILE E 342 4.25 27.53 -22.81
CA ILE E 342 3.98 28.97 -22.67
C ILE E 342 3.68 29.55 -24.04
N VAL E 343 4.61 29.35 -24.97
CA VAL E 343 4.41 29.80 -26.36
C VAL E 343 3.15 29.15 -26.95
N GLN E 344 2.97 27.84 -26.78
CA GLN E 344 1.83 27.12 -27.37
C GLN E 344 0.48 27.60 -26.82
N LEU E 345 0.36 27.83 -25.51
CA LEU E 345 -0.86 28.32 -24.88
C LEU E 345 -1.15 29.74 -25.37
N MET E 346 -0.11 30.58 -25.45
CA MET E 346 -0.23 31.92 -26.00
C MET E 346 -0.71 31.86 -27.45
N GLN E 347 -0.20 30.91 -28.24
CA GLN E 347 -0.72 30.62 -29.57
C GLN E 347 -2.18 30.16 -29.53
N ASP E 348 -2.54 29.27 -28.62
CA ASP E 348 -3.91 28.78 -28.53
C ASP E 348 -4.88 29.89 -28.11
N VAL E 349 -4.48 30.83 -27.26
CA VAL E 349 -5.32 31.98 -26.94
C VAL E 349 -5.64 32.74 -28.22
N ILE E 350 -4.66 32.94 -29.09
CA ILE E 350 -4.94 33.50 -30.42
C ILE E 350 -5.88 32.58 -31.20
N LYS E 351 -5.65 31.26 -31.20
CA LYS E 351 -6.47 30.30 -31.94
C LYS E 351 -7.94 30.35 -31.49
N ALA E 352 -8.23 30.71 -30.24
CA ALA E 352 -9.58 30.99 -29.76
C ALA E 352 -10.06 32.38 -30.18
N ALA E 353 -9.24 33.40 -29.93
CA ALA E 353 -9.62 34.78 -30.14
C ALA E 353 -9.94 35.08 -31.60
N LYS E 354 -9.18 34.46 -32.53
CA LYS E 354 -9.29 34.63 -33.99
C LYS E 354 -10.72 34.36 -34.51
N LYS E 355 -11.49 33.52 -33.81
CA LYS E 355 -12.93 33.34 -34.03
C LYS E 355 -13.79 34.12 -33.04
N LEU E 356 -13.54 34.01 -31.74
CA LEU E 356 -14.46 34.52 -30.71
C LEU E 356 -14.56 36.05 -30.65
N GLY E 357 -13.51 36.78 -31.06
CA GLY E 357 -13.52 38.24 -31.16
C GLY E 357 -13.50 39.01 -29.84
N VAL E 358 -13.23 38.35 -28.72
CA VAL E 358 -13.23 38.95 -27.38
C VAL E 358 -12.03 39.86 -27.17
N THR E 359 -12.18 40.97 -26.44
CA THR E 359 -11.02 41.74 -25.96
C THR E 359 -10.27 40.93 -24.90
N VAL E 360 -9.02 40.54 -25.18
CA VAL E 360 -8.25 39.65 -24.31
C VAL E 360 -6.86 40.17 -24.07
N THR E 361 -6.38 39.97 -22.85
CA THR E 361 -5.05 40.37 -22.41
C THR E 361 -4.39 39.20 -21.70
N ILE E 362 -3.10 38.98 -21.95
CA ILE E 362 -2.35 37.88 -21.38
C ILE E 362 -1.01 38.39 -20.86
N THR E 363 -0.64 37.98 -19.65
CA THR E 363 0.50 38.51 -18.91
C THR E 363 1.33 37.36 -18.36
N VAL E 364 2.65 37.43 -18.49
CA VAL E 364 3.53 36.32 -18.11
C VAL E 364 4.65 36.85 -17.22
N SER E 365 4.89 36.15 -16.12
CA SER E 365 5.85 36.50 -15.09
C SER E 365 6.27 35.26 -14.32
N GLY E 366 7.57 35.09 -14.05
CA GLY E 366 8.08 33.86 -13.43
C GLY E 366 7.65 32.61 -14.19
N ASP E 367 7.00 31.68 -13.50
CA ASP E 367 6.32 30.51 -14.08
C ASP E 367 4.77 30.63 -13.96
N ILE E 368 4.26 31.86 -14.05
CA ILE E 368 2.83 32.18 -13.98
C ILE E 368 2.41 32.89 -15.26
N VAL E 369 1.29 32.48 -15.80
CA VAL E 369 0.52 33.24 -16.81
C VAL E 369 -0.77 33.72 -16.18
N VAL E 370 -1.14 34.99 -16.36
CA VAL E 370 -2.46 35.50 -16.02
C VAL E 370 -3.17 35.88 -17.31
N ILE E 371 -4.36 35.33 -17.53
CA ILE E 371 -5.25 35.66 -18.64
C ILE E 371 -6.40 36.47 -18.08
N MET E 372 -6.81 37.56 -18.72
CA MET E 372 -8.08 38.23 -18.46
C MET E 372 -8.81 38.56 -19.76
N VAL E 373 -10.13 38.41 -19.77
CA VAL E 373 -11.00 38.75 -20.90
C VAL E 373 -12.12 39.66 -20.42
N VAL E 374 -12.55 40.59 -21.26
CA VAL E 374 -13.63 41.54 -21.00
C VAL E 374 -14.34 41.85 -22.32
N VAL E 375 -15.61 42.24 -22.28
CA VAL E 375 -16.41 42.53 -23.48
C VAL E 375 -17.46 43.61 -23.19
N GLY E 376 -17.86 44.37 -24.21
CA GLY E 376 -18.88 45.42 -24.12
C GLY E 376 -18.49 46.68 -23.32
N ALA E 377 -17.39 46.64 -22.58
CA ALA E 377 -16.84 47.76 -21.82
C ALA E 377 -16.31 48.88 -22.73
N SER E 378 -16.33 50.13 -22.27
CA SER E 378 -15.66 51.24 -22.95
C SER E 378 -14.14 51.08 -22.85
N ASP E 379 -13.38 51.68 -23.76
CA ASP E 379 -11.93 51.43 -23.82
C ASP E 379 -11.18 51.90 -22.56
N GLU E 380 -11.69 52.91 -21.85
CA GLU E 380 -11.13 53.34 -20.56
C GLU E 380 -11.35 52.28 -19.46
N GLU E 381 -12.52 51.61 -19.45
CA GLU E 381 -12.76 50.46 -18.58
C GLU E 381 -11.87 49.28 -18.99
N GLN E 382 -11.65 49.06 -20.28
CA GLN E 382 -10.67 48.08 -20.76
C GLN E 382 -9.24 48.43 -20.29
N GLU E 383 -8.85 49.71 -20.30
CA GLU E 383 -7.55 50.14 -19.79
C GLU E 383 -7.41 49.93 -18.29
N GLU E 384 -8.46 50.20 -17.51
CA GLU E 384 -8.46 49.85 -16.09
C GLU E 384 -8.39 48.33 -15.90
N ALA E 385 -9.08 47.54 -16.72
CA ALA E 385 -8.92 46.09 -16.68
C ALA E 385 -7.48 45.68 -17.01
N ARG E 386 -6.83 46.35 -17.98
CA ARG E 386 -5.43 46.10 -18.30
C ARG E 386 -4.54 46.41 -17.10
N ARG E 387 -4.77 47.55 -16.44
CA ARG E 387 -4.06 47.88 -15.20
C ARG E 387 -4.27 46.78 -14.16
N LEU E 388 -5.51 46.34 -13.98
CA LEU E 388 -5.84 45.31 -13.02
C LEU E 388 -5.14 43.99 -13.34
N VAL E 389 -5.17 43.50 -14.58
CA VAL E 389 -4.54 42.20 -14.85
C VAL E 389 -3.04 42.27 -14.59
N GLN E 390 -2.41 43.38 -14.94
CA GLN E 390 -0.99 43.56 -14.68
C GLN E 390 -0.72 43.56 -13.17
N GLU E 391 -1.54 44.27 -12.40
CA GLU E 391 -1.46 44.25 -10.94
C GLU E 391 -1.71 42.85 -10.39
N ILE E 392 -2.65 42.09 -10.95
CA ILE E 392 -2.95 40.72 -10.52
C ILE E 392 -1.71 39.85 -10.75
N ALA E 393 -1.06 40.00 -11.89
CA ALA E 393 0.17 39.29 -12.15
C ALA E 393 1.27 39.70 -11.17
N ARG E 394 1.42 41.00 -10.89
CA ARG E 394 2.40 41.47 -9.91
C ARG E 394 2.13 40.85 -8.55
N ALA E 395 0.92 41.02 -8.02
CA ALA E 395 0.56 40.48 -6.72
C ALA E 395 0.78 38.97 -6.67
N LEU E 396 0.30 38.21 -7.66
CA LEU E 396 0.46 36.76 -7.69
C LEU E 396 1.92 36.34 -7.71
N GLN E 397 2.72 36.89 -8.61
CA GLN E 397 4.11 36.46 -8.71
C GLN E 397 4.95 36.95 -7.53
N GLU E 398 4.73 38.18 -7.04
CA GLU E 398 5.39 38.64 -5.82
C GLU E 398 5.01 37.77 -4.63
N ALA E 399 3.74 37.32 -4.54
CA ALA E 399 3.31 36.39 -3.50
C ALA E 399 3.97 35.01 -3.66
N LYS E 400 4.01 34.43 -4.88
CA LYS E 400 4.71 33.16 -5.08
C LYS E 400 6.21 33.28 -4.81
N ARG E 401 6.82 34.42 -5.14
CA ARG E 401 8.22 34.77 -4.78
C ARG E 401 8.39 34.85 -3.26
N LYS E 402 7.41 35.41 -2.56
CA LYS E 402 7.26 35.36 -1.09
C LYS E 402 6.85 33.97 -0.56
N GLY E 403 6.82 32.94 -1.40
CA GLY E 403 6.60 31.54 -1.04
C GLY E 403 5.14 31.15 -0.83
N ALA E 404 4.17 31.96 -1.27
CA ALA E 404 2.76 31.69 -1.07
C ALA E 404 2.35 30.34 -1.65
N ASN E 405 1.65 29.52 -0.86
CA ASN E 405 1.17 28.21 -1.26
C ASN E 405 -0.13 28.28 -2.07
N GLU E 406 -0.65 27.12 -2.48
CA GLU E 406 -1.88 27.00 -3.26
C GLU E 406 -3.07 27.71 -2.61
N GLU E 407 -3.37 27.44 -1.33
CA GLU E 407 -4.49 28.04 -0.62
C GLU E 407 -4.31 29.56 -0.41
N GLN E 408 -3.09 30.01 -0.14
CA GLN E 408 -2.78 31.44 0.05
C GLN E 408 -2.96 32.22 -1.26
N LEU E 409 -2.51 31.66 -2.38
CA LEU E 409 -2.76 32.24 -3.70
C LEU E 409 -4.27 32.17 -4.04
N GLU E 410 -4.93 31.07 -3.72
CA GLU E 410 -6.38 30.96 -3.90
C GLU E 410 -7.14 32.04 -3.11
N GLN E 411 -6.73 32.30 -1.87
CA GLN E 411 -7.23 33.43 -1.09
C GLN E 411 -6.89 34.77 -1.76
N LEU E 412 -5.66 34.93 -2.25
CA LEU E 412 -5.25 36.20 -2.87
C LEU E 412 -6.13 36.54 -4.06
N LEU E 413 -6.56 35.54 -4.84
CA LEU E 413 -7.52 35.80 -5.91
C LEU E 413 -8.88 36.28 -5.39
N ARG E 414 -9.34 35.84 -4.22
CA ARG E 414 -10.53 36.45 -3.58
C ARG E 414 -10.26 37.92 -3.25
N GLU E 415 -9.13 38.21 -2.62
CA GLU E 415 -8.80 39.57 -2.17
C GLU E 415 -8.57 40.52 -3.34
N LEU E 416 -7.96 40.03 -4.42
CA LEU E 416 -7.84 40.74 -5.68
C LEU E 416 -9.19 40.91 -6.38
N LEU E 417 -10.06 39.89 -6.39
CA LEU E 417 -11.39 40.01 -6.97
C LEU E 417 -12.22 41.09 -6.26
N GLU E 418 -12.13 41.18 -4.94
CA GLU E 418 -12.73 42.27 -4.19
C GLU E 418 -12.05 43.61 -4.54
N ARG E 419 -10.71 43.68 -4.54
CA ARG E 419 -10.00 44.90 -4.92
C ARG E 419 -10.47 45.45 -6.27
N ALA E 420 -10.71 44.58 -7.25
CA ALA E 420 -11.20 44.99 -8.57
C ALA E 420 -12.59 45.66 -8.54
N GLU E 421 -13.40 45.42 -7.50
CA GLU E 421 -14.62 46.16 -7.24
C GLU E 421 -14.37 47.41 -6.36
N ARG E 422 -13.50 47.31 -5.35
CA ARG E 422 -13.20 48.43 -4.41
C ARG E 422 -12.42 49.58 -5.05
N GLU E 423 -11.65 49.34 -6.11
CA GLU E 423 -11.03 50.41 -6.92
C GLU E 423 -11.99 51.04 -7.95
N GLY E 424 -13.23 50.55 -8.08
CA GLY E 424 -14.25 51.07 -9.01
C GLY E 424 -14.82 52.43 -8.65
N GLU F 1 -60.29 28.15 2.25
CA GLU F 1 -59.19 28.15 3.24
C GLU F 1 -58.22 26.97 3.14
N GLU F 2 -58.70 25.72 3.19
CA GLU F 2 -57.87 24.56 3.58
C GLU F 2 -56.60 24.34 2.74
N ARG F 3 -56.68 24.38 1.40
CA ARG F 3 -55.46 24.20 0.57
C ARG F 3 -54.45 25.31 0.80
N LYS F 4 -54.89 26.56 1.00
CA LYS F 4 -53.98 27.67 1.37
C LYS F 4 -53.31 27.40 2.72
N LYS F 5 -54.08 27.01 3.74
CA LYS F 5 -53.53 26.74 5.07
C LYS F 5 -52.47 25.64 5.01
N GLU F 6 -52.74 24.54 4.31
CA GLU F 6 -51.75 23.49 4.10
C GLU F 6 -50.56 23.96 3.25
N LEU F 7 -50.78 24.69 2.15
CA LEU F 7 -49.69 25.24 1.35
C LEU F 7 -48.79 26.15 2.20
N ALA F 8 -49.37 26.97 3.07
CA ALA F 8 -48.59 27.81 3.97
C ALA F 8 -47.71 26.95 4.88
N LYS F 9 -48.27 25.91 5.52
CA LYS F 9 -47.49 24.98 6.33
C LYS F 9 -46.36 24.35 5.52
N GLU F 10 -46.66 23.88 4.32
CA GLU F 10 -45.66 23.28 3.43
C GLU F 10 -44.58 24.30 3.04
N VAL F 11 -44.96 25.53 2.71
CA VAL F 11 -44.01 26.59 2.42
C VAL F 11 -43.12 26.82 3.63
N ILE F 12 -43.70 27.05 4.79
CA ILE F 12 -42.98 27.40 6.02
C ILE F 12 -42.01 26.28 6.38
N GLU F 13 -42.46 25.03 6.33
CA GLU F 13 -41.60 23.87 6.57
C GLU F 13 -40.49 23.77 5.52
N THR F 14 -40.82 23.99 4.25
CA THR F 14 -39.83 23.98 3.19
C THR F 14 -38.80 25.05 3.46
N ALA F 15 -39.23 26.24 3.88
CA ALA F 15 -38.33 27.32 4.22
C ALA F 15 -37.45 26.92 5.40
N LYS F 16 -38.03 26.35 6.46
CA LYS F 16 -37.29 25.89 7.63
C LYS F 16 -36.16 24.92 7.23
N LYS F 17 -36.50 23.94 6.38
CA LYS F 17 -35.53 22.98 5.82
C LYS F 17 -34.49 23.68 4.94
N LEU F 18 -34.92 24.55 4.03
CA LEU F 18 -34.02 25.31 3.16
C LEU F 18 -33.06 26.17 3.97
N ILE F 19 -33.54 26.80 5.05
CA ILE F 19 -32.70 27.61 5.93
C ILE F 19 -31.61 26.74 6.52
N GLU F 20 -31.95 25.54 7.00
CA GLU F 20 -30.93 24.63 7.52
C GLU F 20 -29.93 24.21 6.42
N LYS F 21 -30.42 23.92 5.20
CA LYS F 21 -29.57 23.56 4.06
C LYS F 21 -28.62 24.70 3.70
N LEU F 22 -29.13 25.93 3.60
CA LEU F 22 -28.31 27.12 3.37
C LEU F 22 -27.29 27.31 4.50
N ALA F 23 -27.66 27.07 5.75
CA ALA F 23 -26.70 27.17 6.85
C ALA F 23 -25.61 26.09 6.76
N LYS F 24 -25.98 24.87 6.37
CA LYS F 24 -25.08 23.72 6.29
C LYS F 24 -24.03 23.89 5.19
N GLU F 25 -24.44 24.31 4.00
CA GLU F 25 -23.58 24.30 2.79
C GLU F 25 -22.61 25.50 2.68
N GLU F 26 -22.74 26.53 3.53
CA GLU F 26 -21.89 27.74 3.52
C GLU F 26 -20.46 27.52 4.03
N THR G 3 8.30 51.10 -17.01
CA THR G 3 7.80 50.12 -18.00
C THR G 3 8.31 50.46 -19.40
N VAL G 4 8.27 49.50 -20.33
CA VAL G 4 8.47 49.75 -21.78
C VAL G 4 7.25 49.22 -22.53
N THR G 5 6.79 49.91 -23.58
CA THR G 5 5.54 49.60 -24.29
C THR G 5 5.67 49.73 -25.81
N PHE G 6 4.97 48.85 -26.53
CA PHE G 6 4.89 48.79 -27.99
C PHE G 6 3.43 48.72 -28.44
N ASP G 7 3.15 49.18 -29.65
CA ASP G 7 1.80 49.40 -30.17
C ASP G 7 1.78 49.23 -31.70
N ILE G 8 0.95 48.33 -32.22
CA ILE G 8 0.98 47.87 -33.61
C ILE G 8 -0.44 47.80 -34.20
N THR G 9 -0.65 48.30 -35.41
CA THR G 9 -2.01 48.50 -35.98
C THR G 9 -2.14 48.02 -37.42
N ASN G 10 -3.37 47.78 -37.87
CA ASN G 10 -3.72 47.11 -39.14
C ASN G 10 -3.08 45.72 -39.33
N ILE G 11 -2.67 45.10 -38.22
CA ILE G 11 -1.95 43.83 -38.19
C ILE G 11 -2.89 42.64 -38.44
N ASP G 12 -2.59 41.82 -39.46
CA ASP G 12 -3.36 40.61 -39.79
C ASP G 12 -3.11 39.48 -38.77
N TRP G 13 -4.06 38.56 -38.58
CA TRP G 13 -4.02 37.57 -37.50
C TRP G 13 -2.79 36.66 -37.56
N GLU G 14 -2.34 36.27 -38.76
CA GLU G 14 -1.11 35.49 -38.90
C GLU G 14 0.12 36.31 -38.52
N THR G 15 0.16 37.58 -38.90
CA THR G 15 1.18 38.52 -38.45
C THR G 15 1.15 38.67 -36.93
N ALA G 16 -0.02 38.69 -36.31
CA ALA G 16 -0.12 38.75 -34.85
C ALA G 16 0.49 37.50 -34.21
N GLU G 17 0.18 36.32 -34.74
CA GLU G 17 0.81 35.09 -34.28
C GLU G 17 2.32 35.15 -34.44
N TRP G 18 2.79 35.62 -35.59
CA TRP G 18 4.22 35.79 -35.86
C TRP G 18 4.90 36.69 -34.81
N ILE G 19 4.27 37.80 -34.41
CA ILE G 19 4.94 38.78 -33.56
C ILE G 19 5.13 38.24 -32.16
N MET G 20 4.07 37.76 -31.51
CA MET G 20 4.15 37.47 -30.08
C MET G 20 5.25 36.44 -29.77
N LYS G 21 5.32 35.36 -30.55
CA LYS G 21 6.08 34.17 -30.16
C LYS G 21 7.55 34.51 -29.94
N HIS G 22 8.18 35.12 -30.94
CA HIS G 22 9.58 35.56 -30.83
C HIS G 22 9.73 36.64 -29.77
N VAL G 23 8.78 37.57 -29.65
CA VAL G 23 8.87 38.62 -28.63
C VAL G 23 8.93 38.01 -27.24
N TYR G 24 8.09 37.01 -26.96
CA TYR G 24 8.13 36.33 -25.67
C TYR G 24 9.44 35.61 -25.46
N LEU G 25 9.96 34.93 -26.49
CA LEU G 25 11.26 34.25 -26.38
C LEU G 25 12.39 35.25 -26.11
N ILE G 26 12.34 36.46 -26.69
CA ILE G 26 13.30 37.51 -26.35
C ILE G 26 13.11 37.97 -24.91
N ALA G 27 11.89 38.21 -24.45
CA ALA G 27 11.67 38.62 -23.07
C ALA G 27 12.14 37.55 -22.07
N LYS G 28 11.85 36.27 -22.35
CA LYS G 28 12.34 35.14 -21.57
C LYS G 28 13.86 35.04 -21.62
N LYS G 29 14.50 35.31 -22.76
CA LYS G 29 15.98 35.41 -22.87
C LYS G 29 16.54 36.53 -21.98
N GLU G 30 15.90 37.70 -21.99
CA GLU G 30 16.28 38.85 -21.16
C GLU G 30 15.79 38.78 -19.70
N GLY G 31 15.11 37.68 -19.30
CA GLY G 31 14.67 37.45 -17.93
C GLY G 31 13.60 38.41 -17.40
N THR G 32 12.75 38.95 -18.28
CA THR G 32 11.80 40.03 -17.95
C THR G 32 10.34 39.64 -18.23
N ASP G 33 9.42 40.21 -17.44
CA ASP G 33 7.98 39.92 -17.51
C ASP G 33 7.30 40.75 -18.60
N VAL G 34 6.15 40.28 -19.08
CA VAL G 34 5.52 40.83 -20.28
C VAL G 34 4.00 40.82 -20.15
N THR G 35 3.34 41.74 -20.84
CA THR G 35 1.93 41.67 -21.18
C THR G 35 1.73 41.84 -22.69
N PHE G 36 0.78 41.10 -23.25
CA PHE G 36 0.28 41.23 -24.62
C PHE G 36 -1.23 41.41 -24.59
N SER G 37 -1.81 42.11 -25.56
CA SER G 37 -3.27 42.26 -25.64
C SER G 37 -3.70 42.33 -27.10
N PHE G 38 -4.83 41.73 -27.43
CA PHE G 38 -5.18 41.40 -28.83
C PHE G 38 -6.56 41.87 -29.24
N LYS G 39 -6.68 42.23 -30.52
CA LYS G 39 -7.92 42.60 -31.21
C LYS G 39 -7.85 42.10 -32.66
N GLU G 40 -8.98 42.14 -33.37
CA GLU G 40 -8.92 42.17 -34.83
C GLU G 40 -8.21 43.45 -35.29
N GLY G 41 -7.01 43.32 -35.87
CA GLY G 41 -6.27 44.44 -36.45
C GLY G 41 -5.31 45.22 -35.53
N GLU G 42 -5.12 44.84 -34.26
CA GLU G 42 -4.25 45.58 -33.33
C GLU G 42 -3.59 44.66 -32.30
N LEU G 43 -2.35 44.99 -31.92
CA LEU G 43 -1.60 44.33 -30.85
C LEU G 43 -0.84 45.37 -30.04
N GLN G 44 -0.92 45.29 -28.70
CA GLN G 44 -0.11 46.10 -27.80
C GLN G 44 0.68 45.20 -26.85
N ILE G 45 1.91 45.58 -26.53
CA ILE G 45 2.84 44.74 -25.76
C ILE G 45 3.56 45.61 -24.74
N THR G 46 3.74 45.14 -23.53
CA THR G 46 4.43 45.87 -22.47
C THR G 46 5.37 44.95 -21.73
N VAL G 47 6.56 45.43 -21.39
CA VAL G 47 7.64 44.63 -20.80
C VAL G 47 8.21 45.37 -19.61
N LYS G 48 8.67 44.67 -18.57
CA LYS G 48 9.41 45.31 -17.48
C LYS G 48 10.78 45.82 -17.98
N ASN G 49 10.89 47.14 -18.17
CA ASN G 49 12.14 47.91 -18.32
C ASN G 49 13.17 47.28 -19.28
N LEU G 50 12.75 46.92 -20.50
CA LEU G 50 13.58 46.21 -21.45
C LEU G 50 14.82 47.02 -21.87
N HIS G 51 15.94 46.32 -22.09
CA HIS G 51 17.18 46.91 -22.61
C HIS G 51 17.00 47.45 -24.02
N GLU G 52 17.57 48.62 -24.33
CA GLU G 52 17.39 49.27 -25.63
C GLU G 52 17.81 48.38 -26.82
N GLU G 53 18.85 47.55 -26.68
CA GLU G 53 19.26 46.66 -27.77
C GLU G 53 18.17 45.61 -28.09
N ALA G 54 17.60 44.98 -27.06
CA ALA G 54 16.47 44.07 -27.23
C ALA G 54 15.22 44.83 -27.74
N LYS G 55 14.97 46.04 -27.24
CA LYS G 55 13.90 46.92 -27.73
C LYS G 55 14.06 47.20 -29.22
N ARG G 56 15.29 47.48 -29.68
CA ARG G 56 15.60 47.64 -31.10
C ARG G 56 15.38 46.33 -31.87
N GLU G 57 15.70 45.16 -31.32
CA GLU G 57 15.32 43.91 -31.98
C GLU G 57 13.81 43.77 -32.12
N ILE G 58 13.05 44.04 -31.06
CA ILE G 58 11.59 44.00 -31.16
C ILE G 58 11.11 45.00 -32.21
N GLU G 59 11.66 46.21 -32.24
CA GLU G 59 11.30 47.19 -33.25
C GLU G 59 11.60 46.68 -34.67
N LYS G 60 12.78 46.09 -34.89
CA LYS G 60 13.12 45.49 -36.19
C LYS G 60 12.14 44.38 -36.55
N TRP G 61 11.85 43.48 -35.63
CA TRP G 61 10.93 42.37 -35.86
C TRP G 61 9.55 42.89 -36.23
N ILE G 62 9.05 43.88 -35.48
CA ILE G 62 7.77 44.53 -35.75
C ILE G 62 7.79 45.16 -37.13
N ARG G 63 8.82 45.96 -37.42
CA ARG G 63 8.95 46.66 -38.70
C ARG G 63 8.93 45.65 -39.84
N ALA G 64 9.73 44.60 -39.73
CA ALA G 64 9.75 43.52 -40.70
C ALA G 64 8.37 42.87 -40.81
N ALA G 65 7.65 42.64 -39.71
CA ALA G 65 6.35 42.00 -39.78
C ALA G 65 5.37 42.86 -40.58
N GLN G 66 5.30 44.15 -40.29
CA GLN G 66 4.42 45.06 -41.03
C GLN G 66 4.82 45.11 -42.51
N LEU G 67 6.10 45.31 -42.80
CA LEU G 67 6.56 45.43 -44.18
C LEU G 67 6.53 44.11 -44.96
N ALA G 68 6.50 42.95 -44.28
CA ALA G 68 6.27 41.65 -44.90
C ALA G 68 4.77 41.41 -45.18
N GLN G 69 3.88 41.99 -44.38
CA GLN G 69 2.44 41.97 -44.65
C GLN G 69 2.06 42.92 -45.79
N ASP G 70 2.69 44.09 -45.84
CA ASP G 70 2.41 45.16 -46.81
C ASP G 70 2.40 44.63 -48.28
N PRO G 71 1.33 44.86 -49.06
CA PRO G 71 1.27 44.54 -50.48
C PRO G 71 2.42 45.10 -51.34
N ASP G 72 3.08 46.19 -50.93
CA ASP G 72 4.19 46.82 -51.67
C ASP G 72 5.44 45.92 -51.75
N ALA G 73 5.88 45.62 -52.98
CA ALA G 73 7.09 44.83 -53.22
C ALA G 73 8.35 45.43 -52.58
N GLU G 74 8.50 46.75 -52.52
CA GLU G 74 9.65 47.39 -51.88
C GLU G 74 9.62 47.25 -50.36
N SER G 75 8.43 47.25 -49.75
CA SER G 75 8.28 46.90 -48.34
C SER G 75 8.67 45.44 -48.09
N LYS G 76 8.21 44.51 -48.95
CA LYS G 76 8.61 43.10 -48.83
C LYS G 76 10.11 42.91 -49.07
N ALA G 77 10.73 43.67 -49.96
CA ALA G 77 12.18 43.66 -50.11
C ALA G 77 12.87 44.15 -48.83
N GLU G 78 12.42 45.26 -48.24
CA GLU G 78 12.95 45.74 -46.96
C GLU G 78 12.80 44.69 -45.87
N ALA G 79 11.67 43.99 -45.81
CA ALA G 79 11.50 42.87 -44.90
C ALA G 79 12.52 41.76 -45.17
N ARG G 80 12.72 41.35 -46.43
CA ARG G 80 13.74 40.34 -46.78
C ARG G 80 15.11 40.76 -46.25
N LYS G 81 15.46 42.04 -46.38
CA LYS G 81 16.71 42.63 -45.86
C LYS G 81 16.77 42.58 -44.33
N ILE G 82 15.71 42.98 -43.62
CA ILE G 82 15.70 42.90 -42.15
C ILE G 82 15.80 41.44 -41.69
N LEU G 83 15.07 40.51 -42.32
CA LEU G 83 15.15 39.11 -41.93
C LEU G 83 16.54 38.57 -42.23
N ASN G 84 17.15 38.88 -43.37
CA ASN G 84 18.55 38.52 -43.62
C ASN G 84 19.51 39.14 -42.59
N GLU G 85 19.28 40.38 -42.16
CA GLU G 85 20.08 41.03 -41.12
C GLU G 85 20.00 40.27 -39.79
N LEU G 86 18.78 39.96 -39.34
CA LEU G 86 18.56 39.15 -38.15
C LEU G 86 19.20 37.76 -38.30
N ILE G 87 19.01 37.09 -39.45
CA ILE G 87 19.64 35.80 -39.74
C ILE G 87 21.14 35.92 -39.59
N THR G 88 21.73 36.95 -40.19
CA THR G 88 23.18 37.17 -40.15
C THR G 88 23.66 37.37 -38.71
N GLU G 89 22.99 38.23 -37.95
CA GLU G 89 23.32 38.45 -36.54
C GLU G 89 23.25 37.14 -35.73
N LYS G 90 22.14 36.41 -35.84
CA LYS G 90 21.98 35.17 -35.08
C LYS G 90 22.95 34.09 -35.55
N ALA G 91 23.24 34.03 -36.84
CA ALA G 91 24.23 33.11 -37.38
C ALA G 91 25.63 33.44 -36.85
N GLU G 92 26.00 34.72 -36.80
CA GLU G 92 27.27 35.11 -36.18
C GLU G 92 27.30 34.77 -34.68
N GLU G 93 26.20 34.97 -33.95
CA GLU G 93 26.10 34.53 -32.55
C GLU G 93 26.31 33.03 -32.40
N LEU G 94 25.68 32.24 -33.28
CA LEU G 94 25.84 30.79 -33.29
C LEU G 94 27.29 30.40 -33.60
N ARG G 95 27.93 31.07 -34.57
CA ARG G 95 29.33 30.82 -34.93
C ARG G 95 30.25 31.02 -33.73
N GLU G 96 30.08 32.09 -32.98
CA GLU G 96 30.82 32.27 -31.74
C GLU G 96 30.49 31.18 -30.72
N LYS G 97 29.22 30.93 -30.43
CA LYS G 97 28.79 30.04 -29.33
C LYS G 97 29.19 28.57 -29.52
N THR G 98 29.20 28.09 -30.76
CA THR G 98 29.38 26.68 -31.12
C THR G 98 30.79 26.13 -30.83
N LYS G 99 30.96 24.81 -31.00
CA LYS G 99 32.21 24.06 -30.78
C LYS G 99 32.51 23.04 -31.88
N ASP G 100 31.50 22.38 -32.46
CA ASP G 100 31.70 21.38 -33.51
C ASP G 100 32.01 22.02 -34.87
N GLU G 101 33.10 21.60 -35.52
CA GLU G 101 33.52 22.14 -36.81
C GLU G 101 32.54 21.82 -37.95
N GLU G 102 31.87 20.67 -37.93
CA GLU G 102 30.84 20.37 -38.93
C GLU G 102 29.64 21.31 -38.77
N VAL G 103 29.25 21.62 -37.53
CA VAL G 103 28.25 22.65 -37.25
C VAL G 103 28.73 24.00 -37.74
N ARG G 104 29.99 24.38 -37.47
CA ARG G 104 30.54 25.67 -37.92
C ARG G 104 30.64 25.77 -39.44
N GLU G 105 30.81 24.66 -40.14
CA GLU G 105 30.54 24.61 -41.58
C GLU G 105 29.04 24.83 -41.88
N LEU G 106 28.15 24.02 -41.28
CA LEU G 106 26.72 24.04 -41.58
C LEU G 106 26.09 25.42 -41.35
N ALA G 107 26.46 26.10 -40.27
CA ALA G 107 25.86 27.38 -39.91
C ALA G 107 26.11 28.43 -41.00
N ARG G 108 27.39 28.59 -41.40
CA ARG G 108 27.78 29.51 -42.47
C ARG G 108 27.01 29.18 -43.74
N GLU G 109 26.94 27.90 -44.07
CA GLU G 109 26.27 27.44 -45.29
C GLU G 109 24.76 27.72 -45.25
N ALA G 110 24.11 27.58 -44.09
CA ALA G 110 22.70 27.92 -43.94
C ALA G 110 22.47 29.41 -44.15
N ALA G 111 23.28 30.28 -43.54
CA ALA G 111 23.17 31.72 -43.78
C ALA G 111 23.35 32.06 -45.27
N ARG G 112 24.31 31.42 -45.94
CA ARG G 112 24.50 31.54 -47.39
C ARG G 112 23.25 31.12 -48.18
N LEU G 113 22.60 30.01 -47.82
CA LEU G 113 21.38 29.57 -48.49
C LEU G 113 20.21 30.53 -48.25
N ALA G 114 20.10 31.08 -47.05
CA ALA G 114 19.08 32.08 -46.77
C ALA G 114 19.29 33.33 -47.63
N LEU G 115 20.53 33.80 -47.78
CA LEU G 115 20.85 34.96 -48.61
C LEU G 115 20.43 34.74 -50.07
N GLU G 116 20.58 33.54 -50.59
CA GLU G 116 20.08 33.17 -51.92
C GLU G 116 18.55 33.14 -52.01
N SER G 117 17.82 33.04 -50.89
CA SER G 117 16.39 32.74 -50.89
C SER G 117 15.51 33.91 -51.32
N ASP G 118 14.37 33.61 -51.95
CA ASP G 118 13.34 34.57 -52.32
C ASP G 118 12.21 34.72 -51.28
N ASP G 119 12.09 33.82 -50.29
CA ASP G 119 10.84 33.64 -49.54
C ASP G 119 10.92 33.99 -48.04
N ILE G 120 10.05 34.91 -47.62
CA ILE G 120 9.83 35.24 -46.21
C ILE G 120 9.60 33.97 -45.37
N GLU G 121 8.83 33.00 -45.88
CA GLU G 121 8.50 31.79 -45.12
C GLU G 121 9.74 30.92 -44.88
N VAL G 122 10.61 30.79 -45.87
CA VAL G 122 11.89 30.11 -45.67
C VAL G 122 12.68 30.89 -44.63
N GLN G 123 12.83 32.20 -44.81
CA GLN G 123 13.58 33.02 -43.87
C GLN G 123 13.06 32.84 -42.44
N ARG G 124 11.73 32.81 -42.25
CA ARG G 124 11.12 32.60 -40.93
C ARG G 124 11.45 31.23 -40.35
N VAL G 125 11.35 30.13 -41.09
CA VAL G 125 11.72 28.83 -40.51
C VAL G 125 13.22 28.76 -40.28
N VAL G 126 14.02 29.37 -41.15
CA VAL G 126 15.46 29.48 -40.92
C VAL G 126 15.70 30.20 -39.62
N LEU G 127 15.03 31.32 -39.39
CA LEU G 127 15.11 32.02 -38.12
C LEU G 127 14.68 31.10 -36.96
N LYS G 128 13.57 30.36 -37.09
CA LYS G 128 13.14 29.46 -36.02
C LYS G 128 14.23 28.43 -35.71
N ALA G 129 14.84 27.84 -36.72
CA ALA G 129 15.91 26.87 -36.52
C ALA G 129 17.09 27.53 -35.79
N LEU G 130 17.60 28.65 -36.31
CA LEU G 130 18.72 29.32 -35.69
C LEU G 130 18.38 29.68 -34.24
N LEU G 131 17.17 30.18 -33.98
CA LEU G 131 16.75 30.51 -32.63
C LEU G 131 16.69 29.26 -31.74
N ALA G 132 16.26 28.13 -32.27
CA ALA G 132 16.31 26.87 -31.54
C ALA G 132 17.76 26.47 -31.26
N ALA G 133 18.63 26.63 -32.24
CA ALA G 133 20.05 26.29 -32.05
C ALA G 133 20.70 27.14 -30.96
N LEU G 134 20.41 28.44 -30.90
CA LEU G 134 20.92 29.31 -29.85
C LEU G 134 20.45 28.86 -28.47
N LYS G 135 19.21 28.36 -28.33
CA LYS G 135 18.74 27.74 -27.09
C LYS G 135 19.30 26.34 -26.85
N SER G 136 19.69 25.63 -27.90
CA SER G 136 19.93 24.19 -27.84
C SER G 136 21.09 23.79 -26.95
N LYS G 137 20.97 22.62 -26.34
CA LYS G 137 21.91 22.10 -25.34
C LYS G 137 23.05 21.27 -25.94
N ASP G 138 22.81 20.63 -27.07
CA ASP G 138 23.68 19.62 -27.67
C ASP G 138 24.16 20.04 -29.07
N GLU G 139 25.47 20.08 -29.31
CA GLU G 139 26.01 20.35 -30.64
C GLU G 139 25.47 19.37 -31.70
N GLU G 140 25.16 18.12 -31.32
CA GLU G 140 24.55 17.18 -32.26
C GLU G 140 23.07 17.52 -32.52
N VAL G 141 22.31 18.00 -31.53
CA VAL G 141 20.97 18.52 -31.82
C VAL G 141 21.07 19.77 -32.69
N ILE G 142 22.08 20.61 -32.47
CA ILE G 142 22.33 21.77 -33.34
C ILE G 142 22.61 21.28 -34.76
N ARG G 143 23.41 20.22 -34.91
CA ARG G 143 23.66 19.58 -36.21
C ARG G 143 22.34 19.11 -36.82
N LEU G 144 21.46 18.44 -36.06
CA LEU G 144 20.16 18.02 -36.57
C LEU G 144 19.32 19.22 -37.00
N LEU G 145 19.22 20.24 -36.17
CA LEU G 145 18.49 21.46 -36.48
C LEU G 145 19.03 22.09 -37.75
N LEU G 146 20.32 22.34 -37.82
CA LEU G 146 20.91 22.94 -39.00
C LEU G 146 20.76 22.05 -40.22
N LEU G 147 20.90 20.73 -40.12
CA LEU G 147 20.67 19.83 -41.26
C LEU G 147 19.24 19.98 -41.76
N ALA G 148 18.25 20.04 -40.87
CA ALA G 148 16.88 20.30 -41.29
C ALA G 148 16.76 21.69 -41.94
N ALA G 149 17.39 22.70 -41.36
CA ALA G 149 17.33 24.04 -41.91
C ALA G 149 17.90 24.06 -43.33
N VAL G 150 19.12 23.56 -43.48
CA VAL G 150 19.78 23.46 -44.79
C VAL G 150 18.88 22.72 -45.74
N LEU G 151 18.38 21.54 -45.36
CA LEU G 151 17.54 20.72 -46.23
C LEU G 151 16.31 21.49 -46.70
N ALA G 152 15.65 22.20 -45.79
CA ALA G 152 14.50 22.99 -46.18
C ALA G 152 14.92 24.04 -47.22
N ALA G 153 15.98 24.79 -46.92
CA ALA G 153 16.38 25.89 -47.79
C ALA G 153 16.82 25.38 -49.15
N ALA G 154 17.75 24.44 -49.17
CA ALA G 154 18.33 23.91 -50.40
C ALA G 154 17.28 23.24 -51.31
N ALA G 155 16.24 22.62 -50.73
CA ALA G 155 15.12 22.10 -51.51
C ALA G 155 14.16 23.21 -51.97
N ALA G 156 13.96 24.25 -51.17
CA ALA G 156 13.00 25.30 -51.49
C ALA G 156 13.44 26.22 -52.64
N ARG G 157 14.74 26.27 -52.96
CA ARG G 157 15.29 27.26 -53.91
C ARG G 157 14.55 27.30 -55.25
N SER G 158 14.39 28.49 -55.77
CA SER G 158 13.69 28.77 -57.04
C SER G 158 14.41 28.09 -58.23
N GLY G 159 13.65 27.49 -59.13
CA GLY G 159 14.16 26.71 -60.26
C GLY G 159 14.56 25.26 -59.92
N SER G 160 14.37 24.79 -58.69
CA SER G 160 14.65 23.40 -58.31
C SER G 160 13.75 22.38 -59.05
N PRO G 161 14.26 21.20 -59.41
CA PRO G 161 13.43 20.08 -59.85
C PRO G 161 12.56 19.56 -58.71
N GLU G 162 11.43 18.95 -59.05
CA GLU G 162 10.49 18.39 -58.08
C GLU G 162 11.07 17.19 -57.34
N GLU G 163 12.02 16.47 -57.93
CA GLU G 163 12.70 15.36 -57.28
C GLU G 163 13.33 15.78 -55.95
N LYS G 164 14.01 16.95 -55.91
CA LYS G 164 14.59 17.45 -54.67
C LYS G 164 13.52 17.73 -53.61
N LEU G 165 12.40 18.33 -54.01
CA LEU G 165 11.26 18.56 -53.11
C LEU G 165 10.69 17.22 -52.61
N GLU G 166 10.51 16.24 -53.49
CA GLU G 166 10.02 14.93 -53.09
C GLU G 166 10.97 14.28 -52.10
N ILE G 167 12.27 14.32 -52.36
CA ILE G 167 13.29 13.78 -51.46
C ILE G 167 13.19 14.46 -50.09
N ALA G 168 13.17 15.79 -50.07
CA ALA G 168 13.09 16.52 -48.82
C ALA G 168 11.83 16.14 -48.07
N LYS G 169 10.68 16.11 -48.75
CA LYS G 169 9.40 15.76 -48.14
C LYS G 169 9.47 14.34 -47.55
N LYS G 170 10.00 13.38 -48.30
CA LYS G 170 10.15 12.01 -47.80
C LYS G 170 10.99 12.01 -46.53
N ALA G 171 12.14 12.67 -46.54
CA ALA G 171 13.04 12.69 -45.39
C ALA G 171 12.42 13.41 -44.18
N LEU G 172 11.82 14.57 -44.36
CA LEU G 172 11.22 15.29 -43.25
C LEU G 172 10.03 14.52 -42.68
N GLU G 173 9.23 13.84 -43.51
CA GLU G 173 8.20 12.93 -43.02
C GLU G 173 8.82 11.79 -42.22
N LEU G 174 9.90 11.18 -42.72
CA LEU G 174 10.60 10.13 -42.01
C LEU G 174 11.09 10.62 -40.65
N ALA G 175 11.62 11.84 -40.57
CA ALA G 175 12.07 12.42 -39.32
C ALA G 175 10.91 12.69 -38.34
N MET G 176 9.74 13.06 -38.85
CA MET G 176 8.53 13.23 -38.03
C MET G 176 7.96 11.88 -37.56
N LYS G 177 8.10 10.81 -38.36
CA LYS G 177 7.70 9.44 -38.00
C LYS G 177 8.63 8.81 -36.95
N SER G 178 9.94 8.96 -37.12
CA SER G 178 10.95 8.26 -36.32
C SER G 178 11.08 8.77 -34.88
N LYS G 179 11.78 8.01 -34.04
CA LYS G 179 12.27 8.43 -32.72
C LYS G 179 13.77 8.19 -32.51
N ASP G 180 14.49 7.65 -33.49
CA ASP G 180 15.90 7.25 -33.32
C ASP G 180 16.90 8.29 -33.87
N GLU G 181 17.44 9.10 -32.96
CA GLU G 181 18.19 10.32 -33.27
C GLU G 181 19.29 10.12 -34.31
N GLU G 182 20.09 9.08 -34.15
CA GLU G 182 21.20 8.81 -35.08
C GLU G 182 20.68 8.53 -36.49
N VAL G 183 19.56 7.83 -36.61
CA VAL G 183 19.01 7.51 -37.93
C VAL G 183 18.51 8.76 -38.60
N ILE G 184 17.88 9.65 -37.83
CA ILE G 184 17.41 10.93 -38.35
C ILE G 184 18.63 11.67 -38.91
N ARG G 185 19.75 11.67 -38.19
CA ARG G 185 21.00 12.28 -38.66
C ARG G 185 21.41 11.70 -40.01
N LEU G 186 21.44 10.37 -40.12
CA LEU G 186 21.89 9.70 -41.34
C LEU G 186 20.95 10.02 -42.53
N ALA G 187 19.63 10.00 -42.30
CA ALA G 187 18.68 10.33 -43.34
C ALA G 187 18.85 11.78 -43.80
N LEU G 188 18.88 12.72 -42.86
CA LEU G 188 19.00 14.13 -43.17
C LEU G 188 20.31 14.42 -43.88
N LEU G 189 21.43 13.88 -43.42
CA LEU G 189 22.72 14.09 -44.07
C LEU G 189 22.66 13.67 -45.53
N ALA G 190 22.15 12.46 -45.81
CA ALA G 190 22.02 12.00 -47.19
C ALA G 190 21.11 12.93 -48.01
N ALA G 191 20.00 13.37 -47.44
CA ALA G 191 19.11 14.31 -48.10
C ALA G 191 19.79 15.67 -48.35
N VAL G 192 20.60 16.17 -47.42
CA VAL G 192 21.33 17.43 -47.57
C VAL G 192 22.35 17.31 -48.69
N LEU G 193 23.11 16.23 -48.73
CA LEU G 193 24.06 15.97 -49.81
C LEU G 193 23.32 15.88 -51.16
N ALA G 194 22.17 15.22 -51.23
CA ALA G 194 21.35 15.18 -52.44
C ALA G 194 20.81 16.57 -52.82
N ALA G 195 20.40 17.38 -51.85
CA ALA G 195 19.89 18.71 -52.12
C ALA G 195 20.99 19.63 -52.68
N ARG G 196 22.21 19.53 -52.13
CA ARG G 196 23.37 20.32 -52.57
C ARG G 196 23.91 19.86 -53.93
N SER G 197 23.91 18.56 -54.18
CA SER G 197 24.26 17.98 -55.48
C SER G 197 23.20 18.31 -56.54
N ASP G 198 23.52 18.12 -57.81
CA ASP G 198 22.61 18.30 -58.96
C ASP G 198 22.54 17.07 -59.89
N ASP G 199 23.22 15.97 -59.56
CA ASP G 199 23.17 14.74 -60.35
C ASP G 199 21.89 13.94 -60.07
N GLU G 200 21.05 13.77 -61.09
CA GLU G 200 19.80 13.02 -60.98
C GLU G 200 20.02 11.55 -60.56
N GLU G 201 21.16 10.93 -60.85
CA GLU G 201 21.47 9.61 -60.32
C GLU G 201 21.68 9.65 -58.81
N VAL G 202 22.33 10.69 -58.29
CA VAL G 202 22.50 10.88 -56.84
C VAL G 202 21.13 11.11 -56.20
N LEU G 203 20.28 11.94 -56.81
CA LEU G 203 18.90 12.11 -56.35
C LEU G 203 18.18 10.75 -56.30
N LYS G 204 18.20 9.99 -57.40
CA LYS G 204 17.56 8.68 -57.52
C LYS G 204 18.05 7.72 -56.43
N LYS G 205 19.38 7.60 -56.28
CA LYS G 205 20.02 6.76 -55.27
C LYS G 205 19.58 7.16 -53.87
N VAL G 206 19.65 8.43 -53.52
CA VAL G 206 19.26 8.87 -52.18
C VAL G 206 17.77 8.63 -51.95
N LYS G 207 16.93 8.79 -52.97
CA LYS G 207 15.48 8.53 -52.84
C LYS G 207 15.18 7.05 -52.59
N GLU G 208 15.85 6.16 -53.30
CA GLU G 208 15.76 4.72 -53.03
C GLU G 208 16.29 4.39 -51.63
N ALA G 209 17.40 5.01 -51.21
CA ALA G 209 17.95 4.80 -49.89
C ALA G 209 16.98 5.26 -48.80
N LEU G 210 16.43 6.47 -48.91
CA LEU G 210 15.43 6.99 -47.97
C LEU G 210 14.19 6.10 -47.96
N GLU G 211 13.77 5.61 -49.13
CA GLU G 211 12.68 4.63 -49.14
C GLU G 211 13.07 3.37 -48.37
N LYS G 212 14.24 2.78 -48.58
CA LYS G 212 14.62 1.58 -47.84
C LYS G 212 14.78 1.88 -46.34
N MET G 213 15.30 3.05 -45.96
CA MET G 213 15.24 3.49 -44.57
C MET G 213 13.79 3.48 -44.06
N GLU G 214 12.86 4.01 -44.84
CA GLU G 214 11.43 4.01 -44.49
C GLU G 214 10.89 2.59 -44.36
N ARG G 215 11.17 1.70 -45.32
CA ARG G 215 10.77 0.28 -45.22
C ARG G 215 11.31 -0.32 -43.92
N ILE G 216 12.56 0.00 -43.60
CA ILE G 216 13.23 -0.46 -42.40
C ILE G 216 12.51 0.07 -41.15
N MET G 217 12.18 1.36 -41.08
CA MET G 217 11.43 1.88 -39.95
C MET G 217 10.04 1.25 -39.85
N ASP G 218 9.36 1.08 -40.97
CA ASP G 218 8.01 0.51 -41.02
C ASP G 218 8.01 -0.92 -40.46
N LEU G 219 8.95 -1.75 -40.91
CA LEU G 219 9.09 -3.09 -40.38
C LEU G 219 9.45 -3.06 -38.90
N GLU G 220 10.28 -2.12 -38.45
CA GLU G 220 10.59 -2.00 -37.03
C GLU G 220 9.32 -1.68 -36.21
N ASP G 221 8.48 -0.77 -36.70
CA ASP G 221 7.18 -0.52 -36.06
C ASP G 221 6.33 -1.79 -36.02
N VAL G 222 6.25 -2.55 -37.12
CA VAL G 222 5.50 -3.82 -37.15
C VAL G 222 6.05 -4.79 -36.11
N ALA G 223 7.36 -5.02 -36.11
CA ALA G 223 7.98 -5.96 -35.19
C ALA G 223 7.81 -5.52 -33.73
N ARG G 224 8.05 -4.24 -33.44
CA ARG G 224 8.03 -3.69 -32.08
C ARG G 224 6.63 -3.74 -31.49
N GLU G 225 5.63 -3.28 -32.24
CA GLU G 225 4.26 -3.19 -31.73
C GLU G 225 3.54 -4.54 -31.74
N LYS G 226 3.90 -5.47 -32.63
CA LYS G 226 3.33 -6.83 -32.70
C LYS G 226 4.25 -7.90 -32.11
N SER G 227 5.13 -7.53 -31.18
CA SER G 227 6.16 -8.43 -30.64
C SER G 227 5.59 -9.73 -30.06
N GLY G 228 6.35 -10.82 -30.16
CA GLY G 228 5.93 -12.18 -29.78
C GLY G 228 5.07 -12.90 -30.83
N SER G 229 4.56 -12.19 -31.85
CA SER G 229 3.80 -12.81 -32.94
C SER G 229 4.70 -13.51 -33.98
N ALA G 230 4.10 -14.46 -34.71
CA ALA G 230 4.70 -15.05 -35.90
C ALA G 230 4.93 -14.00 -37.00
N GLU G 231 4.08 -12.99 -37.10
CA GLU G 231 4.26 -11.89 -38.06
C GLU G 231 5.50 -11.07 -37.73
N ALA G 232 5.71 -10.70 -36.46
CA ALA G 232 6.96 -10.05 -36.03
C ALA G 232 8.17 -10.98 -36.25
N SER G 233 8.01 -12.27 -35.96
CA SER G 233 9.07 -13.26 -36.20
C SER G 233 9.43 -13.38 -37.70
N GLN G 234 8.46 -13.24 -38.60
CA GLN G 234 8.71 -13.10 -40.03
C GLN G 234 9.38 -11.76 -40.34
N ALA G 235 8.88 -10.66 -39.77
CA ALA G 235 9.41 -9.32 -40.04
C ALA G 235 10.91 -9.19 -39.71
N VAL G 236 11.43 -9.91 -38.71
CA VAL G 236 12.89 -9.95 -38.45
C VAL G 236 13.64 -10.35 -39.72
N LYS G 237 13.18 -11.41 -40.38
CA LYS G 237 13.79 -11.94 -41.60
C LYS G 237 13.76 -10.88 -42.71
N GLU G 238 12.64 -10.17 -42.83
CA GLU G 238 12.52 -9.09 -43.81
C GLU G 238 13.54 -7.98 -43.51
N ILE G 239 13.67 -7.56 -42.25
CA ILE G 239 14.61 -6.50 -41.89
C ILE G 239 16.02 -6.94 -42.24
N ALA G 240 16.37 -8.16 -41.84
CA ALA G 240 17.67 -8.71 -42.16
C ALA G 240 17.91 -8.79 -43.67
N ASP G 241 16.94 -9.27 -44.44
CA ASP G 241 17.11 -9.39 -45.89
C ASP G 241 17.23 -8.02 -46.55
N ILE G 242 16.52 -7.00 -46.06
CA ILE G 242 16.71 -5.65 -46.56
C ILE G 242 18.09 -5.12 -46.14
N ALA G 243 18.60 -5.48 -44.97
CA ALA G 243 19.99 -5.18 -44.64
C ALA G 243 20.95 -5.84 -45.62
N GLU G 244 20.67 -7.08 -46.03
CA GLU G 244 21.45 -7.76 -47.06
C GLU G 244 21.32 -7.06 -48.41
N GLU G 245 20.12 -6.61 -48.82
CA GLU G 245 20.00 -5.75 -49.99
C GLU G 245 20.89 -4.52 -49.85
N ALA G 246 20.87 -3.85 -48.69
CA ALA G 246 21.67 -2.65 -48.49
C ALA G 246 23.17 -2.95 -48.66
N LEU G 247 23.64 -4.09 -48.17
CA LEU G 247 25.04 -4.48 -48.35
C LEU G 247 25.34 -4.88 -49.81
N ARG G 248 24.45 -5.62 -50.47
CA ARG G 248 24.60 -6.00 -51.88
C ARG G 248 24.63 -4.78 -52.80
N GLU G 249 23.84 -3.76 -52.48
CA GLU G 249 23.82 -2.47 -53.18
C GLU G 249 24.95 -1.54 -52.72
N GLY G 250 25.63 -1.84 -51.61
CA GLY G 250 26.69 -1.00 -51.04
C GLY G 250 26.22 0.35 -50.48
N LEU G 251 24.94 0.49 -50.12
CA LEU G 251 24.35 1.74 -49.62
C LEU G 251 24.69 1.96 -48.13
N CYS G 252 25.91 2.41 -47.89
CA CYS G 252 26.59 2.22 -46.61
C CYS G 252 25.84 2.76 -45.38
N GLU G 253 25.31 3.98 -45.41
CA GLU G 253 24.65 4.54 -44.23
C GLU G 253 23.43 3.72 -43.84
N VAL G 254 22.56 3.37 -44.79
CA VAL G 254 21.35 2.61 -44.45
C VAL G 254 21.69 1.22 -43.92
N ALA G 255 22.79 0.61 -44.38
CA ALA G 255 23.21 -0.65 -43.80
C ALA G 255 23.46 -0.49 -42.30
N ARG G 256 24.15 0.58 -41.91
CA ARG G 256 24.38 0.90 -40.49
C ARG G 256 23.05 1.07 -39.76
N VAL G 257 22.10 1.77 -40.40
CA VAL G 257 20.75 1.92 -39.84
C VAL G 257 20.15 0.56 -39.55
N ALA G 258 20.17 -0.33 -40.53
CA ALA G 258 19.48 -1.61 -40.41
C ALA G 258 20.03 -2.44 -39.23
N LEU G 259 21.33 -2.42 -39.02
CA LEU G 259 21.92 -3.10 -37.86
C LEU G 259 21.30 -2.58 -36.57
N LYS G 260 21.30 -1.25 -36.40
CA LYS G 260 20.85 -0.61 -35.16
C LYS G 260 19.39 -0.93 -34.87
N ARG G 261 18.58 -1.08 -35.92
CA ARG G 261 17.15 -1.44 -35.81
C ARG G 261 16.99 -2.84 -35.21
N LEU G 262 17.72 -3.82 -35.73
CA LEU G 262 17.69 -5.17 -35.15
C LEU G 262 18.20 -5.13 -33.71
N PHE G 263 19.28 -4.39 -33.47
CA PHE G 263 19.83 -4.27 -32.13
C PHE G 263 18.81 -3.72 -31.14
N LYS G 264 18.09 -2.65 -31.52
CA LYS G 264 17.04 -2.09 -30.67
C LYS G 264 15.99 -3.16 -30.35
N LEU G 265 15.48 -3.85 -31.37
CA LEU G 265 14.46 -4.89 -31.16
C LEU G 265 14.98 -5.95 -30.19
N ALA G 266 16.20 -6.42 -30.38
CA ALA G 266 16.78 -7.43 -29.51
C ALA G 266 16.90 -6.92 -28.08
N LYS G 267 17.42 -5.70 -27.89
CA LYS G 267 17.58 -5.08 -26.56
C LYS G 267 16.24 -4.87 -25.86
N ASP G 268 15.20 -4.52 -26.60
CA ASP G 268 13.86 -4.28 -26.06
C ASP G 268 13.10 -5.56 -25.67
N TYR G 269 13.40 -6.69 -26.31
CA TYR G 269 12.72 -7.97 -26.07
C TYR G 269 13.70 -9.12 -25.78
N PRO G 270 14.47 -9.05 -24.67
CA PRO G 270 15.54 -10.00 -24.37
C PRO G 270 15.02 -11.41 -24.10
N GLY G 271 15.83 -12.42 -24.41
CA GLY G 271 15.53 -13.84 -24.25
C GLY G 271 14.46 -14.39 -25.21
N SER G 272 13.78 -13.55 -25.98
CA SER G 272 12.68 -13.95 -26.85
C SER G 272 13.15 -14.74 -28.07
N ASP G 273 12.22 -15.45 -28.71
CA ASP G 273 12.45 -16.04 -30.04
C ASP G 273 12.81 -14.95 -31.06
N VAL G 274 12.14 -13.79 -31.00
CA VAL G 274 12.41 -12.64 -31.88
C VAL G 274 13.87 -12.21 -31.75
N ALA G 275 14.35 -12.03 -30.53
CA ALA G 275 15.75 -11.69 -30.26
C ALA G 275 16.70 -12.81 -30.68
N SER G 276 16.29 -14.07 -30.51
CA SER G 276 17.08 -15.23 -30.92
C SER G 276 17.26 -15.25 -32.45
N LEU G 277 16.23 -14.87 -33.21
CA LEU G 277 16.34 -14.68 -34.65
C LEU G 277 17.25 -13.49 -34.96
N ALA G 278 17.06 -12.37 -34.25
CA ALA G 278 17.82 -11.15 -34.50
C ALA G 278 19.33 -11.37 -34.32
N LYS G 279 19.80 -12.05 -33.27
CA LYS G 279 21.23 -12.29 -33.09
C LYS G 279 21.81 -13.07 -34.27
N LYS G 280 21.15 -14.17 -34.68
CA LYS G 280 21.55 -14.95 -35.86
C LYS G 280 21.57 -14.09 -37.12
N ALA G 281 20.57 -13.23 -37.28
CA ALA G 281 20.57 -12.27 -38.37
C ALA G 281 21.79 -11.34 -38.30
N LEU G 282 22.12 -10.79 -37.14
CA LEU G 282 23.26 -9.89 -37.02
C LEU G 282 24.56 -10.60 -37.40
N GLU G 283 24.73 -11.87 -37.05
CA GLU G 283 25.88 -12.66 -37.52
C GLU G 283 25.87 -12.80 -39.05
N LYS G 284 24.72 -13.15 -39.65
CA LYS G 284 24.55 -13.23 -41.10
C LYS G 284 24.93 -11.92 -41.78
N ILE G 285 24.45 -10.81 -41.23
CA ILE G 285 24.73 -9.48 -41.78
C ILE G 285 26.20 -9.14 -41.60
N ALA G 286 26.78 -9.43 -40.43
CA ALA G 286 28.20 -9.24 -40.20
C ALA G 286 29.03 -10.03 -41.22
N GLU G 287 28.75 -11.31 -41.42
CA GLU G 287 29.44 -12.13 -42.42
C GLU G 287 29.28 -11.53 -43.81
N THR G 288 28.07 -11.12 -44.16
CA THR G 288 27.79 -10.45 -45.43
C THR G 288 28.63 -9.16 -45.56
N ALA G 289 28.78 -8.39 -44.49
CA ALA G 289 29.53 -7.14 -44.49
C ALA G 289 31.05 -7.40 -44.59
N LEU G 290 31.55 -8.47 -43.95
CA LEU G 290 32.93 -8.91 -44.09
C LEU G 290 33.24 -9.37 -45.52
N ARG G 291 32.36 -10.19 -46.11
CA ARG G 291 32.52 -10.66 -47.51
C ARG G 291 32.50 -9.53 -48.53
N ASN G 292 31.74 -8.47 -48.28
CA ASN G 292 31.65 -7.29 -49.16
C ASN G 292 32.64 -6.17 -48.82
N GLY G 293 33.42 -6.29 -47.75
CA GLY G 293 34.46 -5.30 -47.41
C GLY G 293 33.90 -3.98 -46.87
N CYS G 294 32.72 -4.00 -46.27
CA CYS G 294 32.06 -2.82 -45.70
C CYS G 294 32.58 -2.51 -44.27
N LYS G 295 33.89 -2.24 -44.14
CA LYS G 295 34.68 -2.35 -42.89
C LYS G 295 34.06 -1.71 -41.65
N GLU G 296 33.76 -0.42 -41.67
CA GLU G 296 33.16 0.25 -40.51
C GLU G 296 31.79 -0.35 -40.14
N THR G 297 30.97 -0.70 -41.13
CA THR G 297 29.68 -1.36 -40.91
C THR G 297 29.87 -2.76 -40.34
N ALA G 298 30.81 -3.54 -40.87
CA ALA G 298 31.11 -4.87 -40.36
C ALA G 298 31.58 -4.82 -38.90
N GLU G 299 32.48 -3.89 -38.59
CA GLU G 299 32.88 -3.67 -37.21
C GLU G 299 31.67 -3.28 -36.36
N LEU G 300 30.78 -2.41 -36.85
CA LEU G 300 29.56 -2.05 -36.11
C LEU G 300 28.69 -3.29 -35.82
N ALA G 301 28.51 -4.17 -36.80
CA ALA G 301 27.75 -5.41 -36.58
C ALA G 301 28.42 -6.27 -35.49
N LYS G 302 29.74 -6.45 -35.56
CA LYS G 302 30.49 -7.19 -34.56
C LYS G 302 30.33 -6.56 -33.18
N LEU G 303 30.41 -5.23 -33.09
CA LEU G 303 30.19 -4.51 -31.86
C LEU G 303 28.81 -4.83 -31.30
N LEU G 304 27.77 -4.65 -32.11
CA LEU G 304 26.42 -4.85 -31.62
C LEU G 304 26.21 -6.30 -31.18
N LEU G 305 26.83 -7.27 -31.86
CA LEU G 305 26.79 -8.66 -31.43
C LEU G 305 27.34 -8.80 -30.02
N PHE G 306 28.58 -8.37 -29.81
CA PHE G 306 29.22 -8.52 -28.50
C PHE G 306 28.43 -7.79 -27.43
N LEU G 307 27.87 -6.63 -27.77
CA LEU G 307 27.09 -5.82 -26.85
C LEU G 307 25.82 -6.57 -26.42
N LEU G 308 25.11 -7.19 -27.35
CA LEU G 308 23.97 -8.03 -26.97
C LEU G 308 24.40 -9.17 -26.07
N LEU G 309 25.50 -9.86 -26.38
CA LEU G 309 25.93 -11.00 -25.58
C LEU G 309 26.25 -10.56 -24.16
N ILE G 310 26.99 -9.46 -23.97
CA ILE G 310 27.22 -8.94 -22.62
C ILE G 310 25.91 -8.55 -21.95
N ILE G 311 25.03 -7.80 -22.63
CA ILE G 311 23.75 -7.41 -22.04
C ILE G 311 22.99 -8.65 -21.56
N GLU G 312 22.86 -9.68 -22.38
CA GLU G 312 22.09 -10.86 -22.00
C GLU G 312 22.76 -11.71 -20.91
N VAL G 313 24.09 -11.85 -20.87
CA VAL G 313 24.68 -12.52 -19.69
C VAL G 313 24.55 -11.65 -18.44
N VAL G 314 24.59 -10.32 -18.58
CA VAL G 314 24.34 -9.42 -17.45
C VAL G 314 22.91 -9.54 -16.94
N LEU G 315 21.91 -9.67 -17.82
CA LEU G 315 20.54 -9.95 -17.42
C LEU G 315 20.42 -11.30 -16.71
N LYS G 316 21.15 -12.33 -17.16
CA LYS G 316 21.22 -13.62 -16.47
C LYS G 316 21.88 -13.51 -15.09
N MET G 317 22.83 -12.60 -14.91
CA MET G 317 23.40 -12.26 -13.60
C MET G 317 22.43 -11.43 -12.73
N GLY G 318 21.56 -10.64 -13.35
CA GLY G 318 20.54 -9.85 -12.65
C GLY G 318 21.12 -8.67 -11.87
N VAL G 319 22.06 -7.94 -12.47
CA VAL G 319 22.83 -6.85 -11.81
C VAL G 319 22.72 -5.51 -12.52
N ARG G 320 22.89 -4.42 -11.78
CA ARG G 320 23.03 -3.05 -12.34
C ARG G 320 24.33 -2.96 -13.16
N MET G 321 24.29 -2.25 -14.28
CA MET G 321 25.47 -1.95 -15.11
C MET G 321 25.44 -0.50 -15.58
N LEU G 322 26.57 -0.02 -16.09
CA LEU G 322 26.62 1.17 -16.94
C LEU G 322 26.76 0.69 -18.38
N THR G 323 25.84 1.08 -19.26
CA THR G 323 25.88 0.76 -20.69
C THR G 323 26.14 2.04 -21.48
N HIS G 324 27.16 2.06 -22.34
CA HIS G 324 27.65 3.26 -23.00
C HIS G 324 28.13 2.93 -24.41
N ARG G 325 28.57 3.91 -25.19
CA ARG G 325 29.03 3.67 -26.57
C ARG G 325 30.05 4.69 -27.03
N GLY G 326 30.69 4.39 -28.15
CA GLY G 326 31.60 5.28 -28.86
C GLY G 326 31.80 4.80 -30.30
N GLY G 327 32.60 5.53 -31.08
CA GLY G 327 32.91 5.16 -32.45
C GLY G 327 33.92 4.02 -32.49
N ASN G 328 33.59 2.93 -33.16
CA ASN G 328 34.48 1.79 -33.39
C ASN G 328 35.05 1.10 -32.13
N ALA G 329 34.44 1.29 -30.96
CA ALA G 329 34.69 0.52 -29.75
C ALA G 329 33.41 0.46 -28.88
N VAL G 330 33.30 -0.52 -27.98
CA VAL G 330 32.16 -0.66 -27.05
C VAL G 330 32.65 -0.85 -25.63
N ILE G 331 31.96 -0.29 -24.64
CA ILE G 331 32.26 -0.43 -23.21
C ILE G 331 31.01 -0.77 -22.42
N VAL G 332 31.13 -1.68 -21.45
CA VAL G 332 30.12 -1.97 -20.45
C VAL G 332 30.81 -2.10 -19.09
N VAL G 333 30.18 -1.61 -18.02
CA VAL G 333 30.73 -1.62 -16.65
C VAL G 333 29.75 -2.27 -15.70
N ILE G 334 30.21 -3.18 -14.85
CA ILE G 334 29.40 -3.90 -13.86
C ILE G 334 29.85 -3.50 -12.44
N GLU G 335 28.94 -3.42 -11.49
CA GLU G 335 29.23 -3.04 -10.10
C GLU G 335 28.53 -3.96 -9.09
N GLY G 336 29.23 -4.34 -8.03
CA GLY G 336 28.72 -5.23 -6.97
C GLY G 336 28.64 -6.71 -7.33
N LEU G 337 29.30 -7.14 -8.41
CA LEU G 337 29.18 -8.49 -8.99
C LEU G 337 29.66 -9.59 -8.01
N HIS G 338 28.89 -10.67 -7.84
CA HIS G 338 29.26 -11.78 -6.93
C HIS G 338 30.54 -12.48 -7.42
N PRO G 339 31.46 -12.93 -6.55
CA PRO G 339 32.68 -13.60 -6.98
C PRO G 339 32.47 -14.73 -7.99
N SER G 340 31.44 -15.55 -7.78
CA SER G 340 31.08 -16.62 -8.73
C SER G 340 30.59 -16.08 -10.07
N GLN G 341 29.94 -14.92 -10.08
CA GLN G 341 29.54 -14.23 -11.30
C GLN G 341 30.73 -13.55 -11.97
N ILE G 342 31.73 -13.07 -11.22
CA ILE G 342 33.00 -12.61 -11.81
C ILE G 342 33.64 -13.75 -12.56
N VAL G 343 33.77 -14.92 -11.91
CA VAL G 343 34.26 -16.15 -12.53
C VAL G 343 33.42 -16.53 -13.77
N GLN G 344 32.10 -16.47 -13.68
CA GLN G 344 31.23 -16.79 -14.83
C GLN G 344 31.41 -15.79 -15.98
N LEU G 345 31.46 -14.49 -15.71
CA LEU G 345 31.70 -13.49 -16.73
C LEU G 345 33.05 -13.75 -17.41
N MET G 346 34.06 -14.07 -16.61
CA MET G 346 35.39 -14.48 -17.05
C MET G 346 35.39 -15.80 -17.84
N GLN G 347 34.31 -16.58 -17.80
CA GLN G 347 34.06 -17.62 -18.81
C GLN G 347 33.36 -17.00 -20.03
N ASP G 348 32.22 -16.36 -19.81
CA ASP G 348 31.31 -15.94 -20.88
C ASP G 348 31.95 -14.98 -21.85
N VAL G 349 32.67 -13.96 -21.38
CA VAL G 349 33.30 -12.99 -22.30
C VAL G 349 34.26 -13.70 -23.23
N ILE G 350 35.03 -14.62 -22.68
CA ILE G 350 36.02 -15.38 -23.44
C ILE G 350 35.30 -16.32 -24.40
N LYS G 351 34.21 -16.97 -23.95
CA LYS G 351 33.36 -17.82 -24.80
C LYS G 351 32.76 -17.04 -25.96
N ALA G 352 32.37 -15.79 -25.74
CA ALA G 352 31.88 -14.92 -26.81
C ALA G 352 33.01 -14.57 -27.79
N ALA G 353 34.16 -14.18 -27.24
CA ALA G 353 35.29 -13.76 -28.05
C ALA G 353 35.76 -14.88 -28.96
N LYS G 354 35.73 -16.13 -28.48
CA LYS G 354 36.18 -17.31 -29.22
C LYS G 354 35.47 -17.49 -30.56
N LYS G 355 34.20 -17.06 -30.67
CA LYS G 355 33.48 -17.01 -31.94
C LYS G 355 33.63 -15.67 -32.67
N LEU G 356 33.47 -14.55 -31.96
CA LEU G 356 33.38 -13.23 -32.61
C LEU G 356 34.71 -12.68 -33.16
N GLY G 357 35.85 -13.09 -32.59
CA GLY G 357 37.19 -12.75 -33.09
C GLY G 357 37.70 -11.34 -32.74
N VAL G 358 37.09 -10.68 -31.77
CA VAL G 358 37.40 -9.31 -31.37
C VAL G 358 38.79 -9.15 -30.75
N THR G 359 39.26 -7.91 -30.58
CA THR G 359 40.23 -7.58 -29.54
C THR G 359 39.46 -7.12 -28.30
N VAL G 360 39.69 -7.74 -27.13
CA VAL G 360 38.90 -7.48 -25.92
C VAL G 360 39.79 -7.28 -24.72
N THR G 361 39.34 -6.44 -23.80
CA THR G 361 40.01 -6.24 -22.51
C THR G 361 38.98 -6.20 -21.39
N ILE G 362 39.28 -6.79 -20.24
CA ILE G 362 38.44 -6.77 -19.05
C ILE G 362 39.29 -6.41 -17.83
N THR G 363 38.77 -5.56 -16.95
CA THR G 363 39.50 -5.04 -15.78
C THR G 363 38.64 -5.12 -14.53
N VAL G 364 39.18 -5.64 -13.45
CA VAL G 364 38.49 -5.79 -12.17
C VAL G 364 39.20 -4.93 -11.13
N SER G 365 38.44 -4.08 -10.47
CA SER G 365 38.93 -3.23 -9.37
C SER G 365 37.88 -3.16 -8.26
N GLY G 366 38.27 -3.34 -6.99
CA GLY G 366 37.32 -3.40 -5.90
C GLY G 366 36.23 -4.44 -6.14
N ASP G 367 34.99 -3.97 -6.32
CA ASP G 367 33.83 -4.75 -6.76
C ASP G 367 33.20 -4.19 -8.05
N ILE G 368 34.01 -3.57 -8.91
CA ILE G 368 33.64 -3.08 -10.23
C ILE G 368 34.43 -3.84 -11.30
N VAL G 369 33.74 -4.15 -12.40
CA VAL G 369 34.33 -4.71 -13.61
C VAL G 369 34.12 -3.74 -14.77
N VAL G 370 35.18 -3.36 -15.46
CA VAL G 370 35.11 -2.55 -16.68
C VAL G 370 35.48 -3.45 -17.85
N ILE G 371 34.63 -3.52 -18.88
CA ILE G 371 34.92 -4.24 -20.12
C ILE G 371 35.04 -3.23 -21.26
N MET G 372 36.03 -3.40 -22.13
CA MET G 372 36.14 -2.65 -23.39
C MET G 372 36.45 -3.60 -24.55
N VAL G 373 35.87 -3.34 -25.71
CA VAL G 373 36.10 -4.09 -26.95
C VAL G 373 36.37 -3.13 -28.10
N VAL G 374 37.27 -3.51 -29.00
CA VAL G 374 37.73 -2.69 -30.13
C VAL G 374 38.11 -3.60 -31.30
N VAL G 375 38.03 -3.12 -32.53
CA VAL G 375 38.30 -3.89 -33.75
C VAL G 375 38.80 -3.00 -34.87
N GLY G 376 39.56 -3.55 -35.82
CA GLY G 376 40.09 -2.83 -36.99
C GLY G 376 41.20 -1.80 -36.70
N ALA G 377 41.34 -1.35 -35.45
CA ALA G 377 42.39 -0.46 -34.97
C ALA G 377 43.78 -1.09 -35.11
N SER G 378 44.80 -0.27 -35.38
CA SER G 378 46.20 -0.71 -35.35
C SER G 378 46.62 -1.03 -33.92
N ASP G 379 47.68 -1.83 -33.73
CA ASP G 379 48.02 -2.30 -32.39
C ASP G 379 48.44 -1.19 -31.42
N GLU G 380 48.97 -0.08 -31.92
CA GLU G 380 49.27 1.11 -31.09
C GLU G 380 47.98 1.80 -30.61
N GLU G 381 46.96 1.90 -31.46
CA GLU G 381 45.64 2.38 -31.08
C GLU G 381 44.96 1.40 -30.09
N GLN G 382 45.14 0.09 -30.28
CA GLN G 382 44.72 -0.91 -29.31
C GLN G 382 45.44 -0.74 -27.96
N GLU G 383 46.74 -0.47 -27.95
CA GLU G 383 47.49 -0.20 -26.71
C GLU G 383 47.02 1.09 -26.03
N GLU G 384 46.74 2.15 -26.78
CA GLU G 384 46.11 3.33 -26.20
C GLU G 384 44.70 3.03 -25.68
N ALA G 385 43.90 2.20 -26.35
CA ALA G 385 42.65 1.73 -25.78
C ALA G 385 42.90 0.94 -24.48
N ARG G 386 43.95 0.12 -24.42
CA ARG G 386 44.31 -0.62 -23.21
C ARG G 386 44.66 0.33 -22.07
N ARG G 387 45.41 1.40 -22.35
CA ARG G 387 45.62 2.47 -21.39
C ARG G 387 44.28 3.06 -20.97
N LEU G 388 43.44 3.44 -21.92
CA LEU G 388 42.19 4.11 -21.64
C LEU G 388 41.29 3.25 -20.75
N VAL G 389 41.08 1.96 -21.05
CA VAL G 389 40.21 1.14 -20.19
C VAL G 389 40.77 1.04 -18.78
N GLN G 390 42.08 0.94 -18.62
CA GLN G 390 42.68 0.90 -17.30
C GLN G 390 42.48 2.23 -16.58
N GLU G 391 42.68 3.35 -17.26
CA GLU G 391 42.39 4.67 -16.70
C GLU G 391 40.90 4.88 -16.43
N ILE G 392 40.01 4.27 -17.21
CA ILE G 392 38.57 4.29 -16.98
C ILE G 392 38.26 3.50 -15.71
N ALA G 393 38.91 2.38 -15.49
CA ALA G 393 38.79 1.66 -14.23
C ALA G 393 39.33 2.50 -13.08
N ARG G 394 40.50 3.13 -13.21
CA ARG G 394 41.05 4.04 -12.19
C ARG G 394 40.06 5.15 -11.83
N ALA G 395 39.53 5.83 -12.83
CA ALA G 395 38.54 6.88 -12.64
C ALA G 395 37.27 6.35 -11.98
N LEU G 396 36.71 5.23 -12.44
CA LEU G 396 35.48 4.67 -11.89
C LEU G 396 35.67 4.16 -10.47
N GLN G 397 36.80 3.53 -10.18
CA GLN G 397 37.17 3.15 -8.82
C GLN G 397 37.23 4.40 -7.94
N GLU G 398 37.98 5.42 -8.35
CA GLU G 398 38.07 6.67 -7.60
C GLU G 398 36.70 7.32 -7.43
N ALA G 399 35.80 7.22 -8.42
CA ALA G 399 34.44 7.73 -8.30
C ALA G 399 33.60 6.93 -7.28
N LYS G 400 33.68 5.59 -7.26
CA LYS G 400 33.05 4.83 -6.16
C LYS G 400 33.72 5.11 -4.82
N ARG G 401 35.02 5.40 -4.79
CA ARG G 401 35.75 5.84 -3.58
C ARG G 401 35.27 7.21 -3.08
N LYS G 402 34.96 8.13 -4.00
CA LYS G 402 34.22 9.37 -3.73
C LYS G 402 32.73 9.15 -3.41
N GLY G 403 32.23 7.91 -3.49
CA GLY G 403 30.84 7.55 -3.19
C GLY G 403 29.83 7.91 -4.29
N ALA G 404 30.27 8.12 -5.53
CA ALA G 404 29.40 8.57 -6.62
C ALA G 404 28.31 7.54 -6.97
N ASN G 405 27.08 8.02 -7.15
CA ASN G 405 25.98 7.22 -7.69
C ASN G 405 26.07 7.09 -9.23
N GLU G 406 25.35 6.13 -9.80
CA GLU G 406 25.54 5.74 -11.19
C GLU G 406 25.31 6.86 -12.20
N GLU G 407 24.40 7.80 -11.93
CA GLU G 407 24.17 8.96 -12.81
C GLU G 407 25.46 9.75 -13.06
N GLN G 408 26.22 9.99 -12.00
CA GLN G 408 27.52 10.64 -12.07
C GLN G 408 28.55 9.74 -12.76
N LEU G 409 28.45 8.42 -12.60
CA LEU G 409 29.33 7.51 -13.35
C LEU G 409 29.02 7.56 -14.85
N GLU G 410 27.75 7.57 -15.25
CA GLU G 410 27.36 7.65 -16.67
C GLU G 410 27.80 8.98 -17.28
N GLN G 411 27.72 10.07 -16.50
CA GLN G 411 28.32 11.35 -16.86
C GLN G 411 29.86 11.26 -16.94
N LEU G 412 30.50 10.62 -15.98
CA LEU G 412 31.95 10.43 -16.00
C LEU G 412 32.38 9.64 -17.23
N LEU G 413 31.60 8.67 -17.67
CA LEU G 413 31.86 7.96 -18.92
C LEU G 413 31.72 8.87 -20.14
N ARG G 414 30.80 9.84 -20.16
CA ARG G 414 30.81 10.89 -21.20
C ARG G 414 32.09 11.73 -21.13
N GLU G 415 32.48 12.18 -19.95
CA GLU G 415 33.66 13.03 -19.77
C GLU G 415 34.97 12.29 -20.08
N LEU G 416 35.02 10.99 -19.77
CA LEU G 416 36.07 10.08 -20.19
C LEU G 416 36.04 9.82 -21.70
N LEU G 417 34.86 9.68 -22.32
CA LEU G 417 34.77 9.54 -23.77
C LEU G 417 35.29 10.78 -24.49
N GLU G 418 34.93 11.96 -24.01
CA GLU G 418 35.47 13.21 -24.52
C GLU G 418 36.98 13.31 -24.31
N ARG G 419 37.49 12.94 -23.12
CA ARG G 419 38.94 12.87 -22.89
C ARG G 419 39.63 11.94 -23.90
N ALA G 420 39.06 10.78 -24.18
CA ALA G 420 39.61 9.84 -25.14
C ALA G 420 39.66 10.41 -26.57
N GLU G 421 38.68 11.23 -26.97
CA GLU G 421 38.74 11.97 -28.23
C GLU G 421 39.81 13.09 -28.19
N ARG G 422 39.92 13.82 -27.08
CA ARG G 422 40.86 14.95 -26.94
C ARG G 422 42.32 14.55 -26.72
N GLU G 423 42.59 13.35 -26.22
CA GLU G 423 43.92 12.74 -26.23
C GLU G 423 44.30 12.06 -27.57
N GLY G 424 43.39 12.05 -28.56
CA GLY G 424 43.62 11.48 -29.91
C GLY G 424 44.58 12.27 -30.78
N GLU H 1 4.22 26.03 -61.35
CA GLU H 1 4.41 26.82 -60.10
C GLU H 1 3.66 26.24 -58.89
N GLU H 2 2.32 26.21 -58.91
CA GLU H 2 1.48 26.02 -57.71
C GLU H 2 1.83 24.78 -56.86
N ARG H 3 1.99 23.61 -57.49
CA ARG H 3 2.36 22.36 -56.79
C ARG H 3 3.69 22.49 -56.05
N LYS H 4 4.69 23.15 -56.63
CA LYS H 4 5.96 23.45 -55.96
C LYS H 4 5.75 24.42 -54.80
N LYS H 5 4.93 25.47 -54.97
CA LYS H 5 4.63 26.40 -53.86
C LYS H 5 3.95 25.68 -52.69
N GLU H 6 3.02 24.78 -52.97
CA GLU H 6 2.41 23.92 -51.94
C GLU H 6 3.45 23.01 -51.28
N LEU H 7 4.23 22.26 -52.07
CA LEU H 7 5.27 21.38 -51.54
C LEU H 7 6.24 22.16 -50.66
N ALA H 8 6.66 23.36 -51.06
CA ALA H 8 7.53 24.20 -50.26
C ALA H 8 6.88 24.57 -48.93
N LYS H 9 5.61 24.99 -48.92
CA LYS H 9 4.89 25.25 -47.67
C LYS H 9 4.81 24.00 -46.80
N GLU H 10 4.53 22.83 -47.38
CA GLU H 10 4.53 21.58 -46.63
C GLU H 10 5.92 21.24 -46.08
N VAL H 11 6.99 21.44 -46.85
CA VAL H 11 8.35 21.29 -46.35
C VAL H 11 8.59 22.22 -45.18
N ILE H 12 8.29 23.52 -45.33
CA ILE H 12 8.55 24.53 -44.33
C ILE H 12 7.81 24.22 -43.03
N GLU H 13 6.52 23.91 -43.13
CA GLU H 13 5.70 23.51 -41.99
C GLU H 13 6.23 22.23 -41.34
N THR H 14 6.65 21.25 -42.14
CA THR H 14 7.22 20.04 -41.57
C THR H 14 8.53 20.36 -40.88
N ALA H 15 9.33 21.27 -41.42
CA ALA H 15 10.57 21.70 -40.79
C ALA H 15 10.27 22.40 -39.47
N LYS H 16 9.26 23.29 -39.43
CA LYS H 16 8.79 23.94 -38.21
C LYS H 16 8.44 22.89 -37.14
N LYS H 17 7.62 21.91 -37.53
CA LYS H 17 7.23 20.79 -36.68
C LYS H 17 8.44 20.01 -36.20
N LEU H 18 9.38 19.68 -37.08
CA LEU H 18 10.61 18.97 -36.73
C LEU H 18 11.47 19.78 -35.77
N ILE H 19 11.57 21.09 -35.96
CA ILE H 19 12.33 21.97 -35.08
C ILE H 19 11.73 21.90 -33.68
N GLU H 20 10.42 22.00 -33.57
CA GLU H 20 9.75 21.83 -32.28
C GLU H 20 10.00 20.43 -31.69
N LYS H 21 9.86 19.39 -32.51
CA LYS H 21 10.05 17.98 -32.11
C LYS H 21 11.46 17.71 -31.62
N LEU H 22 12.47 18.33 -32.24
CA LEU H 22 13.86 18.27 -31.77
C LEU H 22 14.03 19.05 -30.45
N ALA H 23 13.52 20.29 -30.39
CA ALA H 23 13.70 21.14 -29.22
C ALA H 23 12.99 20.60 -27.96
N LYS H 24 11.82 19.97 -28.14
CA LYS H 24 10.93 19.56 -27.04
C LYS H 24 11.59 18.61 -26.03
N GLU H 25 12.52 17.78 -26.48
CA GLU H 25 13.17 16.75 -25.65
C GLU H 25 14.35 17.27 -24.80
N GLU H 26 14.75 18.55 -24.94
CA GLU H 26 15.86 19.17 -24.21
C GLU H 26 15.56 19.51 -22.74
#